data_8CI5
#
_entry.id   8CI5
#
_cell.length_a   1.00
_cell.length_b   1.00
_cell.length_c   1.00
_cell.angle_alpha   90.00
_cell.angle_beta   90.00
_cell.angle_gamma   90.00
#
_symmetry.space_group_name_H-M   'P 1'
#
loop_
_entity.id
_entity.type
_entity.pdbx_description
1 polymer 'RNA-directed RNA polymerase L'
2 polymer "RNA (5'-R(P*AP*GP*UP*AP*GP*UP*AP*GP*AP*CP*U)-3')"
#
loop_
_entity_poly.entity_id
_entity_poly.type
_entity_poly.pdbx_seq_one_letter_code
_entity_poly.pdbx_strand_id
1 'polypeptide(L)'
;MEKYREIHQRVKEIPPGGASALECLDLLDRLYAVRHDVVDQMIKHDWSDNKDMERPIGQVLLMAGVPNDIIQGMEKKVIP
TSPSGQILKSFFRMTPDNYKITGALIEFIEVTVTADVAKGIREAKLKYESGLQFIESLLSQEHKKGNINQVYKITFDVVA
VKTDGSNISTQWPSRRNDGVVQHMRLVQADINYVREHLIKPDERASLEAMFNLKFHVGGPKLRYFNIPDYKPQSLCQPEI
TNLIQYCKHWLTEDHDFVFKEVTGNNVMSSFENNEDVYMSRYKESRKPRNFLLIQGSIQGPYLPSTISSDQCDTRIGCLE
VLKVHPETPVQAIAVDMAYKYMELNRDEIINYYNPRVHFQATQSVKEPGTFKLGLSQLNPMSKSILDQVGKHKSEKGLFG
EPLESINISSQIQQNECSRIIESILSNLEINVGEVTMNLANPRKTTGVDELLGKFYENELSKYLISILRKTAAWHIGHLI
RDITESLIAHAGLKRSKYWSIHAYDHGGVILFILPSKSLEVVGSYIRYFTVFKDGIGLIDEENLDSKVDIDGVQWCFSKV
MSIDLNRLLALNIAFEKALLATATWFQYYTEDQGHFPLQHALRSVFSFHFLLCVSQKMKICAIFDNLRYLIPAVTSLYSG
YELLIEKFFERPFKSALEVYLYNIIKALLISLAQNNKVRFYSKVRLLGLTVDHSTVGASGVYPSLMSRVVYKHYRSLISE
ATTCFFLFEKGLHGNLNEEAKIHLETVEWARKFEAKERKYGDILMREGYTIDAIRVGDVQVEQQLFCQEVVELSAEELNK
YLQAKSQVLSSNIMNKHWDKPYFSQTRNISLKGMSGALQEDGHLAASVTLIEAIRFLNRSQTNPNVIDMYEQTKQHKAQA
RIVRKYQRTEADRGFFITTLPTRVRLEIIEDYYDAIARVVPEEYISYGGDKKILNIQTALEKALRWASGSSEITTSTGNV
IKFKRRLMYVSADATKWSPGDNSAKFKRFTQALYDGLSDEKLKCCVVDALRHVYETEFFMSRKLHRYIDSMDEHSEAVQD
FLDFFKGGVSATVKGNWLQGNLNKCSSLFGAAVSLLFRRIWAELFPELECFFEFAHHSDDALFIYGYLEPEDDGTDWFLY
VSQQIQAGNYHWHAVNQEMWKSMFNLHEHLLLMGSIKVSPKKTTVSPTNAEFLSTFFEGCAVSIPFIKILLGSLSDLPGL
GFFDDLAAAQSRCVKAMDLGASPQLAQLAVVICTSKVERLYGTADGMVNSPVAFLKVTKAHVPIPLGGDGSMSIMELATA
GIGMADKNILKQAFYSYKHTRRDGDRYVLGLFKFLMSLSEDVFQHDRLGEFSFVGKVQWKVFTPKNEFEFYDQFSQSYLK
SWTNQHPVYDYIIPRGRDNLLVYLVRKLNDPSIVTAMTMQSPLQLRFRMQAKQHMKVCKLDGEWVTFREVLAAADSFATK
YNPTEKDLDLFNTLVSCTFSKEYAWKDFLNEVRCEVVPTKHVHRSKIARTFTVREKDQAIQNPITAVIGYKYASTVDEIS
DVLDSSFFPDSLSADLQVMKEGVYRELGLDIGLPEVLKRIAPLLYKAGRSRVVIVEGNVEGTAESICSYWLRSMSLVKTI
KVRPKKEVLRAVSLYSTKENIGLQDDVAATRLCIEVWRWCKANDQNVNDWLNALYFEKQTLMDWVERFRRKGVVPVDPEI
QCIALLLYDVLGYKSVLQMQANRRAYSGKQYDAYCVQTYNEETKLYEGDLRVTFNFGLDCARLEIFWDKKEYILETSITQ
RHVLKLMMEEVTQELLRCGMRFKTEQVSHTKSLVLFKTESGFEWGKPNVPCIVFKHCALRTGLRTKQAINKEFMINVQAD
GFRAIAQMDVESPRFLLAHAYHTLRDVRYQAVQAVGNVWFQTNQHKLFINPIISSGLLENFMKGLPAAIPPAAYSLIMNK
AKISVDLFMFNELLALVNPRNVLNLDGIEETSEGYSTVTSISSRQWSEEVSLMADDNIDDEEEFTIALDDIDFEQINLDE
DIQHFLQDESAYTGDLTIQTEEVEVKRIRGVTRVLEPVKLIKSWVSKGLAIDKVYNPIGIVLMARYMSKNYDFSKIPLAL
LNPYDLTEFESVVKGWGETVNDRFLEVDNDAQRLIREKNILPEDILPDSLFSFRHVDVLLKRLFPRDPVSSFY
;
A
2 'polyribonucleotide' UAGUAGUAGACUCCGAGA C
#
# COMPACT_ATOMS: atom_id res chain seq x y z
N PHE A 225 -22.04 -27.85 24.12
CA PHE A 225 -21.13 -26.72 24.09
C PHE A 225 -21.09 -26.04 25.47
N ASN A 226 -20.06 -26.38 26.23
CA ASN A 226 -19.83 -25.82 27.55
C ASN A 226 -18.41 -25.32 27.61
N ILE A 227 -18.21 -24.21 28.30
CA ILE A 227 -16.86 -23.69 28.42
C ILE A 227 -16.31 -24.22 29.73
N PRO A 228 -15.12 -24.80 29.77
CA PRO A 228 -14.54 -25.21 31.04
C PRO A 228 -14.26 -24.03 31.95
N ASP A 229 -13.96 -24.33 33.21
CA ASP A 229 -13.75 -23.28 34.20
C ASP A 229 -12.25 -23.07 34.35
N TYR A 230 -11.78 -21.97 33.80
CA TYR A 230 -10.39 -21.54 33.93
C TYR A 230 -10.24 -20.68 35.18
N LYS A 231 -9.02 -20.41 35.57
CA LYS A 231 -8.80 -19.59 36.75
C LYS A 231 -8.99 -18.12 36.41
N PRO A 232 -9.71 -17.35 37.22
CA PRO A 232 -9.82 -15.92 36.95
C PRO A 232 -8.59 -15.17 37.43
N GLN A 233 -8.53 -13.89 37.06
CA GLN A 233 -7.44 -13.02 37.46
C GLN A 233 -7.79 -12.41 38.80
N SER A 234 -6.84 -12.41 39.73
CA SER A 234 -7.03 -11.76 41.02
C SER A 234 -7.20 -10.26 40.84
N LEU A 235 -8.11 -9.67 41.60
CA LEU A 235 -8.38 -8.25 41.47
C LEU A 235 -8.18 -7.53 42.79
N CYS A 236 -8.20 -6.21 42.74
CA CYS A 236 -8.00 -5.38 43.92
C CYS A 236 -8.79 -4.08 43.75
N GLN A 237 -10.00 -4.05 44.30
CA GLN A 237 -11.01 -3.04 43.99
C GLN A 237 -10.51 -1.64 44.32
N PRO A 238 -10.04 -0.89 43.36
CA PRO A 238 -9.25 0.29 43.70
C PRO A 238 -10.14 1.44 44.09
N GLU A 239 -9.53 2.53 44.50
CA GLU A 239 -10.25 3.72 44.91
C GLU A 239 -9.82 4.86 44.02
N ILE A 240 -10.78 5.55 43.42
CA ILE A 240 -10.44 6.69 42.58
C ILE A 240 -9.83 7.82 43.40
N THR A 241 -10.11 7.87 44.70
CA THR A 241 -9.60 8.95 45.53
C THR A 241 -8.10 8.85 45.72
N ASN A 242 -7.58 7.62 45.82
CA ASN A 242 -6.15 7.42 45.99
C ASN A 242 -5.39 7.95 44.79
N LEU A 243 -5.89 7.67 43.60
CA LEU A 243 -5.15 8.08 42.42
C LEU A 243 -5.37 9.56 42.16
N ILE A 244 -6.53 10.10 42.55
CA ILE A 244 -6.70 11.56 42.50
C ILE A 244 -5.72 12.26 43.41
N GLN A 245 -5.48 11.71 44.59
CA GLN A 245 -4.50 12.32 45.48
C GLN A 245 -3.10 12.24 44.89
N TYR A 246 -2.78 11.12 44.23
CA TYR A 246 -1.49 11.03 43.55
C TYR A 246 -1.37 12.07 42.43
N CYS A 247 -2.43 12.27 41.66
CA CYS A 247 -2.35 13.19 40.54
C CYS A 247 -2.26 14.63 41.04
N LYS A 248 -2.89 14.92 42.18
CA LYS A 248 -2.75 16.24 42.80
C LYS A 248 -1.32 16.48 43.24
N HIS A 249 -0.69 15.50 43.86
CA HIS A 249 0.72 15.68 44.20
C HIS A 249 1.61 15.79 42.97
N TRP A 250 1.28 15.06 41.90
CA TRP A 250 2.08 15.11 40.69
C TRP A 250 1.97 16.44 39.98
N LEU A 251 0.85 17.14 40.13
CA LEU A 251 0.71 18.43 39.45
C LEU A 251 1.37 19.58 40.19
N THR A 252 1.78 19.41 41.44
CA THR A 252 2.55 20.45 42.12
C THR A 252 4.02 20.19 42.03
N GLU A 253 4.52 19.93 40.83
CA GLU A 253 5.91 19.56 40.65
C GLU A 253 6.46 20.27 39.42
N ASP A 254 7.72 19.97 39.14
CA ASP A 254 8.48 20.62 38.09
C ASP A 254 8.41 19.74 36.85
N HIS A 255 7.69 20.17 35.83
CA HIS A 255 7.55 19.38 34.62
C HIS A 255 7.68 20.26 33.40
N ASP A 256 8.71 20.02 32.60
CA ASP A 256 8.95 20.74 31.36
C ASP A 256 8.29 20.04 30.17
N PHE A 257 7.65 20.84 29.33
CA PHE A 257 6.84 20.34 28.23
C PHE A 257 7.72 19.86 27.09
N VAL A 258 7.47 18.64 26.61
CA VAL A 258 8.45 17.91 25.80
C VAL A 258 8.58 18.44 24.38
N PHE A 259 7.64 19.25 23.91
CA PHE A 259 7.69 19.78 22.56
C PHE A 259 8.23 21.20 22.61
N LYS A 260 9.13 21.52 21.70
CA LYS A 260 9.70 22.85 21.66
C LYS A 260 8.90 23.75 20.73
N GLU A 261 8.94 25.04 21.00
CA GLU A 261 8.22 25.97 20.15
C GLU A 261 8.98 26.16 18.84
N VAL A 262 8.24 26.44 17.78
CA VAL A 262 8.79 26.52 16.43
C VAL A 262 9.10 27.98 16.12
N THR A 263 10.37 28.26 15.90
CA THR A 263 10.86 29.59 15.58
C THR A 263 11.82 29.45 14.40
N GLY A 264 11.91 30.48 13.57
CA GLY A 264 12.83 30.44 12.45
C GLY A 264 14.27 30.34 12.89
N ASN A 265 14.60 31.00 13.99
CA ASN A 265 15.96 30.98 14.51
C ASN A 265 16.31 29.62 15.05
N ASN A 266 15.35 28.94 15.68
CA ASN A 266 15.61 27.64 16.25
C ASN A 266 15.84 26.62 15.16
N VAL A 267 15.18 26.81 14.02
CA VAL A 267 15.33 25.89 12.89
C VAL A 267 16.65 26.11 12.18
N MET A 268 16.98 27.37 11.87
CA MET A 268 18.31 27.67 11.32
C MET A 268 19.41 27.18 12.23
N SER A 269 19.22 27.32 13.54
CA SER A 269 20.24 26.91 14.47
C SER A 269 20.37 25.40 14.52
N SER A 270 19.26 24.67 14.36
CA SER A 270 19.36 23.23 14.39
C SER A 270 20.09 22.72 13.16
N PHE A 271 19.86 23.38 12.03
CA PHE A 271 20.58 23.02 10.81
C PHE A 271 22.07 23.32 10.95
N GLU A 272 22.42 24.46 11.55
CA GLU A 272 23.82 24.79 11.75
C GLU A 272 24.51 23.82 12.71
N ASN A 273 23.87 23.52 13.84
CA ASN A 273 24.54 22.70 14.84
C ASN A 273 24.66 21.27 14.37
N ASN A 274 23.77 20.81 13.49
CA ASN A 274 23.96 19.48 12.94
C ASN A 274 24.97 19.51 11.81
N GLU A 275 25.07 20.64 11.13
CA GLU A 275 25.93 20.74 9.97
C GLU A 275 27.39 20.86 10.38
N ASP A 276 27.65 21.38 11.58
CA ASP A 276 29.02 21.65 11.98
C ASP A 276 29.71 20.41 12.55
N VAL A 277 28.93 19.47 13.07
CA VAL A 277 29.53 18.34 13.76
C VAL A 277 29.34 17.14 12.85
N TYR A 278 29.15 17.42 11.57
CA TYR A 278 28.72 16.42 10.61
C TYR A 278 29.87 15.59 10.07
N MET A 279 30.86 16.24 9.46
CA MET A 279 31.87 15.53 8.68
C MET A 279 32.76 14.65 9.51
N SER A 280 32.85 14.88 10.81
CA SER A 280 33.61 14.02 11.68
C SER A 280 33.00 12.64 11.82
N ARG A 281 31.75 12.47 11.43
CA ARG A 281 31.11 11.17 11.51
C ARG A 281 31.47 10.27 10.35
N TYR A 282 31.83 10.82 9.20
CA TYR A 282 32.11 10.08 7.99
C TYR A 282 33.52 10.40 7.51
N LYS A 283 33.87 9.87 6.36
CA LYS A 283 35.13 10.16 5.70
C LYS A 283 34.81 10.98 4.46
N GLU A 284 35.63 11.95 4.11
CA GLU A 284 35.27 12.81 2.99
C GLU A 284 35.55 12.07 1.69
N SER A 285 34.72 12.33 0.67
CA SER A 285 34.94 11.71 -0.62
C SER A 285 35.55 12.70 -1.60
N ARG A 286 36.08 12.17 -2.69
CA ARG A 286 36.70 12.96 -3.72
C ARG A 286 35.82 13.25 -4.91
N LYS A 287 34.80 12.43 -5.18
CA LYS A 287 33.93 12.80 -6.27
C LYS A 287 32.51 12.30 -6.03
N PRO A 288 31.50 13.06 -6.43
CA PRO A 288 30.13 12.60 -6.25
C PRO A 288 29.79 11.43 -7.15
N ARG A 289 29.10 10.44 -6.58
CA ARG A 289 28.88 9.16 -7.23
C ARG A 289 27.72 9.24 -8.21
N ASN A 290 27.25 8.07 -8.64
CA ASN A 290 26.30 7.95 -9.73
C ASN A 290 24.87 7.87 -9.20
N PHE A 291 23.94 8.39 -9.97
CA PHE A 291 22.54 8.33 -9.64
C PHE A 291 21.64 8.05 -10.83
N LEU A 292 22.05 8.39 -12.05
CA LEU A 292 21.27 8.08 -13.23
C LEU A 292 21.40 6.61 -13.55
N LEU A 293 20.28 5.95 -13.77
CA LEU A 293 20.31 4.53 -14.10
C LEU A 293 20.54 4.27 -15.58
N ILE A 294 20.35 5.28 -16.43
CA ILE A 294 20.56 5.13 -17.86
C ILE A 294 20.83 6.52 -18.43
N GLN A 295 21.77 6.59 -19.36
CA GLN A 295 22.14 7.84 -19.97
C GLN A 295 21.84 7.80 -21.46
N GLY A 296 21.46 8.92 -22.04
CA GLY A 296 21.08 8.87 -23.43
C GLY A 296 20.78 10.25 -23.95
N SER A 297 20.72 10.36 -25.27
CA SER A 297 20.48 11.65 -25.91
C SER A 297 19.55 11.46 -27.09
N ILE A 298 19.02 12.57 -27.58
CA ILE A 298 18.12 12.57 -28.73
C ILE A 298 18.57 13.67 -29.67
N GLN A 299 18.54 13.40 -30.97
CA GLN A 299 18.84 14.44 -31.93
C GLN A 299 17.67 15.38 -32.16
N GLY A 300 16.45 14.91 -32.02
CA GLY A 300 15.29 15.71 -32.22
C GLY A 300 14.07 14.96 -31.75
N PRO A 301 12.92 15.26 -32.31
CA PRO A 301 11.68 14.59 -31.91
C PRO A 301 11.71 13.10 -32.17
N TYR A 302 11.58 12.31 -31.12
CA TYR A 302 11.82 10.89 -31.22
C TYR A 302 10.68 10.19 -31.94
N LEU A 303 11.03 9.19 -32.75
CA LEU A 303 10.05 8.36 -33.43
C LEU A 303 10.27 6.94 -32.97
N PRO A 304 9.27 6.27 -32.42
CA PRO A 304 9.48 4.94 -31.83
C PRO A 304 10.00 3.89 -32.79
N SER A 305 10.48 2.77 -32.29
CA SER A 305 11.29 1.91 -33.13
C SER A 305 10.52 0.72 -33.63
N THR A 306 10.53 0.52 -34.94
CA THR A 306 10.03 -0.68 -35.58
C THR A 306 11.20 -1.61 -35.82
N ILE A 307 10.92 -2.78 -36.41
CA ILE A 307 11.98 -3.77 -36.57
C ILE A 307 12.91 -3.38 -37.72
N SER A 308 12.37 -2.72 -38.74
CA SER A 308 13.20 -2.30 -39.87
C SER A 308 14.18 -1.21 -39.46
N SER A 309 13.68 -0.22 -38.71
CA SER A 309 14.53 0.88 -38.29
C SER A 309 15.58 0.41 -37.31
N ASP A 310 15.28 -0.62 -36.55
CA ASP A 310 16.26 -1.18 -35.63
C ASP A 310 17.44 -1.74 -36.39
N GLN A 311 17.16 -2.48 -37.47
CA GLN A 311 18.21 -3.12 -38.24
C GLN A 311 19.08 -2.10 -38.95
N CYS A 312 18.46 -1.09 -39.57
CA CYS A 312 19.28 -0.12 -40.30
C CYS A 312 20.08 0.75 -39.35
N ASP A 313 19.47 1.17 -38.24
CA ASP A 313 20.18 2.00 -37.28
C ASP A 313 21.31 1.25 -36.62
N THR A 314 21.13 -0.06 -36.37
CA THR A 314 22.19 -0.84 -35.79
C THR A 314 23.38 -0.93 -36.73
N ARG A 315 23.13 -1.11 -38.04
CA ARG A 315 24.25 -1.16 -38.97
C ARG A 315 24.98 0.17 -39.02
N ILE A 316 24.24 1.28 -39.05
CA ILE A 316 24.86 2.62 -39.07
C ILE A 316 25.74 2.82 -37.84
N GLY A 317 25.21 2.48 -36.67
CA GLY A 317 25.93 2.74 -35.45
C GLY A 317 27.17 1.89 -35.30
N CYS A 318 27.09 0.61 -35.69
CA CYS A 318 28.29 -0.22 -35.61
C CYS A 318 29.31 0.15 -36.68
N LEU A 319 28.88 0.82 -37.74
CA LEU A 319 29.90 1.41 -38.63
C LEU A 319 30.56 2.60 -37.97
N GLU A 320 29.83 3.34 -37.16
CA GLU A 320 30.47 4.50 -36.52
C GLU A 320 31.37 4.11 -35.37
N VAL A 321 31.05 3.03 -34.66
CA VAL A 321 31.86 2.62 -33.53
C VAL A 321 33.15 1.94 -33.97
N LEU A 322 33.19 1.39 -35.19
CA LEU A 322 34.41 0.74 -35.63
C LEU A 322 35.52 1.72 -35.97
N LYS A 323 35.22 3.01 -36.04
CA LYS A 323 36.23 4.02 -36.28
C LYS A 323 36.98 4.47 -35.04
N VAL A 324 36.65 3.94 -33.86
CA VAL A 324 37.25 4.37 -32.60
C VAL A 324 38.56 3.62 -32.41
N HIS A 325 39.56 4.33 -31.90
CA HIS A 325 40.77 3.69 -31.41
C HIS A 325 40.59 3.38 -29.93
N PRO A 326 40.54 2.12 -29.52
CA PRO A 326 40.18 1.80 -28.14
C PRO A 326 41.28 2.17 -27.15
N GLU A 327 40.86 2.41 -25.92
CA GLU A 327 41.74 2.81 -24.82
C GLU A 327 41.22 2.19 -23.53
N THR A 328 40.21 2.83 -22.93
CA THR A 328 39.48 2.35 -21.77
C THR A 328 38.66 1.12 -22.12
N PRO A 329 38.57 0.14 -21.20
CA PRO A 329 38.00 -1.16 -21.54
C PRO A 329 36.58 -1.16 -22.08
N VAL A 330 35.79 -0.12 -21.77
CA VAL A 330 34.47 0.02 -22.37
C VAL A 330 34.60 0.20 -23.87
N GLN A 331 35.58 0.98 -24.30
CA GLN A 331 35.75 1.22 -25.72
C GLN A 331 36.21 -0.04 -26.41
N ALA A 332 37.02 -0.83 -25.71
CA ALA A 332 37.50 -2.09 -26.24
C ALA A 332 36.38 -3.08 -26.46
N ILE A 333 35.48 -3.21 -25.49
CA ILE A 333 34.44 -4.21 -25.66
C ILE A 333 33.35 -3.72 -26.63
N ALA A 334 33.15 -2.41 -26.73
CA ALA A 334 32.23 -1.89 -27.72
C ALA A 334 32.73 -2.12 -29.13
N VAL A 335 34.03 -1.88 -29.35
CA VAL A 335 34.64 -2.18 -30.64
C VAL A 335 34.59 -3.66 -30.98
N ASP A 336 34.84 -4.55 -30.02
CA ASP A 336 34.76 -5.98 -30.31
C ASP A 336 33.36 -6.43 -30.67
N MET A 337 32.35 -6.00 -29.90
CA MET A 337 30.98 -6.37 -30.19
C MET A 337 30.54 -5.84 -31.55
N ALA A 338 30.90 -4.61 -31.89
CA ALA A 338 30.48 -4.07 -33.16
C ALA A 338 31.15 -4.80 -34.32
N TYR A 339 32.41 -5.16 -34.15
CA TYR A 339 33.11 -5.90 -35.20
C TYR A 339 32.44 -7.22 -35.47
N LYS A 340 32.14 -7.98 -34.41
CA LYS A 340 31.48 -9.27 -34.62
C LYS A 340 30.07 -9.10 -35.19
N TYR A 341 29.41 -7.99 -34.89
CA TYR A 341 28.13 -7.77 -35.56
C TYR A 341 28.31 -7.51 -37.04
N MET A 342 29.36 -6.82 -37.43
CA MET A 342 29.55 -6.56 -38.84
C MET A 342 30.16 -7.74 -39.57
N GLU A 343 30.53 -8.81 -38.86
CA GLU A 343 30.90 -10.03 -39.55
C GLU A 343 29.72 -10.95 -39.81
N LEU A 344 28.52 -10.59 -39.37
CA LEU A 344 27.40 -11.53 -39.45
C LEU A 344 26.94 -11.71 -40.88
N ASN A 345 26.71 -12.98 -41.23
CA ASN A 345 26.42 -13.49 -42.56
C ASN A 345 25.12 -12.88 -43.09
N ARG A 346 24.91 -13.02 -44.39
CA ARG A 346 23.69 -12.52 -45.03
C ARG A 346 22.45 -13.23 -44.49
N ASP A 347 22.55 -14.52 -44.18
CA ASP A 347 21.36 -15.26 -43.79
C ASP A 347 21.16 -15.31 -42.28
N GLU A 348 22.07 -14.73 -41.50
CA GLU A 348 21.90 -14.60 -40.06
C GLU A 348 21.31 -13.26 -39.68
N ILE A 349 21.68 -12.20 -40.39
CA ILE A 349 21.01 -10.92 -40.28
C ILE A 349 19.52 -11.03 -40.56
N ILE A 350 19.10 -12.01 -41.36
CA ILE A 350 17.67 -12.30 -41.46
C ILE A 350 17.15 -12.92 -40.16
N ASN A 351 17.82 -13.96 -39.65
CA ASN A 351 17.37 -14.65 -38.46
C ASN A 351 17.61 -13.88 -37.18
N TYR A 352 18.39 -12.81 -37.23
CA TYR A 352 18.48 -11.88 -36.10
C TYR A 352 17.15 -11.18 -35.89
N TYR A 353 16.61 -10.59 -36.94
CA TYR A 353 15.35 -9.86 -36.84
C TYR A 353 14.19 -10.70 -37.38
N ASN A 354 13.92 -11.83 -36.72
CA ASN A 354 12.92 -12.72 -37.24
C ASN A 354 11.99 -13.15 -36.11
N PRO A 355 10.68 -13.20 -36.34
CA PRO A 355 9.75 -13.70 -35.33
C PRO A 355 10.06 -15.12 -34.89
N ARG A 356 9.61 -15.49 -33.69
CA ARG A 356 10.05 -16.76 -33.12
C ARG A 356 9.19 -17.92 -33.59
N VAL A 357 8.64 -17.82 -34.79
CA VAL A 357 7.97 -18.95 -35.41
C VAL A 357 8.71 -19.39 -36.66
N HIS A 358 9.08 -18.42 -37.51
CA HIS A 358 9.90 -18.69 -38.68
C HIS A 358 11.38 -18.79 -38.35
N PHE A 359 11.76 -18.54 -37.09
CA PHE A 359 13.16 -18.48 -36.71
C PHE A 359 13.79 -19.86 -36.80
N GLN A 360 15.09 -19.87 -37.06
CA GLN A 360 15.88 -21.09 -37.18
C GLN A 360 17.33 -20.79 -36.82
N ALA A 361 17.86 -21.58 -35.89
CA ALA A 361 19.17 -21.29 -35.32
C ALA A 361 20.29 -21.56 -36.31
N THR A 362 21.26 -20.65 -36.38
CA THR A 362 22.28 -20.72 -37.40
C THR A 362 23.63 -20.86 -36.68
N GLN A 363 24.66 -20.17 -37.17
CA GLN A 363 26.02 -20.42 -36.69
C GLN A 363 26.30 -19.62 -35.44
N SER A 364 26.14 -18.31 -35.52
CA SER A 364 26.36 -17.43 -34.39
C SER A 364 25.08 -16.95 -33.74
N VAL A 365 23.92 -17.14 -34.36
CA VAL A 365 22.68 -16.57 -33.87
C VAL A 365 21.75 -17.68 -33.42
N LYS A 366 21.81 -18.02 -32.13
CA LYS A 366 21.02 -19.12 -31.60
C LYS A 366 19.64 -18.69 -31.11
N GLU A 367 19.42 -17.42 -30.87
CA GLU A 367 18.15 -16.87 -30.43
C GLU A 367 17.89 -15.59 -31.20
N PRO A 368 16.66 -15.22 -31.41
CA PRO A 368 16.38 -14.06 -32.26
C PRO A 368 16.56 -12.74 -31.56
N GLY A 369 17.65 -12.04 -31.85
CA GLY A 369 17.95 -10.81 -31.18
C GLY A 369 19.34 -10.83 -30.60
N THR A 370 19.90 -12.02 -30.48
CA THR A 370 21.21 -12.22 -29.88
C THR A 370 22.20 -12.65 -30.95
N PHE A 371 23.47 -12.68 -30.57
CA PHE A 371 24.48 -13.42 -31.31
C PHE A 371 25.40 -14.11 -30.31
N LYS A 372 26.51 -14.65 -30.82
CA LYS A 372 27.42 -15.43 -30.01
C LYS A 372 28.84 -15.01 -30.31
N LEU A 373 29.35 -14.08 -29.53
CA LEU A 373 30.75 -13.69 -29.56
C LEU A 373 31.49 -14.61 -28.60
N GLY A 374 32.78 -14.74 -28.78
CA GLY A 374 33.54 -15.65 -27.95
C GLY A 374 34.81 -15.02 -27.43
N LEU A 375 35.21 -15.48 -26.25
CA LEU A 375 36.28 -14.88 -25.48
C LEU A 375 37.66 -15.15 -26.06
N SER A 376 37.77 -15.93 -27.12
CA SER A 376 39.02 -16.03 -27.83
C SER A 376 39.19 -14.91 -28.82
N GLN A 377 38.16 -14.09 -29.01
CA GLN A 377 38.15 -12.98 -29.94
C GLN A 377 38.02 -11.65 -29.20
N LEU A 378 38.68 -11.52 -28.05
CA LEU A 378 38.53 -10.35 -27.20
C LEU A 378 39.87 -9.74 -26.82
N ASN A 379 40.00 -8.45 -27.11
CA ASN A 379 41.01 -7.55 -26.58
C ASN A 379 41.21 -7.78 -25.08
N PRO A 380 42.47 -7.75 -24.59
CA PRO A 380 42.69 -7.99 -23.16
C PRO A 380 41.96 -7.10 -22.17
N MET A 381 41.48 -5.94 -22.58
CA MET A 381 40.75 -5.07 -21.66
C MET A 381 39.30 -5.54 -21.49
N SER A 382 38.75 -6.15 -22.53
CA SER A 382 37.38 -6.61 -22.49
C SER A 382 37.22 -7.72 -21.47
N LYS A 383 38.22 -8.59 -21.33
CA LYS A 383 38.12 -9.62 -20.31
C LYS A 383 38.20 -9.03 -18.92
N SER A 384 38.80 -7.84 -18.78
CA SER A 384 38.81 -7.18 -17.49
C SER A 384 37.40 -6.74 -17.12
N ILE A 385 36.65 -6.22 -18.10
CA ILE A 385 35.25 -5.92 -17.84
C ILE A 385 34.47 -7.18 -17.46
N LEU A 386 34.67 -8.27 -18.19
CA LEU A 386 33.92 -9.50 -17.89
C LEU A 386 34.30 -10.06 -16.53
N ASP A 387 35.52 -9.79 -16.07
CA ASP A 387 36.02 -10.43 -14.87
C ASP A 387 35.86 -9.55 -13.65
N GLN A 388 35.42 -8.30 -13.83
CA GLN A 388 35.26 -7.47 -12.64
C GLN A 388 33.93 -7.70 -11.95
N VAL A 389 33.28 -8.84 -12.17
CA VAL A 389 32.17 -9.22 -11.31
C VAL A 389 32.66 -10.19 -10.24
N GLU A 401 34.36 0.52 9.29
CA GLU A 401 34.94 1.70 8.67
C GLU A 401 33.89 2.63 8.11
N PRO A 402 34.10 3.93 8.29
CA PRO A 402 33.07 4.90 7.90
C PRO A 402 32.91 4.99 6.40
N LEU A 403 31.74 5.43 5.98
CA LEU A 403 31.43 5.57 4.57
C LEU A 403 31.82 6.94 4.10
N GLU A 404 32.23 7.03 2.84
CA GLU A 404 32.53 8.31 2.26
C GLU A 404 31.23 9.09 2.09
N SER A 405 31.36 10.41 2.04
CA SER A 405 30.21 11.29 1.98
C SER A 405 30.69 12.66 1.57
N ILE A 406 29.89 13.35 0.75
CA ILE A 406 30.20 14.71 0.39
C ILE A 406 30.02 15.60 1.61
N ASN A 407 30.95 16.52 1.82
CA ASN A 407 30.84 17.48 2.90
C ASN A 407 29.76 18.51 2.61
N ILE A 408 28.56 18.33 3.16
CA ILE A 408 27.45 19.24 2.89
C ILE A 408 27.57 20.51 3.73
N SER A 409 28.56 20.57 4.61
CA SER A 409 28.83 21.79 5.34
C SER A 409 29.68 22.76 4.54
N SER A 410 30.12 22.37 3.35
CA SER A 410 31.02 23.15 2.52
C SER A 410 30.24 23.80 1.39
N GLN A 411 30.32 25.12 1.29
CA GLN A 411 29.59 25.85 0.26
C GLN A 411 30.10 25.53 -1.14
N ILE A 412 31.35 25.12 -1.26
CA ILE A 412 31.95 24.77 -2.54
C ILE A 412 31.26 23.54 -3.12
N GLN A 413 31.20 22.48 -2.32
CA GLN A 413 30.62 21.23 -2.82
C GLN A 413 29.12 21.34 -3.02
N GLN A 414 28.46 22.14 -2.18
CA GLN A 414 27.04 22.40 -2.38
C GLN A 414 26.78 23.14 -3.67
N ASN A 415 27.61 24.13 -3.97
CA ASN A 415 27.45 24.85 -5.24
C ASN A 415 27.70 23.94 -6.43
N GLU A 416 28.67 23.03 -6.32
CA GLU A 416 28.97 22.15 -7.44
C GLU A 416 27.84 21.19 -7.72
N CYS A 417 27.34 20.53 -6.66
CA CYS A 417 26.28 19.54 -6.87
C CYS A 417 24.99 20.19 -7.33
N SER A 418 24.71 21.39 -6.84
CA SER A 418 23.56 22.12 -7.34
C SER A 418 23.73 22.49 -8.79
N ARG A 419 24.95 22.85 -9.21
CA ARG A 419 25.17 23.25 -10.59
C ARG A 419 25.00 22.08 -11.54
N ILE A 420 25.49 20.91 -11.14
CA ILE A 420 25.32 19.69 -11.92
C ILE A 420 23.85 19.36 -12.12
N ILE A 421 23.08 19.35 -11.03
CA ILE A 421 21.69 18.94 -11.16
C ILE A 421 20.87 19.98 -11.91
N GLU A 422 21.19 21.26 -11.75
CA GLU A 422 20.48 22.27 -12.52
C GLU A 422 20.81 22.17 -13.99
N SER A 423 22.02 21.69 -14.32
CA SER A 423 22.36 21.46 -15.72
C SER A 423 21.53 20.34 -16.31
N ILE A 424 21.34 19.26 -15.55
CA ILE A 424 20.48 18.16 -16.03
C ILE A 424 19.03 18.61 -16.16
N LEU A 425 18.48 19.20 -15.12
CA LEU A 425 17.08 19.58 -15.10
C LEU A 425 16.76 20.66 -16.12
N SER A 426 17.74 21.49 -16.45
CA SER A 426 17.55 22.52 -17.47
C SER A 426 17.63 21.97 -18.87
N ASN A 427 18.08 20.73 -19.01
CA ASN A 427 18.32 20.10 -20.29
C ASN A 427 17.15 19.21 -20.70
N LEU A 428 16.34 18.77 -19.74
CA LEU A 428 15.11 18.02 -19.97
C LEU A 428 13.91 18.93 -20.18
N GLU A 429 14.12 20.20 -20.44
CA GLU A 429 13.02 21.11 -20.63
C GLU A 429 13.04 21.77 -21.98
N ILE A 430 14.04 21.51 -22.81
CA ILE A 430 14.16 22.21 -24.07
C ILE A 430 13.03 21.81 -24.98
N ASN A 431 12.41 22.78 -25.62
CA ASN A 431 11.37 22.49 -26.59
C ASN A 431 12.05 21.89 -27.81
N VAL A 432 12.16 20.57 -27.79
CA VAL A 432 12.54 19.82 -28.97
C VAL A 432 11.62 20.14 -30.13
N GLY A 433 10.32 19.91 -29.95
CA GLY A 433 9.39 20.08 -31.04
C GLY A 433 8.55 18.85 -31.20
N GLU A 434 7.31 19.04 -31.61
CA GLU A 434 6.36 17.94 -31.68
C GLU A 434 6.71 17.01 -32.84
N VAL A 435 6.33 15.74 -32.71
CA VAL A 435 6.47 14.77 -33.78
C VAL A 435 5.38 14.95 -34.83
N GLU A 450 -20.26 12.01 -22.33
CA GLU A 450 -19.32 11.17 -23.07
C GLU A 450 -18.76 11.91 -24.29
N LEU A 451 -19.51 12.86 -24.85
CA LEU A 451 -18.89 13.88 -25.69
C LEU A 451 -18.69 15.16 -24.90
N LEU A 452 -19.44 15.28 -23.81
CA LEU A 452 -19.22 16.38 -22.86
C LEU A 452 -17.86 16.25 -22.18
N GLY A 453 -17.64 15.10 -21.54
CA GLY A 453 -16.37 14.85 -20.89
C GLY A 453 -15.20 15.01 -21.83
N LYS A 454 -15.39 14.66 -23.10
CA LYS A 454 -14.30 14.69 -24.06
C LYS A 454 -14.06 16.10 -24.59
N PHE A 455 -15.08 16.96 -24.60
CA PHE A 455 -14.83 18.36 -24.97
C PHE A 455 -14.07 19.08 -23.87
N TYR A 456 -14.47 18.83 -22.62
CA TYR A 456 -13.70 19.39 -21.52
C TYR A 456 -12.31 18.75 -21.45
N GLU A 457 -12.19 17.48 -21.81
CA GLU A 457 -10.90 16.82 -21.79
C GLU A 457 -10.03 17.35 -22.91
N ASN A 458 -10.65 17.91 -23.95
CA ASN A 458 -9.87 18.68 -24.91
C ASN A 458 -9.28 19.90 -24.26
N GLU A 459 -9.96 20.43 -23.25
CA GLU A 459 -9.37 21.59 -22.58
C GLU A 459 -8.24 21.23 -21.59
N LEU A 460 -8.40 20.13 -20.84
CA LEU A 460 -7.23 19.60 -20.10
C LEU A 460 -6.11 19.14 -21.01
N SER A 461 -6.41 18.46 -22.11
CA SER A 461 -5.37 17.93 -22.97
C SER A 461 -4.61 19.06 -23.62
N LYS A 462 -5.31 20.13 -23.98
CA LYS A 462 -4.62 21.32 -24.43
C LYS A 462 -3.68 21.82 -23.35
N TYR A 463 -4.22 22.24 -22.20
CA TYR A 463 -3.41 22.92 -21.20
C TYR A 463 -2.39 22.02 -20.49
N LEU A 464 -2.48 20.70 -20.68
CA LEU A 464 -1.44 19.85 -20.14
C LEU A 464 -0.66 19.19 -21.24
N ILE A 465 -1.29 18.25 -21.95
CA ILE A 465 -0.56 17.38 -22.84
C ILE A 465 -0.03 18.15 -24.02
N SER A 466 -0.72 19.21 -24.47
CA SER A 466 -0.25 19.88 -25.67
C SER A 466 0.94 20.77 -25.37
N ILE A 467 1.19 21.02 -24.08
CA ILE A 467 2.40 21.73 -23.69
C ILE A 467 3.53 20.78 -23.37
N LEU A 468 3.23 19.63 -22.76
CA LEU A 468 4.29 18.72 -22.37
C LEU A 468 4.64 17.78 -23.49
N ARG A 469 3.92 17.82 -24.60
CA ARG A 469 4.22 16.92 -25.71
C ARG A 469 5.46 17.38 -26.47
N LYS A 470 5.87 18.61 -26.26
CA LYS A 470 6.93 19.21 -27.04
C LYS A 470 8.28 19.11 -26.38
N THR A 471 8.34 18.76 -25.10
CA THR A 471 9.57 18.87 -24.34
C THR A 471 10.51 17.72 -24.61
N ALA A 472 11.75 17.93 -24.22
CA ALA A 472 12.77 16.90 -24.36
C ALA A 472 12.50 15.72 -23.43
N ALA A 473 11.86 15.97 -22.30
CA ALA A 473 11.60 14.90 -21.33
C ALA A 473 10.62 13.88 -21.89
N TRP A 474 9.65 14.35 -22.67
CA TRP A 474 8.64 13.48 -23.26
C TRP A 474 9.25 12.49 -24.23
N HIS A 475 10.11 12.98 -25.13
CA HIS A 475 10.71 12.12 -26.12
C HIS A 475 11.77 11.22 -25.53
N ILE A 476 12.48 11.72 -24.51
CA ILE A 476 13.44 10.85 -23.82
C ILE A 476 12.71 9.75 -23.07
N GLY A 477 11.52 10.03 -22.55
CA GLY A 477 10.75 8.98 -21.89
C GLY A 477 10.30 7.93 -22.87
N HIS A 478 9.88 8.35 -24.06
CA HIS A 478 9.54 7.39 -25.09
C HIS A 478 10.74 6.61 -25.59
N LEU A 479 11.96 7.14 -25.43
CA LEU A 479 13.18 6.41 -25.75
C LEU A 479 13.60 5.40 -24.68
N ILE A 480 13.47 5.77 -23.40
CA ILE A 480 13.77 4.84 -22.31
C ILE A 480 12.83 3.66 -22.36
N ARG A 481 11.59 3.89 -22.81
CA ARG A 481 10.66 2.78 -22.99
C ARG A 481 11.18 1.76 -24.00
N ASP A 482 11.77 2.24 -25.10
CA ASP A 482 12.31 1.32 -26.11
C ASP A 482 13.51 0.55 -25.57
N ILE A 483 14.43 1.25 -24.91
CA ILE A 483 15.63 0.59 -24.38
C ILE A 483 15.24 -0.47 -23.35
N THR A 484 14.21 -0.20 -22.55
CA THR A 484 13.79 -1.17 -21.55
C THR A 484 13.01 -2.32 -22.15
N GLU A 485 12.27 -2.09 -23.23
CA GLU A 485 11.66 -3.22 -23.95
C GLU A 485 12.72 -4.15 -24.51
N SER A 486 13.81 -3.59 -25.00
CA SER A 486 14.92 -4.43 -25.47
C SER A 486 15.57 -5.18 -24.32
N LEU A 487 15.72 -4.53 -23.17
CA LEU A 487 16.34 -5.19 -22.02
C LEU A 487 15.45 -6.28 -21.43
N ILE A 488 14.14 -6.04 -21.39
CA ILE A 488 13.20 -7.05 -20.91
C ILE A 488 13.17 -8.23 -21.86
N ALA A 489 13.20 -7.97 -23.17
CA ALA A 489 13.34 -9.07 -24.13
C ALA A 489 14.58 -9.89 -23.88
N HIS A 490 15.72 -9.24 -23.65
CA HIS A 490 16.96 -9.98 -23.44
C HIS A 490 17.03 -10.66 -22.09
N ALA A 491 16.19 -10.30 -21.13
CA ALA A 491 16.33 -10.78 -19.76
C ALA A 491 15.71 -12.14 -19.53
N GLY A 492 15.15 -12.79 -20.54
CA GLY A 492 14.61 -14.11 -20.38
C GLY A 492 15.67 -15.17 -20.17
N LEU A 493 15.24 -16.42 -20.03
CA LEU A 493 16.17 -17.48 -19.64
C LEU A 493 17.16 -17.80 -20.75
N LYS A 494 16.66 -18.38 -21.82
CA LYS A 494 17.44 -18.80 -22.96
C LYS A 494 18.14 -17.66 -23.68
N ARG A 495 17.69 -16.42 -23.53
CA ARG A 495 18.31 -15.34 -24.27
C ARG A 495 19.49 -14.71 -23.55
N SER A 496 19.39 -14.53 -22.24
CA SER A 496 20.32 -13.69 -21.49
C SER A 496 21.75 -14.17 -21.48
N LYS A 497 22.01 -15.39 -21.91
CA LYS A 497 23.37 -15.93 -21.88
C LYS A 497 24.20 -15.46 -23.06
N TYR A 498 23.64 -14.64 -23.94
CA TYR A 498 24.30 -14.17 -25.14
C TYR A 498 24.38 -12.65 -25.11
N TRP A 499 24.97 -12.11 -26.17
CA TRP A 499 25.26 -10.70 -26.35
C TRP A 499 24.14 -10.08 -27.16
N SER A 500 24.12 -8.76 -27.24
CA SER A 500 23.14 -8.09 -28.10
C SER A 500 23.58 -6.68 -28.37
N ILE A 501 23.10 -6.14 -29.48
CA ILE A 501 23.30 -4.75 -29.87
C ILE A 501 22.00 -4.25 -30.46
N HIS A 502 21.46 -3.18 -29.93
CA HIS A 502 20.32 -2.54 -30.55
C HIS A 502 20.65 -1.08 -30.78
N ALA A 503 19.90 -0.42 -31.64
CA ALA A 503 20.18 0.98 -31.86
C ALA A 503 18.91 1.76 -32.16
N TYR A 504 18.96 3.04 -31.88
CA TYR A 504 17.82 3.89 -31.62
C TYR A 504 18.14 5.26 -32.18
N ASP A 505 17.12 5.93 -32.69
CA ASP A 505 17.18 7.33 -33.09
C ASP A 505 18.20 7.56 -34.19
N HIS A 506 17.95 6.91 -35.32
CA HIS A 506 18.77 7.03 -36.53
C HIS A 506 20.22 6.67 -36.29
N GLY A 507 20.44 5.72 -35.38
CA GLY A 507 21.80 5.38 -34.99
C GLY A 507 22.47 6.48 -34.21
N GLY A 508 21.75 7.08 -33.28
CA GLY A 508 22.32 8.08 -32.42
C GLY A 508 22.57 7.50 -31.05
N VAL A 509 21.81 6.48 -30.69
CA VAL A 509 22.00 5.81 -29.40
C VAL A 509 22.18 4.34 -29.73
N ILE A 510 23.25 3.75 -29.24
CA ILE A 510 23.48 2.32 -29.38
C ILE A 510 23.44 1.72 -27.98
N LEU A 511 22.87 0.52 -27.87
CA LEU A 511 22.75 -0.18 -26.61
C LEU A 511 23.46 -1.51 -26.73
N PHE A 512 24.48 -1.71 -25.94
CA PHE A 512 25.25 -2.95 -25.92
C PHE A 512 24.82 -3.71 -24.68
N ILE A 513 24.31 -4.93 -24.87
CA ILE A 513 23.87 -5.75 -23.76
C ILE A 513 24.81 -6.93 -23.65
N LEU A 514 25.34 -7.14 -22.51
CA LEU A 514 26.35 -8.13 -22.18
C LEU A 514 25.69 -9.41 -21.71
N PRO A 515 26.39 -10.55 -21.77
CA PRO A 515 25.83 -11.77 -21.20
C PRO A 515 25.68 -11.68 -19.70
N SER A 516 24.55 -12.17 -19.20
CA SER A 516 24.24 -12.04 -17.79
C SER A 516 23.33 -13.19 -17.37
N LYS A 517 23.17 -13.34 -16.06
CA LYS A 517 22.25 -14.32 -15.51
C LYS A 517 20.82 -13.78 -15.57
N SER A 518 19.88 -14.69 -15.81
CA SER A 518 18.55 -14.31 -16.23
C SER A 518 17.73 -13.74 -15.07
N LEU A 519 16.71 -12.97 -15.41
CA LEU A 519 15.91 -12.26 -14.43
C LEU A 519 14.72 -13.05 -13.92
N GLU A 520 14.47 -14.23 -14.47
CA GLU A 520 13.50 -15.15 -13.89
C GLU A 520 13.94 -15.71 -12.53
N VAL A 521 15.21 -15.65 -12.20
CA VAL A 521 15.70 -16.19 -10.94
C VAL A 521 15.97 -15.04 -9.99
N VAL A 522 16.03 -15.33 -8.69
CA VAL A 522 16.15 -14.30 -7.68
C VAL A 522 17.59 -13.83 -7.56
N GLY A 523 17.79 -12.51 -7.59
CA GLY A 523 19.07 -11.93 -7.27
C GLY A 523 20.03 -11.87 -8.44
N SER A 524 19.50 -11.55 -9.62
CA SER A 524 20.33 -11.46 -10.80
C SER A 524 20.20 -10.07 -11.39
N TYR A 525 21.13 -9.74 -12.28
CA TYR A 525 21.28 -8.41 -12.84
C TYR A 525 21.43 -8.52 -14.34
N ILE A 526 21.14 -7.42 -15.04
CA ILE A 526 21.35 -7.38 -16.47
C ILE A 526 22.32 -6.25 -16.78
N ARG A 527 23.52 -6.60 -17.25
CA ARG A 527 24.54 -5.58 -17.43
C ARG A 527 24.51 -5.05 -18.85
N TYR A 528 24.77 -3.76 -18.99
CA TYR A 528 24.61 -3.09 -20.28
C TYR A 528 25.33 -1.77 -20.26
N PHE A 529 25.56 -1.21 -21.45
CA PHE A 529 25.96 0.18 -21.54
C PHE A 529 25.44 0.79 -22.83
N THR A 530 25.58 2.10 -22.95
CA THR A 530 25.13 2.86 -24.10
C THR A 530 26.31 3.56 -24.76
N VAL A 531 26.10 4.01 -25.98
CA VAL A 531 27.07 4.84 -26.70
C VAL A 531 26.25 5.88 -27.46
N PHE A 532 26.52 7.16 -27.28
CA PHE A 532 25.59 8.13 -27.82
C PHE A 532 26.24 9.45 -28.17
N LYS A 533 25.68 10.12 -29.16
CA LYS A 533 26.10 11.45 -29.57
C LYS A 533 25.75 12.47 -28.51
N ASP A 534 26.73 13.23 -28.04
CA ASP A 534 26.50 14.28 -27.06
C ASP A 534 25.60 15.37 -27.64
N GLY A 535 24.61 15.79 -26.84
CA GLY A 535 23.65 16.77 -27.29
C GLY A 535 22.60 17.14 -26.26
N ILE A 536 21.39 16.60 -26.41
CA ILE A 536 20.26 16.89 -25.55
C ILE A 536 19.79 15.59 -24.92
N GLY A 537 19.95 15.44 -23.62
CA GLY A 537 19.56 14.18 -23.02
C GLY A 537 19.82 14.13 -21.53
N LEU A 538 19.78 12.90 -21.03
CA LEU A 538 20.12 12.59 -19.66
C LEU A 538 21.60 12.25 -19.65
N ILE A 539 22.42 13.25 -19.38
CA ILE A 539 23.87 13.09 -19.34
C ILE A 539 24.39 13.63 -18.02
N ASP A 540 25.28 12.88 -17.40
CA ASP A 540 25.97 13.24 -16.16
C ASP A 540 27.47 13.03 -16.43
N GLU A 541 28.17 14.11 -16.81
CA GLU A 541 29.45 13.98 -17.49
C GLU A 541 30.57 13.43 -16.64
N GLU A 542 30.39 13.37 -15.32
CA GLU A 542 31.47 12.87 -14.48
C GLU A 542 31.36 11.37 -14.26
N ASN A 543 30.21 10.80 -14.58
CA ASN A 543 30.06 9.36 -14.52
C ASN A 543 29.91 8.75 -15.89
N LEU A 544 30.25 9.48 -16.94
CA LEU A 544 30.46 8.85 -18.22
C LEU A 544 31.77 8.10 -18.12
N ASP A 545 31.91 7.02 -18.89
CA ASP A 545 33.20 6.36 -18.91
C ASP A 545 34.20 7.18 -19.70
N SER A 546 33.87 7.50 -20.94
CA SER A 546 34.79 8.33 -21.70
C SER A 546 34.03 9.14 -22.74
N LYS A 547 34.74 10.08 -23.36
CA LYS A 547 34.24 10.76 -24.54
C LYS A 547 35.33 10.70 -25.60
N VAL A 548 34.95 10.36 -26.81
CA VAL A 548 35.88 10.31 -27.93
C VAL A 548 35.40 11.24 -29.00
N ASP A 549 36.28 11.57 -29.92
CA ASP A 549 35.97 12.41 -31.06
C ASP A 549 36.16 11.57 -32.31
N ILE A 550 35.09 11.39 -33.08
CA ILE A 550 35.10 10.50 -34.24
C ILE A 550 34.70 11.34 -35.43
N ASP A 551 35.70 11.84 -36.17
CA ASP A 551 35.51 12.64 -37.37
C ASP A 551 34.69 13.91 -37.10
N GLY A 552 34.95 14.52 -35.95
CA GLY A 552 34.34 15.80 -35.65
C GLY A 552 33.32 15.76 -34.52
N VAL A 553 32.38 14.82 -34.59
CA VAL A 553 31.35 14.73 -33.57
C VAL A 553 31.87 13.94 -32.37
N GLN A 554 31.37 14.30 -31.19
CA GLN A 554 31.79 13.65 -29.97
C GLN A 554 30.80 12.58 -29.58
N TRP A 555 31.34 11.48 -29.05
CA TRP A 555 30.54 10.36 -28.62
C TRP A 555 30.86 10.08 -27.16
N CYS A 556 29.80 9.85 -26.38
CA CYS A 556 29.92 9.49 -24.97
C CYS A 556 29.74 8.00 -24.82
N PHE A 557 30.62 7.38 -24.08
CA PHE A 557 30.55 5.97 -23.73
C PHE A 557 30.24 5.97 -22.24
N SER A 558 29.06 5.47 -21.87
CA SER A 558 28.70 5.48 -20.47
C SER A 558 29.25 4.24 -19.77
N LYS A 559 29.02 4.15 -18.47
CA LYS A 559 29.58 3.05 -17.69
C LYS A 559 28.75 1.79 -17.86
N VAL A 560 29.27 0.70 -17.31
CA VAL A 560 28.60 -0.59 -17.35
C VAL A 560 27.65 -0.65 -16.18
N MET A 561 26.36 -0.63 -16.45
CA MET A 561 25.32 -0.69 -15.43
C MET A 561 24.87 -2.11 -15.18
N SER A 562 24.49 -2.38 -13.93
CA SER A 562 23.88 -3.64 -13.53
C SER A 562 22.57 -3.30 -12.82
N ILE A 563 21.45 -3.80 -13.34
CA ILE A 563 20.13 -3.48 -12.85
C ILE A 563 19.41 -4.76 -12.46
N ASP A 564 18.55 -4.69 -11.45
CA ASP A 564 17.74 -5.80 -10.99
C ASP A 564 16.38 -5.80 -11.70
N LEU A 565 15.56 -6.79 -11.39
CA LEU A 565 14.26 -6.90 -12.02
C LEU A 565 13.30 -5.80 -11.58
N ASN A 566 13.50 -5.25 -10.39
CA ASN A 566 12.59 -4.25 -9.86
C ASN A 566 12.74 -2.91 -10.54
N ARG A 567 13.97 -2.42 -10.62
CA ARG A 567 14.26 -1.14 -11.24
C ARG A 567 14.06 -1.16 -12.74
N LEU A 568 14.13 -2.33 -13.36
CA LEU A 568 13.90 -2.41 -14.79
C LEU A 568 12.44 -2.14 -15.12
N LEU A 569 11.53 -2.76 -14.38
CA LEU A 569 10.11 -2.48 -14.60
C LEU A 569 9.77 -1.07 -14.17
N ALA A 570 10.45 -0.58 -13.14
CA ALA A 570 10.33 0.80 -12.72
C ALA A 570 10.69 1.77 -13.83
N LEU A 571 11.75 1.49 -14.58
CA LEU A 571 12.13 2.37 -15.68
C LEU A 571 11.28 2.16 -16.91
N ASN A 572 10.70 0.97 -17.07
CA ASN A 572 9.79 0.74 -18.18
C ASN A 572 8.55 1.60 -18.05
N ILE A 573 8.07 1.84 -16.83
CA ILE A 573 6.84 2.62 -16.70
C ILE A 573 7.10 4.08 -16.31
N ALA A 574 8.33 4.56 -16.49
CA ALA A 574 8.74 5.83 -15.92
C ALA A 574 8.05 7.01 -16.57
N PHE A 575 7.84 6.94 -17.88
CA PHE A 575 7.15 8.01 -18.58
C PHE A 575 5.74 8.18 -18.08
N GLU A 576 5.02 7.06 -17.91
CA GLU A 576 3.64 7.10 -17.46
C GLU A 576 3.55 7.62 -16.04
N LYS A 577 4.47 7.20 -15.18
CA LYS A 577 4.49 7.68 -13.80
C LYS A 577 4.71 9.18 -13.72
N ALA A 578 5.70 9.69 -14.46
CA ALA A 578 5.96 11.12 -14.45
C ALA A 578 4.78 11.92 -14.96
N LEU A 579 4.12 11.41 -16.01
CA LEU A 579 2.99 12.11 -16.61
C LEU A 579 1.79 12.11 -15.68
N LEU A 580 1.52 10.98 -15.01
CA LEU A 580 0.39 10.91 -14.10
C LEU A 580 0.61 11.83 -12.90
N ALA A 581 1.82 11.85 -12.37
CA ALA A 581 2.12 12.69 -11.22
C ALA A 581 2.10 14.16 -11.58
N THR A 582 2.43 14.51 -12.82
CA THR A 582 2.35 15.91 -13.23
C THR A 582 0.92 16.35 -13.47
N ALA A 583 0.07 15.46 -13.98
CA ALA A 583 -1.34 15.84 -14.09
C ALA A 583 -1.99 15.96 -12.72
N THR A 584 -1.55 15.16 -11.75
CA THR A 584 -2.01 15.33 -10.37
C THR A 584 -1.64 16.70 -9.83
N TRP A 585 -0.36 17.05 -9.95
CA TRP A 585 0.10 18.39 -9.61
C TRP A 585 -0.74 19.47 -10.28
N PHE A 586 -1.12 19.25 -11.55
CA PHE A 586 -1.93 20.19 -12.31
C PHE A 586 -3.28 20.43 -11.65
N GLN A 587 -3.95 19.37 -11.23
CA GLN A 587 -5.26 19.55 -10.62
C GLN A 587 -5.14 20.28 -9.29
N TYR A 588 -4.16 19.92 -8.47
CA TYR A 588 -4.00 20.57 -7.18
C TYR A 588 -3.71 22.06 -7.33
N TYR A 589 -2.87 22.42 -8.29
CA TYR A 589 -2.59 23.83 -8.52
C TYR A 589 -3.84 24.57 -8.97
N THR A 590 -4.62 24.00 -9.88
CA THR A 590 -5.79 24.72 -10.35
C THR A 590 -6.84 24.84 -9.24
N GLU A 591 -6.98 23.83 -8.40
CA GLU A 591 -7.85 23.93 -7.24
C GLU A 591 -7.39 25.02 -6.28
N ASP A 592 -6.08 25.15 -6.11
CA ASP A 592 -5.54 26.12 -5.15
C ASP A 592 -5.65 27.54 -5.69
N GLN A 593 -4.96 27.84 -6.79
CA GLN A 593 -4.93 29.22 -7.27
C GLN A 593 -6.24 29.62 -7.92
N GLY A 594 -6.93 28.68 -8.54
CA GLY A 594 -8.16 28.99 -9.23
C GLY A 594 -8.06 29.12 -10.73
N HIS A 595 -6.92 28.77 -11.32
CA HIS A 595 -6.81 28.71 -12.77
C HIS A 595 -5.67 27.80 -13.14
N PHE A 596 -5.42 27.70 -14.44
CA PHE A 596 -4.47 26.73 -14.90
C PHE A 596 -3.05 27.25 -14.71
N PRO A 597 -2.10 26.39 -14.42
CA PRO A 597 -0.71 26.81 -14.31
C PRO A 597 -0.14 27.26 -15.64
N LEU A 598 0.84 28.15 -15.55
CA LEU A 598 1.55 28.59 -16.73
C LEU A 598 2.50 27.50 -17.18
N GLN A 599 2.98 27.62 -18.41
CA GLN A 599 3.72 26.54 -19.04
C GLN A 599 5.13 26.41 -18.50
N HIS A 600 5.72 27.49 -17.99
CA HIS A 600 7.09 27.42 -17.50
C HIS A 600 7.22 26.59 -16.23
N ALA A 601 6.42 26.86 -15.21
CA ALA A 601 6.42 26.06 -14.01
C ALA A 601 5.96 24.63 -14.25
N LEU A 602 5.02 24.45 -15.17
CA LEU A 602 4.49 23.12 -15.47
C LEU A 602 5.54 22.25 -16.12
N ARG A 603 6.37 22.83 -16.98
CA ARG A 603 7.44 22.07 -17.60
C ARG A 603 8.51 21.69 -16.61
N SER A 604 8.82 22.58 -15.66
CA SER A 604 9.83 22.29 -14.64
C SER A 604 9.37 21.20 -13.69
N VAL A 605 8.08 21.20 -13.37
CA VAL A 605 7.51 20.15 -12.54
C VAL A 605 7.60 18.80 -13.23
N PHE A 606 7.25 18.76 -14.53
CA PHE A 606 7.36 17.51 -15.28
C PHE A 606 8.79 16.99 -15.30
N SER A 607 9.77 17.88 -15.49
CA SER A 607 11.16 17.45 -15.54
C SER A 607 11.65 16.91 -14.20
N PHE A 608 11.26 17.56 -13.10
CA PHE A 608 11.60 17.07 -11.78
C PHE A 608 11.05 15.68 -11.52
N HIS A 609 9.77 15.48 -11.86
CA HIS A 609 9.14 14.17 -11.70
C HIS A 609 9.82 13.11 -12.53
N PHE A 610 10.24 13.46 -13.74
CA PHE A 610 10.91 12.51 -14.60
C PHE A 610 12.28 12.14 -14.07
N LEU A 611 13.03 13.11 -13.54
CA LEU A 611 14.34 12.81 -12.99
C LEU A 611 14.23 11.92 -11.76
N LEU A 612 13.21 12.14 -10.94
CA LEU A 612 13.01 11.26 -9.80
C LEU A 612 12.60 9.86 -10.25
N CYS A 613 11.80 9.77 -11.31
CA CYS A 613 11.41 8.47 -11.82
C CYS A 613 12.57 7.71 -12.45
N VAL A 614 13.59 8.41 -12.94
CA VAL A 614 14.75 7.76 -13.54
C VAL A 614 15.84 7.41 -12.54
N SER A 615 15.99 8.15 -11.44
CA SER A 615 17.04 7.83 -10.48
C SER A 615 16.80 6.52 -9.73
N GLN A 616 15.70 6.41 -8.99
CA GLN A 616 15.25 5.15 -8.37
C GLN A 616 16.29 4.54 -7.44
N LYS A 617 16.86 5.36 -6.58
CA LYS A 617 17.86 4.94 -5.63
C LYS A 617 17.24 4.92 -4.25
N MET A 618 17.79 4.14 -3.33
CA MET A 618 17.19 4.05 -2.01
C MET A 618 17.37 5.33 -1.20
N LYS A 619 18.49 6.01 -1.41
CA LYS A 619 18.86 7.13 -0.55
C LYS A 619 18.00 8.35 -0.83
N ILE A 620 17.35 8.41 -1.99
CA ILE A 620 16.44 9.51 -2.28
C ILE A 620 15.04 9.21 -1.76
N CYS A 621 14.67 7.94 -1.76
CA CYS A 621 13.42 7.52 -1.17
C CYS A 621 13.39 7.82 0.32
N ALA A 622 14.52 7.60 0.99
CA ALA A 622 14.63 7.89 2.41
C ALA A 622 14.49 9.37 2.70
N ILE A 623 15.00 10.21 1.82
CA ILE A 623 14.91 11.66 1.98
C ILE A 623 13.46 12.12 1.90
N PHE A 624 12.70 11.59 0.94
CA PHE A 624 11.31 12.04 0.83
C PHE A 624 10.44 11.46 1.94
N ASP A 625 10.74 10.23 2.35
CA ASP A 625 10.16 9.63 3.56
C ASP A 625 10.31 10.55 4.76
N ASN A 626 11.49 11.12 4.97
CA ASN A 626 11.63 12.02 6.11
C ASN A 626 10.96 13.35 5.86
N LEU A 627 10.91 13.80 4.62
CA LEU A 627 10.41 15.15 4.33
C LEU A 627 8.93 15.27 4.64
N ARG A 628 8.16 14.20 4.44
CA ARG A 628 6.73 14.30 4.68
C ARG A 628 6.41 14.42 6.17
N TYR A 629 7.37 14.09 7.02
CA TYR A 629 7.22 14.35 8.45
C TYR A 629 7.79 15.70 8.83
N LEU A 630 8.82 16.15 8.11
CA LEU A 630 9.39 17.44 8.45
C LEU A 630 8.46 18.58 8.11
N ILE A 631 7.63 18.45 7.09
CA ILE A 631 6.76 19.56 6.68
C ILE A 631 5.70 19.95 7.73
N PRO A 632 4.97 19.03 8.37
CA PRO A 632 4.02 19.50 9.38
C PRO A 632 4.68 19.91 10.68
N ALA A 633 5.92 19.50 10.90
CA ALA A 633 6.59 19.76 12.17
C ALA A 633 7.09 21.19 12.26
N VAL A 634 7.26 21.87 11.14
CA VAL A 634 7.69 23.26 11.16
C VAL A 634 6.57 24.25 10.90
N THR A 635 5.42 23.82 10.41
CA THR A 635 4.27 24.71 10.31
C THR A 635 3.30 24.56 11.46
N SER A 636 3.65 23.79 12.47
CA SER A 636 2.83 23.67 13.66
C SER A 636 3.37 24.57 14.77
N LEU A 637 2.56 24.76 15.80
CA LEU A 637 2.94 25.66 16.89
C LEU A 637 4.07 25.06 17.72
N TYR A 638 3.88 23.86 18.24
CA TYR A 638 4.87 23.13 18.99
C TYR A 638 5.01 21.77 18.35
N SER A 639 6.23 21.24 18.30
CA SER A 639 6.47 19.94 17.67
C SER A 639 7.86 19.48 18.06
N GLY A 640 8.22 18.28 17.61
CA GLY A 640 9.54 17.75 17.89
C GLY A 640 10.52 17.84 16.74
N TYR A 641 10.65 19.04 16.18
CA TYR A 641 11.46 19.22 14.98
C TYR A 641 12.94 19.13 15.28
N GLU A 642 13.36 19.33 16.52
CA GLU A 642 14.75 19.15 16.89
C GLU A 642 15.22 17.74 16.56
N LEU A 643 14.49 16.75 17.04
CA LEU A 643 14.88 15.36 16.83
C LEU A 643 14.68 14.93 15.39
N LEU A 644 13.70 15.51 14.70
CA LEU A 644 13.50 15.19 13.30
C LEU A 644 14.66 15.68 12.46
N ILE A 645 15.07 16.94 12.65
CA ILE A 645 16.20 17.46 11.91
C ILE A 645 17.48 16.74 12.30
N GLU A 646 17.55 16.24 13.53
CA GLU A 646 18.70 15.44 13.93
C GLU A 646 18.72 14.09 13.21
N LYS A 647 17.55 13.54 12.89
CA LYS A 647 17.55 12.28 12.16
C LYS A 647 17.70 12.50 10.66
N PHE A 648 17.50 13.72 10.19
CA PHE A 648 17.72 14.04 8.79
C PHE A 648 19.19 13.96 8.42
N PHE A 649 20.08 14.05 9.41
CA PHE A 649 21.51 14.09 9.22
C PHE A 649 22.19 12.78 9.51
N GLU A 650 21.44 11.71 9.73
CA GLU A 650 22.01 10.41 10.06
C GLU A 650 22.09 9.56 8.78
N ARG A 651 22.93 10.01 7.86
CA ARG A 651 23.06 9.39 6.55
C ARG A 651 24.31 9.93 5.87
N PRO A 652 24.81 9.25 4.85
CA PRO A 652 25.76 9.88 3.94
C PRO A 652 25.04 10.46 2.74
N PHE A 653 25.64 11.49 2.16
CA PHE A 653 25.12 12.12 0.96
C PHE A 653 26.02 11.75 -0.20
N LYS A 654 25.81 10.58 -0.79
CA LYS A 654 26.73 10.03 -1.77
C LYS A 654 26.74 10.78 -3.09
N SER A 655 25.61 10.86 -3.76
CA SER A 655 25.58 11.41 -5.10
C SER A 655 25.27 12.90 -5.06
N ALA A 656 25.16 13.49 -6.23
CA ALA A 656 24.93 14.92 -6.34
C ALA A 656 23.46 15.30 -6.27
N LEU A 657 22.57 14.40 -6.67
CA LEU A 657 21.14 14.64 -6.49
C LEU A 657 20.76 14.75 -5.03
N GLU A 658 21.50 14.11 -4.15
CA GLU A 658 21.23 14.13 -2.72
C GLU A 658 21.63 15.47 -2.12
N VAL A 659 22.77 16.01 -2.54
CA VAL A 659 23.18 17.31 -2.03
C VAL A 659 22.28 18.39 -2.57
N TYR A 660 21.80 18.23 -3.81
CA TYR A 660 20.84 19.18 -4.34
C TYR A 660 19.54 19.14 -3.55
N LEU A 661 19.13 17.94 -3.15
CA LEU A 661 17.90 17.78 -2.39
C LEU A 661 18.05 18.35 -1.00
N TYR A 662 19.22 18.17 -0.38
CA TYR A 662 19.50 18.77 0.92
C TYR A 662 19.37 20.28 0.86
N ASN A 663 19.88 20.89 -0.20
CA ASN A 663 19.82 22.35 -0.31
C ASN A 663 18.39 22.86 -0.42
N ILE A 664 17.61 22.26 -1.33
CA ILE A 664 16.26 22.79 -1.54
C ILE A 664 15.36 22.48 -0.34
N ILE A 665 15.58 21.34 0.31
CA ILE A 665 14.81 21.00 1.51
C ILE A 665 15.14 21.93 2.66
N LYS A 666 16.43 22.21 2.89
CA LYS A 666 16.83 23.10 3.96
C LYS A 666 16.24 24.48 3.78
N ALA A 667 16.26 25.00 2.55
CA ALA A 667 15.66 26.29 2.28
C ALA A 667 14.15 26.29 2.53
N LEU A 668 13.46 25.22 2.10
CA LEU A 668 12.02 25.17 2.30
C LEU A 668 11.66 25.11 3.77
N LEU A 669 12.40 24.33 4.56
CA LEU A 669 12.08 24.17 5.96
C LEU A 669 12.34 25.44 6.74
N ILE A 670 13.45 26.12 6.44
CA ILE A 670 13.71 27.40 7.09
C ILE A 670 12.66 28.43 6.71
N SER A 671 12.29 28.49 5.43
CA SER A 671 11.31 29.48 5.02
C SER A 671 9.92 29.17 5.52
N LEU A 672 9.67 27.92 5.89
CA LEU A 672 8.37 27.58 6.45
C LEU A 672 8.32 27.96 7.91
N ALA A 673 9.42 27.76 8.62
CA ALA A 673 9.44 28.10 10.03
C ALA A 673 9.42 29.61 10.24
N GLN A 674 10.00 30.37 9.30
CA GLN A 674 10.10 31.82 9.46
C GLN A 674 8.74 32.48 9.41
N ASN A 675 7.86 32.01 8.53
CA ASN A 675 6.57 32.65 8.35
C ASN A 675 5.65 32.39 9.51
N GLY A 700 -2.84 31.05 3.76
CA GLY A 700 -1.56 31.62 4.10
C GLY A 700 -0.60 31.75 2.95
N VAL A 701 0.70 31.67 3.21
CA VAL A 701 1.72 31.69 2.18
C VAL A 701 2.53 30.41 2.28
N TYR A 702 2.73 29.74 1.17
CA TYR A 702 3.36 28.43 1.21
C TYR A 702 4.19 28.15 -0.04
N PRO A 703 5.51 28.19 0.05
CA PRO A 703 6.34 27.98 -1.13
C PRO A 703 6.39 26.52 -1.59
N SER A 704 6.21 26.32 -2.89
CA SER A 704 6.37 25.03 -3.51
C SER A 704 7.81 24.60 -3.47
N LEU A 705 8.03 23.30 -3.69
CA LEU A 705 9.37 22.74 -3.63
C LEU A 705 10.07 22.62 -4.97
N MET A 706 9.34 22.46 -6.07
CA MET A 706 9.97 22.17 -7.35
C MET A 706 9.74 23.26 -8.36
N SER A 707 9.30 24.43 -7.93
CA SER A 707 9.00 25.51 -8.84
C SER A 707 8.98 26.79 -8.03
N ARG A 708 8.56 27.87 -8.68
CA ARG A 708 8.57 29.17 -8.04
C ARG A 708 7.14 29.64 -7.88
N VAL A 709 6.38 28.86 -7.13
CA VAL A 709 4.96 29.06 -6.94
C VAL A 709 4.69 29.09 -5.45
N VAL A 710 3.99 30.11 -4.98
CA VAL A 710 3.52 30.14 -3.61
C VAL A 710 2.06 29.72 -3.59
N TYR A 711 1.72 28.88 -2.63
CA TYR A 711 0.41 28.30 -2.49
C TYR A 711 -0.46 29.12 -1.53
N LYS A 712 -1.72 28.76 -1.47
CA LYS A 712 -2.63 29.33 -0.49
C LYS A 712 -2.89 28.38 0.64
N HIS A 713 -3.38 27.19 0.33
CA HIS A 713 -3.74 26.27 1.40
C HIS A 713 -2.59 25.33 1.69
N TYR A 714 -2.59 24.79 2.89
CA TYR A 714 -1.50 23.93 3.31
C TYR A 714 -1.54 22.60 2.62
N ARG A 715 -2.71 22.15 2.17
CA ARG A 715 -2.86 20.79 1.67
C ARG A 715 -2.11 20.59 0.38
N SER A 716 -1.96 21.64 -0.41
CA SER A 716 -1.31 21.55 -1.71
C SER A 716 0.16 21.23 -1.54
N LEU A 717 0.81 21.85 -0.57
CA LEU A 717 2.22 21.68 -0.29
C LEU A 717 2.55 20.30 0.24
N ILE A 718 1.74 19.77 1.15
CA ILE A 718 2.01 18.43 1.64
C ILE A 718 1.66 17.39 0.60
N SER A 719 0.70 17.68 -0.27
CA SER A 719 0.32 16.74 -1.31
C SER A 719 1.41 16.60 -2.34
N GLU A 720 2.11 17.69 -2.62
CA GLU A 720 3.28 17.64 -3.48
C GLU A 720 4.38 16.71 -2.97
N ALA A 721 4.68 16.76 -1.69
CA ALA A 721 5.71 15.88 -1.15
C ALA A 721 5.24 14.45 -1.06
N THR A 722 3.96 14.22 -0.83
CA THR A 722 3.39 12.88 -0.87
C THR A 722 3.47 12.28 -2.25
N THR A 723 3.24 13.09 -3.28
CA THR A 723 3.37 12.63 -4.65
C THR A 723 4.81 12.28 -4.98
N CYS A 724 5.77 13.08 -4.55
CA CYS A 724 7.19 12.76 -4.76
C CYS A 724 7.65 11.54 -3.99
N PHE A 725 7.04 11.26 -2.85
CA PHE A 725 7.40 10.06 -2.11
C PHE A 725 6.88 8.79 -2.76
N PHE A 726 5.76 8.86 -3.49
CA PHE A 726 5.14 7.69 -4.06
C PHE A 726 5.71 7.31 -5.40
N LEU A 727 6.61 8.11 -5.95
CA LEU A 727 7.26 7.77 -7.20
C LEU A 727 8.33 6.73 -7.04
N PHE A 728 8.53 6.22 -5.84
CA PHE A 728 9.59 5.27 -5.61
C PHE A 728 9.00 3.91 -5.35
N GLU A 729 9.56 2.91 -6.02
CA GLU A 729 9.01 1.57 -5.90
C GLU A 729 9.27 1.04 -4.51
N LYS A 730 8.52 0.02 -4.17
CA LYS A 730 8.66 -0.62 -2.88
C LYS A 730 9.70 -1.71 -2.97
N GLY A 731 10.52 -1.81 -1.94
CA GLY A 731 11.52 -2.85 -1.91
C GLY A 731 12.86 -2.45 -2.49
N LEU A 732 13.16 -1.15 -2.54
CA LEU A 732 14.43 -0.69 -3.07
C LEU A 732 15.60 -0.97 -2.15
N HIS A 733 15.34 -1.36 -0.90
CA HIS A 733 16.40 -1.66 0.06
C HIS A 733 17.23 -2.84 -0.39
N GLY A 734 18.46 -2.89 0.11
CA GLY A 734 19.29 -4.06 -0.08
C GLY A 734 18.75 -5.20 0.75
N ASN A 735 18.74 -6.40 0.19
CA ASN A 735 18.05 -7.51 0.81
C ASN A 735 18.67 -7.92 2.13
N LEU A 736 19.93 -8.35 2.10
CA LEU A 736 20.55 -8.93 3.28
C LEU A 736 20.91 -7.90 4.34
N ASN A 737 20.68 -6.62 4.07
CA ASN A 737 20.95 -5.59 5.06
C ASN A 737 19.67 -5.05 5.66
N GLU A 738 18.55 -5.11 4.93
CA GLU A 738 17.24 -4.77 5.48
C GLU A 738 16.57 -5.96 6.13
N GLU A 739 17.06 -7.16 5.86
CA GLU A 739 16.53 -8.36 6.47
C GLU A 739 17.15 -8.61 7.82
N ALA A 740 18.27 -7.98 8.12
CA ALA A 740 18.81 -8.01 9.47
C ALA A 740 18.30 -6.87 10.33
N LYS A 741 17.87 -5.77 9.72
CA LYS A 741 17.42 -4.59 10.45
C LYS A 741 16.01 -4.76 11.00
N ILE A 742 15.32 -5.84 10.64
CA ILE A 742 13.97 -6.05 11.14
C ILE A 742 13.99 -6.86 12.43
N HIS A 743 14.99 -7.72 12.61
CA HIS A 743 15.14 -8.50 13.82
C HIS A 743 15.66 -7.67 14.98
N LEU A 744 16.26 -6.51 14.69
CA LEU A 744 17.01 -5.78 15.69
C LEU A 744 16.10 -5.18 16.75
N GLU A 745 14.94 -4.71 16.34
CA GLU A 745 14.03 -4.05 17.27
C GLU A 745 13.48 -5.03 18.29
N THR A 746 13.04 -6.18 17.82
CA THR A 746 12.55 -7.22 18.71
C THR A 746 13.63 -7.67 19.67
N VAL A 747 14.86 -7.84 19.18
CA VAL A 747 15.93 -8.26 20.09
C VAL A 747 16.24 -7.20 21.14
N GLU A 748 16.26 -5.92 20.79
CA GLU A 748 16.75 -4.96 21.78
C GLU A 748 15.66 -4.57 22.77
N TRP A 749 14.39 -4.56 22.35
CA TRP A 749 13.32 -4.43 23.36
C TRP A 749 13.22 -5.65 24.25
N ALA A 750 13.58 -6.85 23.76
CA ALA A 750 13.61 -7.99 24.66
C ALA A 750 14.73 -7.87 25.69
N ARG A 751 15.89 -7.35 25.29
CA ARG A 751 16.94 -7.09 26.26
C ARG A 751 16.49 -6.11 27.34
N LYS A 752 15.80 -5.03 26.94
CA LYS A 752 15.27 -4.08 27.91
C LYS A 752 14.32 -4.74 28.89
N PHE A 753 13.43 -5.60 28.38
CA PHE A 753 12.48 -6.28 29.25
C PHE A 753 13.19 -7.19 30.24
N GLU A 754 14.22 -7.89 29.80
CA GLU A 754 14.92 -8.79 30.72
C GLU A 754 15.68 -8.01 31.77
N ALA A 755 16.17 -6.82 31.41
CA ALA A 755 16.78 -5.94 32.41
C ALA A 755 15.80 -5.59 33.51
N LYS A 756 14.61 -5.15 33.11
CA LYS A 756 13.58 -4.84 34.11
C LYS A 756 13.16 -6.07 34.91
N GLU A 757 13.14 -7.24 34.31
CA GLU A 757 12.70 -8.42 35.06
C GLU A 757 13.74 -8.86 36.07
N ARG A 758 15.02 -8.77 35.74
CA ARG A 758 16.01 -9.11 36.75
C ARG A 758 16.21 -7.99 37.77
N LYS A 759 15.67 -6.80 37.53
CA LYS A 759 15.72 -5.76 38.55
C LYS A 759 14.50 -5.72 39.46
N TYR A 760 13.28 -5.91 38.93
CA TYR A 760 12.03 -5.90 39.69
C TYR A 760 11.44 -7.27 39.98
N GLY A 761 11.88 -8.30 39.31
CA GLY A 761 11.29 -9.58 39.63
C GLY A 761 10.12 -9.86 38.73
N ASP A 762 9.79 -11.15 38.59
CA ASP A 762 8.79 -11.57 37.61
C ASP A 762 7.39 -11.10 37.97
N ILE A 763 7.09 -11.01 39.26
CA ILE A 763 5.72 -10.76 39.68
C ILE A 763 5.31 -9.34 39.33
N LEU A 764 6.23 -8.39 39.47
CA LEU A 764 5.86 -7.03 39.14
C LEU A 764 5.81 -6.83 37.64
N MET A 765 6.45 -7.72 36.88
CA MET A 765 6.36 -7.66 35.44
C MET A 765 5.06 -8.23 34.93
N ARG A 766 4.55 -9.29 35.54
CA ARG A 766 3.30 -9.91 35.13
C ARG A 766 2.06 -9.32 35.79
N GLU A 767 2.21 -8.63 36.90
CA GLU A 767 1.10 -8.19 37.74
C GLU A 767 0.98 -6.69 37.83
N GLY A 768 2.08 -5.96 37.82
CA GLY A 768 2.06 -4.52 37.84
C GLY A 768 2.39 -3.95 39.21
N TYR A 769 2.68 -2.68 39.24
CA TYR A 769 3.01 -2.03 40.49
C TYR A 769 1.79 -1.33 41.05
N THR A 770 1.92 -0.88 42.28
CA THR A 770 0.88 -0.13 42.96
C THR A 770 1.30 1.34 43.05
N ILE A 771 0.35 2.20 43.39
CA ILE A 771 0.69 3.61 43.57
C ILE A 771 1.57 3.82 44.80
N ASP A 772 1.46 2.96 45.80
CA ASP A 772 2.32 3.07 46.97
C ASP A 772 3.77 2.81 46.62
N ALA A 773 4.01 1.93 45.64
CA ALA A 773 5.38 1.68 45.21
C ALA A 773 5.96 2.87 44.49
N ILE A 774 5.13 3.67 43.81
CA ILE A 774 5.64 4.87 43.17
C ILE A 774 6.12 5.87 44.21
N ARG A 775 5.29 6.14 45.21
CA ARG A 775 5.58 7.21 46.15
C ARG A 775 6.54 6.78 47.25
N VAL A 776 6.70 5.49 47.51
CA VAL A 776 7.87 5.06 48.27
C VAL A 776 9.14 5.36 47.50
N GLY A 777 9.11 5.14 46.19
CA GLY A 777 10.19 5.56 45.34
C GLY A 777 11.05 4.44 44.81
N ASP A 778 10.56 3.21 44.79
CA ASP A 778 11.38 2.12 44.30
C ASP A 778 11.03 1.71 42.87
N VAL A 779 9.85 2.07 42.38
CA VAL A 779 9.47 1.84 40.99
C VAL A 779 9.19 3.20 40.38
N GLN A 780 9.56 3.38 39.13
CA GLN A 780 9.22 4.58 38.39
C GLN A 780 8.37 4.24 37.18
N VAL A 781 7.69 5.24 36.65
CA VAL A 781 6.82 5.00 35.52
C VAL A 781 7.66 4.86 34.25
N GLU A 782 8.22 3.68 34.01
CA GLU A 782 8.83 3.40 32.72
C GLU A 782 7.79 2.84 31.78
N GLN A 783 8.24 2.35 30.63
CA GLN A 783 7.32 2.04 29.54
C GLN A 783 6.92 0.58 29.49
N GLN A 784 7.80 -0.37 29.77
CA GLN A 784 7.36 -1.76 29.80
C GLN A 784 6.81 -2.19 31.16
N LEU A 785 6.05 -1.33 31.83
CA LEU A 785 5.49 -1.58 33.15
C LEU A 785 4.16 -0.87 33.25
N PHE A 786 3.19 -1.46 33.93
CA PHE A 786 1.86 -0.89 34.04
C PHE A 786 1.43 -0.82 35.50
N CYS A 787 0.47 0.06 35.77
CA CYS A 787 -0.04 0.27 37.11
C CYS A 787 -1.34 -0.49 37.30
N GLN A 788 -1.49 -1.13 38.46
CA GLN A 788 -2.69 -1.90 38.73
C GLN A 788 -3.92 -1.01 38.80
N GLU A 789 -3.82 0.08 39.55
CA GLU A 789 -4.96 0.96 39.78
C GLU A 789 -5.41 1.63 38.49
N VAL A 790 -4.47 1.98 37.62
CA VAL A 790 -4.83 2.70 36.41
C VAL A 790 -5.59 1.78 35.46
N VAL A 791 -5.14 0.54 35.36
CA VAL A 791 -5.79 -0.41 34.46
C VAL A 791 -7.20 -0.71 34.94
N GLU A 792 -7.36 -0.98 36.24
CA GLU A 792 -8.69 -1.31 36.74
C GLU A 792 -9.64 -0.13 36.70
N LEU A 793 -9.16 1.08 36.97
CA LEU A 793 -10.05 2.23 36.96
C LEU A 793 -10.40 2.64 35.54
N SER A 794 -9.52 2.37 34.58
CA SER A 794 -9.87 2.61 33.19
C SER A 794 -10.97 1.67 32.75
N ALA A 795 -10.88 0.40 33.19
CA ALA A 795 -11.96 -0.55 32.94
C ALA A 795 -13.25 -0.07 33.57
N GLU A 796 -13.17 0.58 34.74
CA GLU A 796 -14.38 1.06 35.39
C GLU A 796 -15.05 2.18 34.62
N GLU A 797 -14.27 3.10 34.03
CA GLU A 797 -14.89 4.12 33.19
C GLU A 797 -15.52 3.53 31.94
N LEU A 798 -14.81 2.63 31.27
CA LEU A 798 -15.41 1.98 30.12
C LEU A 798 -16.66 1.17 30.51
N ASN A 799 -16.63 0.55 31.69
CA ASN A 799 -17.79 -0.16 32.21
C ASN A 799 -18.98 0.75 32.38
N LYS A 800 -18.73 1.97 32.84
CA LYS A 800 -19.81 2.93 32.97
C LYS A 800 -20.36 3.36 31.61
N TYR A 801 -19.57 3.21 30.55
CA TYR A 801 -20.18 3.36 29.22
C TYR A 801 -20.86 2.09 28.70
N LEU A 802 -20.51 0.92 29.23
CA LEU A 802 -21.05 -0.35 28.73
C LEU A 802 -22.26 -0.84 29.49
N GLN A 803 -22.43 -0.39 30.73
CA GLN A 803 -23.53 -0.82 31.57
C GLN A 803 -24.87 -0.44 30.96
N ALA A 804 -24.90 0.66 30.22
CA ALA A 804 -26.10 1.12 29.55
C ALA A 804 -26.62 0.10 28.55
N LYS A 805 -25.85 -0.14 27.50
CA LYS A 805 -26.29 -0.93 26.35
C LYS A 805 -26.01 -2.42 26.58
N SER A 806 -26.61 -2.93 27.65
CA SER A 806 -26.39 -4.33 28.03
C SER A 806 -26.97 -5.29 27.02
N GLN A 807 -28.05 -4.88 26.34
CA GLN A 807 -28.73 -5.76 25.40
C GLN A 807 -27.89 -5.97 24.15
N VAL A 808 -27.51 -4.86 23.49
CA VAL A 808 -26.70 -4.91 22.29
C VAL A 808 -25.36 -5.57 22.56
N LEU A 809 -24.81 -5.36 23.76
CA LEU A 809 -23.55 -5.99 24.12
C LEU A 809 -23.71 -7.48 24.31
N SER A 810 -24.82 -7.92 24.89
CA SER A 810 -25.04 -9.36 24.97
C SER A 810 -25.32 -9.96 23.61
N SER A 811 -25.83 -9.16 22.68
CA SER A 811 -26.22 -9.71 21.38
C SER A 811 -25.07 -9.64 20.38
N ASN A 812 -24.01 -8.90 20.70
CA ASN A 812 -22.82 -8.94 19.84
C ASN A 812 -21.92 -10.11 20.20
N ILE A 813 -21.85 -10.45 21.49
CA ILE A 813 -21.04 -11.59 21.90
C ILE A 813 -21.64 -12.90 21.44
N MET A 814 -22.94 -12.93 21.14
CA MET A 814 -23.56 -14.13 20.62
C MET A 814 -23.39 -14.26 19.11
N ASN A 815 -23.42 -13.14 18.41
CA ASN A 815 -23.28 -13.11 16.96
C ASN A 815 -21.86 -13.35 16.49
N LYS A 816 -20.90 -13.54 17.39
CA LYS A 816 -19.57 -13.96 16.98
C LYS A 816 -19.51 -15.46 16.78
N HIS A 817 -20.48 -16.19 17.31
CA HIS A 817 -20.66 -17.64 17.14
C HIS A 817 -19.48 -18.41 17.70
N TRP A 818 -19.63 -18.81 18.96
CA TRP A 818 -18.60 -19.59 19.64
C TRP A 818 -18.87 -21.07 19.51
N ASP A 819 -19.84 -21.42 18.68
CA ASP A 819 -20.22 -22.81 18.44
C ASP A 819 -20.36 -23.13 16.96
N LYS A 820 -20.33 -22.13 16.09
CA LYS A 820 -19.92 -22.36 14.72
C LYS A 820 -18.61 -23.12 14.72
N PRO A 821 -18.44 -24.12 13.89
CA PRO A 821 -17.21 -24.91 13.93
C PRO A 821 -16.05 -24.14 13.34
N TYR A 822 -14.85 -24.46 13.82
CA TYR A 822 -13.64 -23.89 13.27
C TYR A 822 -13.42 -24.51 11.89
N PHE A 823 -12.54 -23.89 11.10
CA PHE A 823 -12.19 -24.25 9.72
C PHE A 823 -13.32 -23.98 8.72
N SER A 824 -14.56 -23.86 9.19
CA SER A 824 -15.68 -23.53 8.32
C SER A 824 -15.90 -22.03 8.23
N GLN A 825 -15.08 -21.21 8.87
CA GLN A 825 -15.03 -19.81 8.55
C GLN A 825 -14.13 -19.62 7.36
N THR A 826 -14.23 -18.47 6.71
CA THR A 826 -13.37 -18.20 5.57
C THR A 826 -11.91 -18.09 6.01
N ARG A 827 -11.66 -17.29 7.05
CA ARG A 827 -10.30 -16.91 7.42
C ARG A 827 -9.45 -18.07 7.84
N ASN A 828 -10.06 -19.15 8.29
CA ASN A 828 -9.24 -20.25 8.75
C ASN A 828 -8.93 -21.22 7.62
N ILE A 829 -9.30 -20.89 6.39
CA ILE A 829 -8.97 -21.70 5.21
C ILE A 829 -8.57 -20.72 4.11
N SER A 830 -7.57 -19.90 4.36
CA SER A 830 -7.22 -18.84 3.44
C SER A 830 -5.85 -19.12 2.83
N LEU A 831 -5.28 -18.08 2.25
CA LEU A 831 -4.01 -18.11 1.56
C LEU A 831 -2.99 -17.19 2.21
N LYS A 832 -2.67 -17.39 3.49
CA LYS A 832 -2.03 -16.31 4.23
C LYS A 832 -0.69 -16.71 4.81
N GLY A 833 -0.30 -17.96 4.68
CA GLY A 833 1.01 -18.25 5.22
C GLY A 833 0.96 -18.54 6.69
N MET A 834 1.47 -19.71 7.05
CA MET A 834 1.54 -20.12 8.43
C MET A 834 2.81 -20.93 8.61
N SER A 835 3.38 -20.84 9.79
CA SER A 835 4.49 -21.70 10.12
C SER A 835 3.98 -23.11 10.28
N GLY A 836 4.89 -24.06 10.31
CA GLY A 836 4.48 -25.43 10.42
C GLY A 836 5.24 -26.13 11.51
N ALA A 837 5.47 -27.42 11.37
CA ALA A 837 6.21 -28.15 12.39
C ALA A 837 7.71 -27.86 12.28
N LEU A 838 8.42 -28.15 13.36
CA LEU A 838 9.82 -27.79 13.45
C LEU A 838 10.65 -28.73 12.60
N GLN A 839 11.51 -28.17 11.75
CA GLN A 839 12.20 -28.97 10.75
C GLN A 839 13.35 -29.75 11.37
N GLU A 840 14.37 -29.96 10.55
CA GLU A 840 15.61 -30.57 11.05
C GLU A 840 16.71 -29.54 11.20
N ASP A 841 16.72 -28.53 10.32
CA ASP A 841 17.75 -27.51 10.41
C ASP A 841 17.59 -26.67 11.67
N GLY A 842 16.36 -26.52 12.14
CA GLY A 842 16.10 -25.86 13.39
C GLY A 842 15.10 -24.75 13.22
N HIS A 843 14.65 -24.55 11.99
CA HIS A 843 13.67 -23.52 11.72
C HIS A 843 12.30 -24.15 11.60
N LEU A 844 11.32 -23.33 11.25
CA LEU A 844 9.97 -23.83 11.10
C LEU A 844 9.73 -24.13 9.63
N ALA A 845 8.59 -24.69 9.32
CA ALA A 845 8.23 -24.84 7.92
C ALA A 845 7.70 -23.51 7.40
N ALA A 846 7.20 -23.52 6.21
CA ALA A 846 6.48 -22.36 5.71
C ALA A 846 5.42 -22.93 4.80
N SER A 847 4.26 -23.20 5.37
CA SER A 847 3.14 -23.65 4.60
C SER A 847 2.15 -22.52 4.41
N VAL A 848 0.91 -22.88 4.13
CA VAL A 848 -0.17 -21.93 3.89
C VAL A 848 -1.25 -22.31 4.90
N THR A 849 -2.12 -21.36 5.23
CA THR A 849 -3.24 -21.62 6.12
C THR A 849 -4.04 -22.84 5.66
N LEU A 850 -4.32 -22.93 4.36
CA LEU A 850 -5.16 -24.00 3.84
C LEU A 850 -4.49 -25.36 3.97
N ILE A 851 -3.17 -25.42 3.84
CA ILE A 851 -2.49 -26.70 3.94
C ILE A 851 -2.56 -27.23 5.36
N GLU A 852 -2.45 -26.36 6.34
CA GLU A 852 -2.56 -26.79 7.72
C GLU A 852 -4.01 -27.04 8.12
N ALA A 853 -4.96 -26.35 7.49
CA ALA A 853 -6.37 -26.68 7.66
C ALA A 853 -6.69 -28.08 7.13
N ILE A 854 -6.22 -28.42 5.93
CA ILE A 854 -6.40 -29.78 5.43
C ILE A 854 -5.58 -30.78 6.23
N ARG A 855 -4.49 -30.36 6.86
CA ARG A 855 -3.64 -31.27 7.61
C ARG A 855 -4.21 -31.60 8.98
N PHE A 856 -4.90 -30.66 9.62
CA PHE A 856 -5.52 -30.97 10.91
C PHE A 856 -6.69 -31.93 10.73
N LEU A 857 -7.52 -31.67 9.72
CA LEU A 857 -8.75 -32.43 9.53
C LEU A 857 -8.45 -33.89 9.21
N ASN A 858 -7.24 -34.20 8.78
CA ASN A 858 -6.89 -35.58 8.47
C ASN A 858 -6.32 -36.29 9.69
N ARG A 859 -6.69 -35.83 10.89
CA ARG A 859 -6.67 -36.63 12.11
C ARG A 859 -7.58 -36.06 13.19
N SER A 860 -8.34 -35.03 12.89
CA SER A 860 -9.19 -34.39 13.89
C SER A 860 -10.32 -35.30 14.33
N GLN A 861 -10.97 -35.98 13.37
CA GLN A 861 -12.16 -36.83 13.51
C GLN A 861 -13.45 -36.04 13.74
N THR A 862 -13.37 -34.73 14.02
CA THR A 862 -14.54 -33.86 14.03
C THR A 862 -14.19 -32.55 13.35
N ASN A 863 -15.14 -31.60 13.36
CA ASN A 863 -14.87 -30.21 13.00
C ASN A 863 -15.15 -29.35 14.21
N PRO A 864 -14.20 -29.25 15.16
CA PRO A 864 -14.51 -28.66 16.45
C PRO A 864 -14.63 -27.15 16.41
N ASN A 865 -15.15 -26.58 17.48
CA ASN A 865 -15.32 -25.14 17.59
C ASN A 865 -14.16 -24.52 18.37
N VAL A 866 -14.15 -23.18 18.42
CA VAL A 866 -12.92 -22.47 18.74
C VAL A 866 -12.49 -22.72 20.19
N ILE A 867 -13.46 -22.90 21.09
CA ILE A 867 -13.11 -23.22 22.47
C ILE A 867 -12.57 -24.65 22.57
N ASP A 868 -13.08 -25.56 21.75
CA ASP A 868 -12.60 -26.93 21.85
C ASP A 868 -11.31 -27.12 21.09
N MET A 869 -11.02 -26.28 20.11
CA MET A 869 -9.68 -26.29 19.56
C MET A 869 -8.68 -25.65 20.51
N TYR A 870 -9.08 -24.61 21.23
CA TYR A 870 -8.18 -24.04 22.23
C TYR A 870 -7.91 -25.05 23.33
N GLU A 871 -8.95 -25.73 23.80
CA GLU A 871 -8.76 -26.81 24.75
C GLU A 871 -7.95 -27.94 24.17
N GLN A 872 -7.97 -28.09 22.85
CA GLN A 872 -7.20 -29.13 22.20
C GLN A 872 -5.72 -28.78 22.11
N THR A 873 -5.41 -27.59 21.61
CA THR A 873 -4.04 -27.17 21.30
C THR A 873 -3.62 -26.02 22.18
N LYS A 874 -3.15 -26.32 23.37
CA LYS A 874 -2.65 -25.26 24.23
C LYS A 874 -1.44 -25.69 25.05
N GLN A 875 -1.00 -26.92 24.93
CA GLN A 875 0.27 -27.26 25.54
C GLN A 875 1.45 -26.73 24.74
N HIS A 876 1.23 -26.37 23.48
CA HIS A 876 2.27 -25.79 22.65
C HIS A 876 2.41 -24.30 22.91
N LYS A 877 3.63 -23.80 22.77
CA LYS A 877 3.93 -22.40 22.96
C LYS A 877 3.65 -21.63 21.68
N ALA A 878 3.66 -20.30 21.79
CA ALA A 878 3.38 -19.47 20.65
C ALA A 878 4.64 -19.22 19.85
N GLN A 879 4.90 -20.04 18.83
CA GLN A 879 5.93 -19.76 17.85
C GLN A 879 5.52 -18.58 16.97
N ALA A 880 6.52 -17.95 16.38
CA ALA A 880 6.31 -16.87 15.43
C ALA A 880 7.59 -16.68 14.63
N ARG A 881 7.45 -16.00 13.49
CA ARG A 881 8.57 -15.78 12.58
C ARG A 881 8.34 -14.45 11.90
N ILE A 882 9.41 -13.77 11.51
CA ILE A 882 9.28 -12.41 10.98
C ILE A 882 9.71 -12.40 9.52
N VAL A 883 8.94 -11.69 8.69
CA VAL A 883 9.03 -11.78 7.24
C VAL A 883 8.68 -10.41 6.68
N ARG A 884 9.61 -9.81 5.92
CA ARG A 884 9.55 -8.43 5.44
C ARG A 884 8.27 -8.01 4.75
N LYS A 885 7.79 -6.82 5.04
CA LYS A 885 6.57 -6.30 4.43
C LYS A 885 6.82 -5.66 3.08
N TYR A 886 8.08 -5.38 2.74
CA TYR A 886 8.49 -4.80 1.46
C TYR A 886 7.81 -3.46 1.22
N GLN A 887 8.00 -2.55 2.16
CA GLN A 887 7.41 -1.23 2.01
C GLN A 887 8.37 -0.27 1.37
N ARG A 888 7.88 0.94 1.15
CA ARG A 888 8.62 1.99 0.49
C ARG A 888 9.30 2.93 1.49
N THR A 889 8.91 2.90 2.76
CA THR A 889 9.50 3.71 3.80
C THR A 889 10.94 3.27 4.10
N GLU A 890 11.68 4.13 4.81
CA GLU A 890 13.13 3.95 4.85
C GLU A 890 13.59 2.87 5.81
N ALA A 891 12.77 2.50 6.77
CA ALA A 891 13.04 1.31 7.57
C ALA A 891 11.88 0.37 7.33
N ASP A 892 12.17 -0.83 6.86
CA ASP A 892 11.12 -1.78 6.52
C ASP A 892 10.65 -2.49 7.78
N ARG A 893 9.38 -2.88 7.81
CA ARG A 893 8.76 -3.28 9.07
C ARG A 893 8.63 -4.79 9.18
N GLY A 894 7.63 -5.23 9.94
CA GLY A 894 7.72 -6.52 10.58
C GLY A 894 6.95 -7.61 9.88
N PHE A 895 5.65 -7.74 10.21
CA PHE A 895 4.78 -8.86 9.80
C PHE A 895 5.27 -10.20 10.35
N PHE A 896 4.52 -10.73 11.31
CA PHE A 896 4.79 -12.08 11.80
C PHE A 896 3.92 -13.14 11.16
N ILE A 897 4.43 -14.35 11.19
CA ILE A 897 3.75 -15.55 10.73
C ILE A 897 3.79 -16.54 11.88
N THR A 898 2.63 -16.92 12.37
CA THR A 898 2.52 -17.73 13.57
C THR A 898 1.99 -19.11 13.24
N THR A 899 2.09 -20.00 14.20
CA THR A 899 1.62 -21.36 14.01
C THR A 899 0.11 -21.42 14.12
N LEU A 900 -0.47 -22.63 14.10
CA LEU A 900 -1.92 -22.74 14.28
C LEU A 900 -2.34 -22.50 15.73
N PRO A 901 -1.70 -23.12 16.75
CA PRO A 901 -2.11 -22.83 18.13
C PRO A 901 -2.07 -21.37 18.51
N THR A 902 -1.14 -20.60 17.97
CA THR A 902 -1.11 -19.18 18.23
C THR A 902 -2.32 -18.50 17.62
N ARG A 903 -2.73 -18.98 16.47
CA ARG A 903 -3.81 -18.35 15.73
C ARG A 903 -5.14 -18.64 16.41
N VAL A 904 -5.24 -19.76 17.12
CA VAL A 904 -6.44 -20.08 17.87
C VAL A 904 -6.68 -19.09 19.01
N ARG A 905 -5.65 -18.90 19.84
CA ARG A 905 -5.74 -17.97 20.98
C ARG A 905 -6.00 -16.56 20.52
N LEU A 906 -5.32 -16.14 19.46
CA LEU A 906 -5.55 -14.79 19.00
C LEU A 906 -6.95 -14.65 18.43
N GLU A 907 -7.50 -15.71 17.82
CA GLU A 907 -8.90 -15.68 17.37
C GLU A 907 -9.86 -15.46 18.53
N ILE A 908 -9.67 -16.19 19.62
CA ILE A 908 -10.53 -16.07 20.81
C ILE A 908 -10.51 -14.64 21.33
N ILE A 909 -9.30 -14.10 21.51
CA ILE A 909 -9.17 -12.78 22.11
C ILE A 909 -9.75 -11.70 21.23
N GLU A 910 -9.45 -11.73 19.92
CA GLU A 910 -9.96 -10.69 19.05
C GLU A 910 -11.47 -10.79 18.86
N ASP A 911 -12.03 -12.00 18.94
CA ASP A 911 -13.48 -12.12 18.83
C ASP A 911 -14.18 -11.48 20.01
N TYR A 912 -13.71 -11.80 21.23
CA TYR A 912 -14.25 -11.18 22.43
C TYR A 912 -14.16 -9.66 22.38
N TYR A 913 -12.96 -9.16 22.10
CA TYR A 913 -12.75 -7.72 22.16
C TYR A 913 -13.44 -7.01 21.01
N ASP A 914 -13.67 -7.70 19.90
CA ASP A 914 -14.40 -7.09 18.80
C ASP A 914 -15.86 -6.92 19.15
N ALA A 915 -16.48 -7.96 19.71
CA ALA A 915 -17.85 -7.84 20.19
C ALA A 915 -17.99 -6.71 21.18
N ILE A 916 -17.03 -6.54 22.09
CA ILE A 916 -17.12 -5.44 23.06
C ILE A 916 -16.87 -4.08 22.43
N ALA A 917 -15.92 -3.96 21.52
CA ALA A 917 -15.54 -2.68 20.95
C ALA A 917 -16.46 -2.21 19.84
N ARG A 918 -17.42 -3.02 19.42
CA ARG A 918 -18.41 -2.51 18.48
C ARG A 918 -19.28 -1.41 19.06
N VAL A 919 -19.52 -1.39 20.36
CA VAL A 919 -20.50 -0.47 20.96
C VAL A 919 -19.85 0.77 21.55
N VAL A 920 -18.54 0.95 21.39
CA VAL A 920 -17.80 2.07 21.95
C VAL A 920 -17.43 3.00 20.80
N PRO A 921 -17.90 4.25 20.77
CA PRO A 921 -17.64 5.11 19.61
C PRO A 921 -16.20 5.58 19.44
N GLU A 922 -15.43 5.73 20.51
CA GLU A 922 -14.09 6.33 20.44
C GLU A 922 -12.99 5.34 20.06
N GLU A 923 -13.32 4.17 19.58
CA GLU A 923 -12.35 3.16 19.18
C GLU A 923 -12.53 3.03 17.67
N TYR A 924 -11.44 3.22 16.92
CA TYR A 924 -11.62 3.29 15.47
C TYR A 924 -10.95 2.17 14.70
N ILE A 925 -10.69 1.02 15.29
CA ILE A 925 -10.14 -0.09 14.51
C ILE A 925 -11.27 -0.90 13.92
N SER A 926 -12.23 -1.30 14.74
CA SER A 926 -13.36 -2.13 14.37
C SER A 926 -14.55 -1.32 13.90
N TYR A 927 -14.35 -0.32 13.05
CA TYR A 927 -15.24 0.82 13.08
C TYR A 927 -14.99 1.77 11.92
N LYS A 931 -15.10 2.67 6.72
CA LYS A 931 -15.90 3.81 7.09
C LYS A 931 -15.36 4.48 8.35
N LYS A 932 -14.16 5.03 8.23
CA LYS A 932 -13.49 5.67 9.37
C LYS A 932 -13.62 7.19 9.29
N ILE A 933 -13.53 7.75 8.09
CA ILE A 933 -13.41 9.20 7.95
C ILE A 933 -14.73 9.89 8.28
N LEU A 934 -15.84 9.19 8.05
CA LEU A 934 -17.16 9.68 8.44
C LEU A 934 -17.19 9.97 9.94
N ASN A 935 -16.81 8.98 10.73
CA ASN A 935 -16.88 9.09 12.17
C ASN A 935 -15.88 10.08 12.73
N ILE A 936 -14.68 10.11 12.14
CA ILE A 936 -13.67 11.11 12.49
C ILE A 936 -14.23 12.50 12.31
N GLN A 937 -14.83 12.79 11.16
CA GLN A 937 -15.22 14.18 10.93
C GLN A 937 -16.48 14.52 11.70
N THR A 938 -17.24 13.51 12.11
CA THR A 938 -18.30 13.76 13.09
C THR A 938 -17.71 14.19 14.42
N ALA A 939 -16.62 13.55 14.83
CA ALA A 939 -15.96 13.94 16.07
C ALA A 939 -15.36 15.35 15.97
N LEU A 940 -14.74 15.68 14.85
CA LEU A 940 -14.22 17.03 14.67
C LEU A 940 -15.35 18.05 14.68
N GLU A 941 -16.49 17.72 14.06
CA GLU A 941 -17.60 18.65 13.99
C GLU A 941 -18.21 18.89 15.37
N LYS A 942 -18.33 17.82 16.15
CA LYS A 942 -18.81 17.96 17.52
C LYS A 942 -17.88 18.85 18.35
N ALA A 943 -16.57 18.64 18.19
CA ALA A 943 -15.61 19.39 18.97
C ALA A 943 -15.57 20.85 18.59
N LEU A 944 -15.66 21.14 17.28
CA LEU A 944 -15.79 22.54 16.85
C LEU A 944 -17.10 23.15 17.28
N ARG A 945 -18.15 22.35 17.46
CA ARG A 945 -19.40 22.90 17.96
C ARG A 945 -19.33 23.29 19.42
N TRP A 946 -18.52 22.60 20.23
CA TRP A 946 -18.40 23.02 21.62
C TRP A 946 -17.83 24.42 21.74
N ALA A 947 -16.88 24.77 20.91
CA ALA A 947 -16.22 26.07 21.04
C ALA A 947 -16.97 27.17 20.33
N SER A 948 -18.28 27.18 20.43
CA SER A 948 -19.08 28.30 19.97
C SER A 948 -19.60 29.14 21.10
N GLY A 949 -20.01 28.53 22.21
CA GLY A 949 -20.45 29.25 23.39
C GLY A 949 -19.28 29.80 24.19
N SER A 950 -19.60 30.33 25.36
CA SER A 950 -18.62 31.05 26.15
C SER A 950 -18.87 30.82 27.63
N SER A 951 -18.03 30.00 28.24
CA SER A 951 -18.10 29.68 29.66
C SER A 951 -17.66 30.87 30.49
N GLU A 952 -18.06 30.87 31.77
CA GLU A 952 -17.65 31.90 32.71
C GLU A 952 -17.81 31.38 34.12
N ILE A 953 -17.27 32.14 35.09
CA ILE A 953 -17.21 31.72 36.49
C ILE A 953 -17.73 32.85 37.37
N THR A 954 -18.43 32.48 38.45
CA THR A 954 -18.75 33.39 39.53
C THR A 954 -17.88 33.08 40.75
N THR A 955 -17.16 34.07 41.26
CA THR A 955 -16.19 33.84 42.31
C THR A 955 -16.85 33.74 43.68
N SER A 956 -16.01 33.87 44.71
CA SER A 956 -16.49 33.85 46.09
C SER A 956 -17.34 35.08 46.38
N THR A 957 -16.74 36.26 46.26
CA THR A 957 -17.45 37.52 46.45
C THR A 957 -18.54 37.74 45.42
N GLY A 958 -18.37 37.22 44.20
CA GLY A 958 -19.33 37.45 43.14
C GLY A 958 -18.76 38.16 41.94
N ASN A 959 -17.43 38.18 41.79
CA ASN A 959 -16.84 38.60 40.53
C ASN A 959 -17.25 37.62 39.46
N VAL A 960 -17.75 38.14 38.34
CA VAL A 960 -18.08 37.33 37.18
C VAL A 960 -16.94 37.46 36.20
N ILE A 961 -16.30 36.34 35.88
CA ILE A 961 -15.09 36.33 35.06
C ILE A 961 -15.41 35.57 33.79
N LYS A 962 -15.27 36.24 32.66
CA LYS A 962 -15.63 35.70 31.36
C LYS A 962 -14.41 35.07 30.70
N PHE A 963 -14.65 33.99 29.95
CA PHE A 963 -13.57 33.23 29.36
C PHE A 963 -13.90 32.89 27.91
N LYS A 964 -12.87 32.58 27.15
CA LYS A 964 -13.05 32.07 25.80
C LYS A 964 -12.75 30.59 25.72
N ARG A 965 -13.10 30.01 24.58
CA ARG A 965 -12.95 28.59 24.32
C ARG A 965 -12.04 28.39 23.13
N ARG A 966 -10.97 27.64 23.32
CA ARG A 966 -10.01 27.39 22.27
C ARG A 966 -9.87 25.89 22.08
N LEU A 967 -9.21 25.52 20.99
CA LEU A 967 -8.93 24.13 20.65
C LEU A 967 -7.44 23.94 20.51
N MET A 968 -6.99 22.71 20.66
CA MET A 968 -5.58 22.44 20.47
C MET A 968 -5.38 20.98 20.08
N TYR A 969 -5.24 20.73 18.78
CA TYR A 969 -5.17 19.35 18.31
C TYR A 969 -3.81 18.76 18.57
N VAL A 970 -3.80 17.58 19.15
CA VAL A 970 -2.53 16.90 19.32
C VAL A 970 -2.57 15.65 18.43
N SER A 971 -1.99 15.77 17.24
CA SER A 971 -1.90 14.64 16.33
C SER A 971 -0.89 13.63 16.84
N ALA A 972 -1.31 12.70 17.69
CA ALA A 972 -0.36 11.82 18.31
C ALA A 972 0.11 10.75 17.34
N ASP A 973 1.09 9.98 17.78
CA ASP A 973 1.72 8.98 16.92
C ASP A 973 2.54 8.04 17.80
N ALA A 974 2.67 6.80 17.36
CA ALA A 974 3.50 5.83 18.04
C ALA A 974 4.01 4.77 17.06
N SER A 978 5.49 0.90 20.54
CA SER A 978 4.56 -0.23 20.60
C SER A 978 5.22 -1.60 20.80
N PRO A 979 6.45 -1.85 20.34
CA PRO A 979 7.16 -3.03 20.83
C PRO A 979 7.56 -2.92 22.29
N GLY A 980 7.60 -1.72 22.85
CA GLY A 980 7.79 -1.59 24.27
C GLY A 980 6.45 -1.44 24.96
N ASP A 981 5.87 -2.57 25.39
CA ASP A 981 4.50 -2.61 25.84
C ASP A 981 4.23 -4.00 26.40
N ASN A 982 3.87 -4.08 27.68
CA ASN A 982 3.63 -5.36 28.33
C ASN A 982 2.25 -5.87 27.95
N SER A 983 2.17 -7.10 27.48
CA SER A 983 0.87 -7.62 27.07
C SER A 983 0.11 -8.22 28.22
N ALA A 984 0.51 -7.94 29.44
CA ALA A 984 -0.12 -8.51 30.63
C ALA A 984 -1.01 -7.51 31.32
N LYS A 985 -1.13 -6.31 30.81
CA LYS A 985 -2.12 -5.39 31.37
C LYS A 985 -3.52 -5.78 30.96
N PHE A 986 -3.62 -6.57 29.91
CA PHE A 986 -4.91 -6.90 29.33
C PHE A 986 -5.64 -7.89 30.18
N LYS A 987 -4.93 -8.64 31.02
CA LYS A 987 -5.59 -9.59 31.90
C LYS A 987 -6.45 -8.88 32.94
N ARG A 988 -5.85 -7.96 33.68
CA ARG A 988 -6.59 -7.17 34.64
C ARG A 988 -7.57 -6.23 33.97
N PHE A 989 -7.33 -5.87 32.72
CA PHE A 989 -8.35 -5.08 32.03
C PHE A 989 -9.54 -5.91 31.61
N THR A 990 -9.30 -7.14 31.16
CA THR A 990 -10.32 -8.05 30.67
C THR A 990 -11.22 -8.52 31.79
N GLN A 991 -10.64 -8.92 32.92
CA GLN A 991 -11.45 -9.43 34.02
C GLN A 991 -12.39 -8.38 34.59
N ALA A 992 -12.05 -7.11 34.45
CA ALA A 992 -12.87 -6.07 35.05
C ALA A 992 -13.87 -5.46 34.08
N LEU A 993 -14.00 -6.02 32.89
CA LEU A 993 -14.93 -5.50 31.89
C LEU A 993 -16.31 -6.10 32.07
N TYR A 994 -17.31 -5.24 32.16
CA TYR A 994 -18.70 -5.66 32.07
C TYR A 994 -18.98 -6.09 30.65
N ASP A 995 -19.66 -7.22 30.48
CA ASP A 995 -20.02 -7.67 29.16
C ASP A 995 -21.51 -7.98 28.99
N GLY A 996 -22.29 -7.94 30.06
CA GLY A 996 -23.70 -8.23 29.94
C GLY A 996 -23.96 -9.69 29.63
N LEU A 997 -23.41 -10.57 30.45
CA LEU A 997 -23.64 -11.99 30.35
C LEU A 997 -24.10 -12.51 31.70
N SER A 998 -24.66 -13.72 31.68
CA SER A 998 -25.27 -14.27 32.88
C SER A 998 -24.23 -14.90 33.79
N ASP A 999 -22.98 -14.95 33.32
CA ASP A 999 -21.94 -15.68 34.00
C ASP A 999 -20.57 -15.22 33.50
N GLU A 1000 -19.50 -15.90 33.91
CA GLU A 1000 -18.16 -15.45 33.58
C GLU A 1000 -17.30 -16.61 33.13
N LYS A 1001 -17.87 -17.50 32.31
CA LYS A 1001 -17.11 -18.63 31.83
C LYS A 1001 -16.37 -18.33 30.54
N LEU A 1002 -16.78 -17.31 29.80
CA LEU A 1002 -16.08 -16.91 28.59
C LEU A 1002 -14.95 -15.94 28.89
N LYS A 1003 -15.19 -15.03 29.82
CA LYS A 1003 -14.18 -14.11 30.31
C LYS A 1003 -12.95 -14.81 30.85
N CYS A 1004 -13.14 -15.85 31.66
CA CYS A 1004 -12.01 -16.54 32.23
C CYS A 1004 -11.25 -17.32 31.18
N CYS A 1005 -11.93 -17.70 30.09
CA CYS A 1005 -11.23 -18.33 28.98
C CYS A 1005 -10.42 -17.31 28.19
N VAL A 1006 -10.93 -16.09 28.04
CA VAL A 1006 -10.12 -15.05 27.39
C VAL A 1006 -8.88 -14.74 28.23
N VAL A 1007 -9.05 -14.64 29.55
CA VAL A 1007 -7.90 -14.43 30.43
C VAL A 1007 -6.90 -15.58 30.31
N ASP A 1008 -7.38 -16.82 30.21
CA ASP A 1008 -6.45 -17.93 30.09
C ASP A 1008 -5.78 -17.94 28.73
N ALA A 1009 -6.43 -17.38 27.70
CA ALA A 1009 -5.77 -17.28 26.42
C ALA A 1009 -4.68 -16.23 26.46
N LEU A 1010 -4.93 -15.10 27.13
CA LEU A 1010 -3.94 -14.04 27.28
C LEU A 1010 -2.75 -14.48 28.11
N ARG A 1011 -2.98 -15.30 29.10
CA ARG A 1011 -1.95 -15.90 29.92
C ARG A 1011 -1.06 -16.84 29.13
N HIS A 1012 -1.40 -17.16 27.88
CA HIS A 1012 -0.60 -18.01 27.02
C HIS A 1012 0.08 -17.27 25.87
N VAL A 1013 -0.22 -16.00 25.64
CA VAL A 1013 0.51 -15.22 24.66
C VAL A 1013 1.55 -14.32 25.30
N TYR A 1014 1.86 -14.54 26.57
CA TYR A 1014 2.90 -13.80 27.25
C TYR A 1014 4.24 -14.09 26.63
N GLU A 1015 4.76 -15.29 26.88
CA GLU A 1015 5.99 -15.72 26.24
C GLU A 1015 5.75 -16.01 24.76
N THR A 1016 6.83 -15.93 23.98
CA THR A 1016 6.74 -16.18 22.55
C THR A 1016 8.10 -16.61 22.04
N GLU A 1017 8.17 -17.77 21.42
CA GLU A 1017 9.41 -18.21 20.80
C GLU A 1017 9.56 -17.45 19.49
N PHE A 1018 10.73 -16.91 19.25
CA PHE A 1018 10.99 -16.08 18.10
C PHE A 1018 12.10 -16.70 17.28
N PHE A 1019 11.84 -16.89 15.99
CA PHE A 1019 12.72 -17.63 15.11
C PHE A 1019 13.34 -16.67 14.10
N MET A 1020 14.67 -16.73 13.98
CA MET A 1020 15.35 -15.92 12.98
C MET A 1020 15.29 -16.64 11.64
N SER A 1021 15.06 -15.88 10.58
CA SER A 1021 14.81 -16.46 9.27
C SER A 1021 16.04 -17.17 8.73
N ARG A 1022 15.82 -18.09 7.78
CA ARG A 1022 16.92 -18.90 7.24
C ARG A 1022 17.93 -18.04 6.50
N LYS A 1023 17.44 -16.99 5.85
CA LYS A 1023 18.29 -16.11 5.06
C LYS A 1023 19.34 -15.45 5.93
N LEU A 1024 18.93 -14.94 7.09
CA LEU A 1024 19.86 -14.31 8.01
C LEU A 1024 20.79 -15.33 8.64
N HIS A 1025 20.26 -16.51 8.97
CA HIS A 1025 21.11 -17.53 9.59
C HIS A 1025 22.19 -18.00 8.64
N ARG A 1026 21.88 -18.07 7.36
CA ARG A 1026 22.89 -18.36 6.36
C ARG A 1026 23.89 -17.22 6.23
N TYR A 1027 23.37 -15.99 6.14
CA TYR A 1027 24.18 -14.79 5.94
C TYR A 1027 25.19 -14.57 7.05
N ILE A 1028 24.79 -14.73 8.31
CA ILE A 1028 25.71 -14.59 9.43
C ILE A 1028 26.79 -15.66 9.37
N ASP A 1029 26.48 -16.83 8.88
CA ASP A 1029 27.48 -17.88 8.74
C ASP A 1029 28.42 -17.63 7.57
N SER A 1030 28.07 -16.76 6.63
CA SER A 1030 28.98 -16.39 5.54
C SER A 1030 29.87 -15.22 5.93
N MET A 1031 30.42 -15.27 7.14
CA MET A 1031 31.33 -14.28 7.68
C MET A 1031 31.85 -14.77 9.02
N HIS A 1034 33.47 -11.42 15.08
CA HIS A 1034 32.18 -10.97 14.59
C HIS A 1034 31.86 -9.53 14.91
N SER A 1035 32.76 -8.63 14.51
CA SER A 1035 32.68 -7.20 14.82
C SER A 1035 32.30 -6.97 16.27
N GLU A 1036 31.24 -6.20 16.49
CA GLU A 1036 30.79 -5.91 17.84
C GLU A 1036 29.27 -5.92 17.91
N ALA A 1037 28.58 -5.36 16.92
CA ALA A 1037 27.12 -5.34 16.92
C ALA A 1037 26.54 -6.65 16.40
N VAL A 1038 27.34 -7.42 15.65
CA VAL A 1038 26.96 -8.77 15.26
C VAL A 1038 27.10 -9.73 16.42
N GLN A 1039 28.06 -9.52 17.30
CA GLN A 1039 28.32 -10.54 18.30
C GLN A 1039 27.30 -10.54 19.43
N ASP A 1040 26.81 -9.37 19.85
CA ASP A 1040 25.76 -9.36 20.88
C ASP A 1040 24.42 -9.88 20.33
N PHE A 1041 24.14 -9.60 19.06
CA PHE A 1041 22.95 -10.14 18.41
C PHE A 1041 23.02 -11.65 18.35
N LEU A 1042 24.21 -12.20 18.20
CA LEU A 1042 24.33 -13.64 18.17
C LEU A 1042 24.33 -14.21 19.59
N ASP A 1043 24.71 -13.40 20.58
CA ASP A 1043 24.58 -13.84 21.96
C ASP A 1043 23.15 -13.84 22.45
N PHE A 1044 22.27 -13.06 21.81
CA PHE A 1044 20.86 -13.11 22.21
C PHE A 1044 20.26 -14.48 21.92
N PHE A 1045 20.53 -15.01 20.73
CA PHE A 1045 19.95 -16.27 20.34
C PHE A 1045 20.68 -17.44 20.98
N LYS A 1046 21.77 -17.18 21.70
CA LYS A 1046 22.54 -18.16 22.46
C LYS A 1046 22.96 -19.35 21.60
N GLY A 1047 23.33 -19.07 20.36
N GLY A 1047 23.33 -19.07 20.36
CA GLY A 1047 23.81 -20.12 19.50
CA GLY A 1047 23.81 -20.12 19.50
C GLY A 1047 22.73 -21.03 19.00
C GLY A 1047 22.73 -21.03 19.00
N GLY A 1048 21.55 -20.50 18.74
CA GLY A 1048 20.47 -21.28 18.16
C GLY A 1048 19.85 -20.46 17.05
N VAL A 1049 18.59 -20.77 16.78
CA VAL A 1049 17.88 -20.04 15.74
C VAL A 1049 16.67 -19.41 16.43
N SER A 1050 16.42 -19.83 17.67
CA SER A 1050 15.24 -19.39 18.39
C SER A 1050 15.62 -18.74 19.70
N ALA A 1051 14.80 -17.78 20.15
CA ALA A 1051 14.87 -17.31 21.53
C ALA A 1051 13.53 -16.77 21.99
N THR A 1052 13.30 -16.79 23.29
CA THR A 1052 12.02 -16.39 23.89
C THR A 1052 11.97 -14.89 24.10
N VAL A 1053 10.87 -14.25 23.72
CA VAL A 1053 10.58 -12.88 24.12
C VAL A 1053 9.40 -12.90 25.06
N LYS A 1054 9.29 -11.90 25.92
CA LYS A 1054 8.19 -11.81 26.86
C LYS A 1054 7.50 -10.47 26.74
N GLY A 1055 6.20 -10.49 27.00
CA GLY A 1055 5.37 -9.31 26.97
C GLY A 1055 5.41 -8.60 25.64
N ASN A 1056 5.35 -9.35 24.56
CA ASN A 1056 5.49 -8.79 23.23
C ASN A 1056 4.13 -8.61 22.59
N TRP A 1057 4.06 -7.62 21.72
CA TRP A 1057 2.80 -7.24 21.10
C TRP A 1057 2.52 -8.01 19.82
N LEU A 1058 3.58 -8.38 19.09
CA LEU A 1058 3.53 -9.10 17.82
C LEU A 1058 2.75 -8.36 16.74
N GLN A 1059 3.24 -7.19 16.33
CA GLN A 1059 2.57 -6.26 15.36
C GLN A 1059 1.07 -6.18 15.63
N GLY A 1060 0.24 -6.45 14.64
CA GLY A 1060 -1.17 -6.12 14.75
C GLY A 1060 -2.03 -7.25 15.24
N ASN A 1061 -1.41 -8.23 15.88
CA ASN A 1061 -2.12 -9.39 16.39
C ASN A 1061 -2.91 -9.14 17.66
N LEU A 1062 -2.94 -7.92 18.17
CA LEU A 1062 -3.69 -7.57 19.37
C LEU A 1062 -4.20 -6.15 19.29
N ASN A 1063 -4.60 -5.70 18.11
CA ASN A 1063 -4.89 -4.29 17.89
C ASN A 1063 -6.18 -3.84 18.51
N LYS A 1064 -7.19 -4.71 18.50
CA LYS A 1064 -8.49 -4.32 19.06
C LYS A 1064 -8.38 -4.16 20.58
N CYS A 1065 -7.62 -5.06 21.22
CA CYS A 1065 -7.24 -4.93 22.62
C CYS A 1065 -6.61 -3.57 22.90
N SER A 1066 -5.58 -3.22 22.14
CA SER A 1066 -4.78 -2.04 22.41
C SER A 1066 -5.56 -0.77 22.19
N SER A 1067 -6.43 -0.76 21.21
CA SER A 1067 -7.15 0.47 20.94
C SER A 1067 -8.28 0.66 21.95
N LEU A 1068 -8.88 -0.42 22.43
CA LEU A 1068 -9.86 -0.28 23.49
C LEU A 1068 -9.20 0.15 24.79
N PHE A 1069 -8.00 -0.35 25.06
CA PHE A 1069 -7.26 0.04 26.27
C PHE A 1069 -6.86 1.50 26.22
N GLY A 1070 -6.41 1.97 25.05
CA GLY A 1070 -6.09 3.38 24.93
C GLY A 1070 -7.29 4.27 25.13
N ALA A 1071 -8.43 3.90 24.53
CA ALA A 1071 -9.63 4.71 24.69
C ALA A 1071 -10.12 4.72 26.14
N ALA A 1072 -9.93 3.61 26.84
CA ALA A 1072 -10.28 3.53 28.25
C ALA A 1072 -9.43 4.48 29.09
N VAL A 1073 -8.12 4.50 28.86
CA VAL A 1073 -7.24 5.34 29.66
C VAL A 1073 -7.54 6.82 29.40
N SER A 1074 -7.91 7.16 28.17
CA SER A 1074 -8.26 8.55 27.90
C SER A 1074 -9.56 8.93 28.60
N LEU A 1075 -10.52 8.01 28.69
CA LEU A 1075 -11.75 8.31 29.42
C LEU A 1075 -11.47 8.52 30.90
N LEU A 1076 -10.58 7.70 31.46
CA LEU A 1076 -10.15 7.88 32.84
C LEU A 1076 -9.54 9.25 33.06
N PHE A 1077 -8.70 9.70 32.12
CA PHE A 1077 -8.11 11.03 32.26
C PHE A 1077 -9.19 12.11 32.24
N ARG A 1078 -10.20 11.95 31.40
CA ARG A 1078 -11.24 12.97 31.33
C ARG A 1078 -11.96 13.11 32.66
N ARG A 1079 -12.21 11.97 33.33
CA ARG A 1079 -12.90 12.08 34.61
C ARG A 1079 -11.99 12.63 35.69
N ILE A 1080 -10.69 12.31 35.63
CA ILE A 1080 -9.77 12.79 36.65
C ILE A 1080 -9.53 14.28 36.50
N TRP A 1081 -9.46 14.76 35.27
CA TRP A 1081 -9.38 16.20 35.10
C TRP A 1081 -10.67 16.88 35.53
N ALA A 1082 -11.81 16.21 35.37
CA ALA A 1082 -13.05 16.82 35.84
C ALA A 1082 -13.12 16.85 37.36
N GLU A 1083 -12.40 15.95 38.03
CA GLU A 1083 -12.45 15.96 39.47
C GLU A 1083 -11.23 16.60 40.11
N LEU A 1084 -10.34 17.23 39.33
CA LEU A 1084 -9.34 18.09 39.95
C LEU A 1084 -9.75 19.56 39.89
N PHE A 1085 -10.36 19.98 38.79
CA PHE A 1085 -10.78 21.36 38.60
C PHE A 1085 -12.26 21.36 38.26
N PRO A 1086 -13.13 21.16 39.25
CA PRO A 1086 -14.56 21.05 38.94
C PRO A 1086 -15.17 22.36 38.54
N GLU A 1087 -14.54 23.48 38.92
CA GLU A 1087 -15.05 24.81 38.58
C GLU A 1087 -15.06 25.06 37.08
N LEU A 1088 -14.17 24.41 36.34
CA LEU A 1088 -13.80 24.82 34.99
C LEU A 1088 -14.42 23.89 33.96
N GLU A 1089 -15.39 24.39 33.20
CA GLU A 1089 -16.10 23.56 32.24
C GLU A 1089 -15.26 23.39 30.98
N CYS A 1090 -14.29 22.49 31.04
CA CYS A 1090 -13.39 22.26 29.93
C CYS A 1090 -14.03 21.27 28.96
N PHE A 1091 -13.20 20.64 28.15
CA PHE A 1091 -13.67 19.78 27.09
C PHE A 1091 -12.58 18.74 26.87
N PHE A 1092 -12.93 17.67 26.14
CA PHE A 1092 -11.98 16.63 25.78
C PHE A 1092 -12.65 15.73 24.76
N GLU A 1093 -11.88 15.23 23.81
CA GLU A 1093 -12.34 14.24 22.86
C GLU A 1093 -11.12 13.63 22.20
N PHE A 1094 -11.31 12.50 21.53
CA PHE A 1094 -10.19 11.79 20.95
C PHE A 1094 -10.68 10.85 19.86
N ALA A 1095 -9.79 9.95 19.45
CA ALA A 1095 -9.96 9.02 18.33
C ALA A 1095 -8.79 8.06 18.28
N HIS A 1096 -8.92 6.85 18.79
CA HIS A 1096 -7.80 5.92 18.85
C HIS A 1096 -7.88 4.90 17.73
N HIS A 1097 -7.27 5.21 16.59
CA HIS A 1097 -6.98 4.20 15.58
C HIS A 1097 -6.19 3.06 16.17
N ASP A 1100 -2.05 5.41 15.50
CA ASP A 1100 -2.38 6.81 15.38
C ASP A 1100 -3.41 7.22 16.42
N ALA A 1101 -3.61 8.53 16.60
CA ALA A 1101 -4.53 9.08 17.59
C ALA A 1101 -4.65 10.58 17.36
N LEU A 1102 -5.80 11.14 17.71
CA LEU A 1102 -5.95 12.58 17.57
C LEU A 1102 -6.72 13.08 18.80
N PHE A 1103 -6.01 13.69 19.73
CA PHE A 1103 -6.65 14.23 20.92
C PHE A 1103 -7.03 15.67 20.68
N ILE A 1104 -8.16 16.08 21.26
CA ILE A 1104 -8.60 17.46 21.24
C ILE A 1104 -8.70 17.93 22.67
N TYR A 1105 -8.21 19.11 22.93
CA TYR A 1105 -8.28 19.69 24.26
C TYR A 1105 -9.04 20.98 24.16
N GLY A 1106 -10.16 21.05 24.86
CA GLY A 1106 -10.87 22.29 24.94
C GLY A 1106 -10.46 23.03 26.20
N TYR A 1107 -9.36 23.77 26.11
CA TYR A 1107 -8.98 24.57 27.25
C TYR A 1107 -9.77 25.87 27.25
N LEU A 1108 -9.32 26.81 28.05
CA LEU A 1108 -10.15 27.94 28.44
C LEU A 1108 -9.26 29.14 28.65
N GLU A 1109 -9.42 30.13 27.80
CA GLU A 1109 -8.60 31.35 27.78
C GLU A 1109 -9.24 32.40 28.66
N PRO A 1110 -8.48 33.10 29.50
CA PRO A 1110 -9.08 34.05 30.44
C PRO A 1110 -9.80 35.23 29.82
N GLU A 1111 -9.72 35.38 28.49
CA GLU A 1111 -10.45 36.37 27.71
C GLU A 1111 -10.07 37.81 28.04
N ASP A 1112 -10.36 38.28 29.25
CA ASP A 1112 -10.10 39.67 29.58
C ASP A 1112 -8.64 39.81 29.95
N ASP A 1113 -8.17 41.06 29.98
CA ASP A 1113 -6.78 41.28 30.33
C ASP A 1113 -6.62 41.45 31.83
N GLY A 1114 -7.72 41.72 32.54
CA GLY A 1114 -7.74 41.96 33.97
C GLY A 1114 -7.36 40.76 34.80
N THR A 1115 -6.85 41.01 36.00
CA THR A 1115 -6.05 40.05 36.73
C THR A 1115 -6.94 39.15 37.63
N ASP A 1116 -8.26 39.40 37.63
CA ASP A 1116 -9.22 38.66 38.45
C ASP A 1116 -9.15 37.15 38.27
N TRP A 1117 -8.73 36.68 37.11
CA TRP A 1117 -8.48 35.25 36.96
C TRP A 1117 -7.26 34.82 37.76
N PHE A 1118 -6.19 35.60 37.71
CA PHE A 1118 -5.02 35.30 38.52
C PHE A 1118 -5.35 35.43 40.00
N LEU A 1119 -6.24 36.35 40.36
CA LEU A 1119 -6.66 36.43 41.75
C LEU A 1119 -7.47 35.22 42.17
N TYR A 1120 -8.30 34.68 41.26
CA TYR A 1120 -9.05 33.48 41.61
C TYR A 1120 -8.08 32.32 41.80
N VAL A 1121 -7.07 32.22 40.92
CA VAL A 1121 -6.08 31.15 41.00
C VAL A 1121 -5.28 31.29 42.29
N SER A 1122 -5.01 32.52 42.72
CA SER A 1122 -4.46 32.74 44.04
C SER A 1122 -5.38 32.20 45.13
N GLN A 1123 -6.64 32.69 45.16
CA GLN A 1123 -7.58 32.36 46.23
C GLN A 1123 -7.78 30.86 46.36
N GLN A 1124 -7.67 30.14 45.24
CA GLN A 1124 -7.67 28.70 45.30
C GLN A 1124 -6.33 28.14 45.76
N ILE A 1125 -5.23 28.83 45.47
CA ILE A 1125 -3.94 28.23 45.74
C ILE A 1125 -3.53 28.36 47.20
N GLN A 1126 -4.02 29.40 47.91
CA GLN A 1126 -3.76 29.44 49.36
C GLN A 1126 -4.67 28.52 50.14
N ALA A 1127 -5.90 28.34 49.68
CA ALA A 1127 -6.92 27.58 50.40
C ALA A 1127 -6.72 26.08 50.27
N GLY A 1128 -5.47 25.62 50.38
CA GLY A 1128 -5.13 24.21 50.31
C GLY A 1128 -4.84 23.64 48.95
N ASN A 1129 -5.57 24.08 47.93
CA ASN A 1129 -5.51 23.47 46.61
C ASN A 1129 -4.22 23.74 45.87
N TYR A 1130 -3.12 23.14 46.32
CA TYR A 1130 -1.80 23.36 45.74
C TYR A 1130 -1.70 23.00 44.27
N HIS A 1131 -2.54 22.12 43.77
CA HIS A 1131 -2.50 21.68 42.38
C HIS A 1131 -3.06 22.69 41.41
N TRP A 1132 -3.57 23.83 41.87
CA TRP A 1132 -3.96 24.92 41.00
C TRP A 1132 -2.75 25.73 40.56
N HIS A 1133 -1.56 25.31 40.99
CA HIS A 1133 -0.30 25.86 40.56
C HIS A 1133 0.00 25.59 39.09
N ALA A 1134 -0.59 24.54 38.53
CA ALA A 1134 -0.32 24.16 37.16
C ALA A 1134 -1.40 24.56 36.18
N VAL A 1135 -2.19 25.60 36.47
CA VAL A 1135 -3.33 25.91 35.63
C VAL A 1135 -3.41 27.40 35.37
N ASN A 1136 -2.54 28.19 36.01
CA ASN A 1136 -2.58 29.64 35.90
C ASN A 1136 -2.36 30.08 34.47
N GLN A 1137 -1.28 29.61 33.87
CA GLN A 1137 -0.81 30.07 32.58
C GLN A 1137 -0.66 28.87 31.66
N GLU A 1138 -0.83 29.15 30.35
CA GLU A 1138 -0.88 28.17 29.26
C GLU A 1138 -2.00 27.15 29.42
N MET A 1139 -1.89 26.28 30.43
CA MET A 1139 -2.94 25.41 30.98
C MET A 1139 -3.18 24.16 30.15
N TRP A 1140 -3.33 24.30 28.83
CA TRP A 1140 -3.43 23.12 27.98
C TRP A 1140 -2.18 22.26 28.04
N LYS A 1141 -1.03 22.85 28.37
CA LYS A 1141 0.18 22.05 28.54
C LYS A 1141 0.02 21.08 29.70
N SER A 1142 -0.72 21.48 30.74
CA SER A 1142 -0.89 20.59 31.88
C SER A 1142 -1.88 19.48 31.58
N MET A 1143 -2.91 19.78 30.79
CA MET A 1143 -3.79 18.75 30.27
C MET A 1143 -2.99 17.72 29.50
N PHE A 1144 -2.10 18.16 28.62
CA PHE A 1144 -1.30 17.19 27.88
C PHE A 1144 -0.34 16.44 28.79
N ASN A 1145 0.29 17.12 29.76
CA ASN A 1145 1.26 16.47 30.64
C ASN A 1145 0.62 15.38 31.48
N LEU A 1146 -0.54 15.67 32.05
CA LEU A 1146 -1.24 14.69 32.87
C LEU A 1146 -1.79 13.56 32.02
N HIS A 1147 -2.33 13.88 30.84
CA HIS A 1147 -2.78 12.83 29.94
C HIS A 1147 -1.63 11.91 29.54
N GLU A 1148 -0.48 12.48 29.21
CA GLU A 1148 0.67 11.68 28.81
C GLU A 1148 1.18 10.83 29.94
N HIS A 1149 1.09 11.33 31.17
CA HIS A 1149 1.55 10.55 32.30
C HIS A 1149 0.62 9.37 32.58
N LEU A 1150 -0.69 9.58 32.49
CA LEU A 1150 -1.62 8.48 32.69
C LEU A 1150 -1.46 7.42 31.61
N LEU A 1151 -1.27 7.86 30.35
CA LEU A 1151 -1.01 6.90 29.28
C LEU A 1151 0.27 6.13 29.53
N LEU A 1152 1.29 6.79 30.08
CA LEU A 1152 2.53 6.07 30.37
C LEU A 1152 2.37 5.12 31.54
N MET A 1153 1.49 5.44 32.48
CA MET A 1153 1.17 4.46 33.51
C MET A 1153 0.41 3.27 32.94
N GLY A 1154 -0.22 3.41 31.79
CA GLY A 1154 -0.71 2.24 31.10
C GLY A 1154 0.19 1.67 30.00
N SER A 1155 1.47 2.04 29.97
CA SER A 1155 2.53 1.63 29.03
C SER A 1155 2.41 2.21 27.64
N ILE A 1156 1.63 3.26 27.43
CA ILE A 1156 1.53 3.91 26.13
C ILE A 1156 2.47 5.10 26.16
N LYS A 1157 3.35 5.23 25.19
CA LYS A 1157 4.29 6.34 25.14
C LYS A 1157 4.01 7.19 23.92
N VAL A 1158 3.60 8.43 24.14
CA VAL A 1158 3.39 9.37 23.04
C VAL A 1158 4.75 9.78 22.51
N SER A 1159 4.88 9.81 21.19
CA SER A 1159 6.18 9.96 20.58
C SER A 1159 6.61 11.42 20.61
N PRO A 1160 7.82 11.72 21.09
CA PRO A 1160 8.28 13.10 21.11
C PRO A 1160 8.79 13.59 19.76
N LYS A 1161 8.89 12.71 18.78
CA LYS A 1161 9.44 12.99 17.48
C LYS A 1161 8.38 13.32 16.44
N LYS A 1162 7.34 12.52 16.31
CA LYS A 1162 6.43 12.72 15.19
C LYS A 1162 5.05 13.18 15.61
N THR A 1163 4.95 13.92 16.71
CA THR A 1163 3.71 14.51 17.20
C THR A 1163 3.74 15.99 16.91
N THR A 1164 2.59 16.58 16.60
CA THR A 1164 2.49 18.00 16.38
C THR A 1164 1.35 18.57 17.21
N VAL A 1165 1.41 19.87 17.45
CA VAL A 1165 0.45 20.59 18.28
C VAL A 1165 0.12 21.90 17.60
N SER A 1166 -1.12 22.09 17.16
CA SER A 1166 -1.52 23.33 16.52
C SER A 1166 -3.01 23.57 16.67
N PRO A 1167 -3.44 24.83 16.68
CA PRO A 1167 -4.87 25.11 16.79
C PRO A 1167 -5.60 25.17 15.46
N THR A 1168 -5.23 24.34 14.48
CA THR A 1168 -5.90 24.37 13.18
C THR A 1168 -5.81 23.03 12.46
N ASN A 1169 -4.61 22.61 12.09
CA ASN A 1169 -4.44 21.48 11.19
C ASN A 1169 -4.34 20.18 11.98
N ALA A 1170 -4.49 19.05 11.28
CA ALA A 1170 -4.41 17.73 11.91
C ALA A 1170 -4.12 16.68 10.86
N GLU A 1171 -3.66 15.52 11.30
CA GLU A 1171 -3.31 14.44 10.38
C GLU A 1171 -3.65 13.13 11.08
N PHE A 1172 -4.58 12.37 10.54
CA PHE A 1172 -5.01 11.14 11.15
C PHE A 1172 -5.13 10.07 10.07
N LEU A 1173 -4.49 8.91 10.35
CA LEU A 1173 -4.49 7.71 9.51
C LEU A 1173 -4.38 7.99 8.01
N SER A 1174 -3.42 8.85 7.66
CA SER A 1174 -3.04 9.26 6.30
C SER A 1174 -4.11 10.12 5.62
N THR A 1175 -4.67 11.07 6.36
CA THR A 1175 -5.63 12.02 5.80
C THR A 1175 -5.46 13.37 6.47
N PHE A 1176 -5.38 14.43 5.67
CA PHE A 1176 -5.04 15.75 6.15
C PHE A 1176 -6.34 16.48 6.49
N PHE A 1177 -6.58 16.71 7.77
CA PHE A 1177 -7.78 17.37 8.24
C PHE A 1177 -7.48 18.81 8.58
N GLU A 1178 -8.47 19.67 8.39
CA GLU A 1178 -8.29 21.08 8.66
C GLU A 1178 -9.52 21.68 9.35
N GLY A 1179 -10.44 20.85 9.79
CA GLY A 1179 -11.62 21.34 10.47
C GLY A 1179 -12.77 20.36 10.40
N ALA A 1181 -12.84 19.97 6.92
CA ALA A 1181 -12.27 19.61 5.63
C ALA A 1181 -11.69 18.21 5.65
N VAL A 1182 -11.35 17.69 4.48
CA VAL A 1182 -10.74 16.37 4.37
C VAL A 1182 -9.98 16.37 3.05
N SER A 1183 -8.89 15.60 2.99
CA SER A 1183 -8.12 15.53 1.74
C SER A 1183 -7.33 14.23 1.71
N ILE A 1184 -7.72 13.35 0.79
CA ILE A 1184 -7.03 12.07 0.58
C ILE A 1184 -5.98 12.25 -0.49
N PRO A 1185 -4.79 11.65 -0.37
CA PRO A 1185 -3.78 11.81 -1.44
C PRO A 1185 -4.12 11.15 -2.76
N PHE A 1186 -4.75 9.97 -2.76
CA PHE A 1186 -5.27 9.22 -3.91
C PHE A 1186 -4.25 8.86 -5.00
N ILE A 1187 -3.04 9.41 -4.95
CA ILE A 1187 -2.07 9.18 -6.00
C ILE A 1187 -1.48 7.78 -5.92
N LYS A 1188 -1.53 7.16 -4.74
CA LYS A 1188 -1.16 5.77 -4.61
C LYS A 1188 -2.05 4.90 -5.47
N ILE A 1189 -3.32 5.26 -5.56
CA ILE A 1189 -4.29 4.43 -6.26
C ILE A 1189 -4.03 4.48 -7.76
N LEU A 1190 -3.68 5.67 -8.28
CA LEU A 1190 -3.36 5.76 -9.69
C LEU A 1190 -2.07 5.05 -10.03
N LEU A 1191 -1.02 5.27 -9.24
CA LEU A 1191 0.26 4.66 -9.56
C LEU A 1191 0.21 3.15 -9.37
N GLY A 1192 -0.84 2.63 -8.75
CA GLY A 1192 -1.01 1.19 -8.74
C GLY A 1192 -1.76 0.65 -9.95
N SER A 1193 -2.15 1.50 -10.87
CA SER A 1193 -2.91 0.91 -11.98
C SER A 1193 -2.06 0.58 -13.13
N LEU A 1194 -0.85 1.08 -13.10
CA LEU A 1194 0.18 0.76 -14.07
C LEU A 1194 1.04 -0.36 -13.62
N SER A 1195 1.38 -0.39 -12.35
CA SER A 1195 2.18 -1.41 -11.75
C SER A 1195 1.29 -2.46 -11.10
N ASP A 1196 1.73 -3.72 -11.23
CA ASP A 1196 1.15 -4.86 -10.53
C ASP A 1196 -0.27 -5.17 -11.01
N LEU A 1197 -0.37 -6.13 -11.90
CA LEU A 1197 -1.66 -6.64 -12.33
C LEU A 1197 -1.71 -8.13 -12.02
N PRO A 1198 -2.89 -8.75 -11.96
CA PRO A 1198 -2.93 -10.14 -11.46
C PRO A 1198 -2.30 -11.16 -12.39
N GLY A 1199 -2.26 -10.88 -13.69
CA GLY A 1199 -1.73 -11.82 -14.65
C GLY A 1199 -2.65 -13.01 -14.82
N LEU A 1200 -3.86 -12.76 -15.29
CA LEU A 1200 -4.85 -13.82 -15.48
C LEU A 1200 -5.56 -13.70 -16.82
N GLY A 1201 -5.00 -12.95 -17.75
CA GLY A 1201 -5.57 -12.82 -19.07
C GLY A 1201 -5.61 -11.37 -19.51
N PHE A 1202 -6.26 -11.15 -20.65
CA PHE A 1202 -6.47 -9.80 -21.10
C PHE A 1202 -7.65 -9.16 -20.37
N PHE A 1203 -8.77 -9.87 -20.31
CA PHE A 1203 -9.96 -9.34 -19.66
C PHE A 1203 -9.73 -9.07 -18.18
N ASP A 1204 -9.06 -10.01 -17.51
CA ASP A 1204 -8.88 -9.93 -16.06
C ASP A 1204 -8.05 -8.72 -15.68
N ASP A 1205 -6.93 -8.54 -16.37
CA ASP A 1205 -6.04 -7.42 -16.10
C ASP A 1205 -6.63 -6.09 -16.57
N LEU A 1206 -7.36 -6.10 -17.69
CA LEU A 1206 -8.03 -4.88 -18.13
C LEU A 1206 -9.04 -4.41 -17.09
N ALA A 1207 -9.79 -5.36 -16.52
CA ALA A 1207 -10.79 -5.00 -15.53
C ALA A 1207 -10.14 -4.47 -14.27
N ALA A 1208 -9.04 -5.08 -13.84
CA ALA A 1208 -8.37 -4.63 -12.63
C ALA A 1208 -7.77 -3.25 -12.80
N ALA A 1209 -7.14 -3.00 -13.96
CA ALA A 1209 -6.53 -1.70 -14.21
C ALA A 1209 -7.59 -0.60 -14.30
N GLN A 1210 -8.76 -0.90 -14.87
CA GLN A 1210 -9.78 0.15 -14.96
C GLN A 1210 -10.52 0.32 -13.63
N SER A 1211 -10.59 -0.73 -12.83
CA SER A 1211 -11.23 -0.63 -11.52
C SER A 1211 -10.39 0.23 -10.58
N ARG A 1212 -9.07 0.22 -10.76
CA ARG A 1212 -8.21 1.11 -9.99
C ARG A 1212 -8.51 2.58 -10.30
N CYS A 1213 -8.76 2.91 -11.56
CA CYS A 1213 -8.99 4.29 -11.91
C CYS A 1213 -10.37 4.75 -11.46
N VAL A 1214 -11.35 3.85 -11.46
CA VAL A 1214 -12.65 4.25 -10.90
C VAL A 1214 -12.53 4.46 -9.39
N LYS A 1215 -11.76 3.61 -8.73
CA LYS A 1215 -11.55 3.77 -7.29
C LYS A 1215 -10.82 5.05 -6.96
N ALA A 1216 -9.89 5.47 -7.82
CA ALA A 1216 -9.24 6.75 -7.59
C ALA A 1216 -10.12 7.94 -7.94
N MET A 1217 -11.11 7.75 -8.83
CA MET A 1217 -12.17 8.74 -8.99
C MET A 1217 -12.98 8.92 -7.73
N ASP A 1218 -13.19 7.83 -6.98
CA ASP A 1218 -13.96 7.90 -5.75
C ASP A 1218 -13.34 8.85 -4.74
N LEU A 1219 -12.00 8.88 -4.68
CA LEU A 1219 -11.26 9.46 -3.57
C LEU A 1219 -10.79 10.88 -3.82
N GLY A 1220 -11.02 11.46 -4.97
CA GLY A 1220 -10.71 12.85 -5.13
C GLY A 1220 -10.43 13.26 -6.56
N ALA A 1221 -10.03 12.30 -7.39
CA ALA A 1221 -9.56 12.62 -8.73
C ALA A 1221 -10.71 13.00 -9.63
N SER A 1222 -10.63 14.18 -10.23
CA SER A 1222 -11.69 14.72 -11.07
C SER A 1222 -11.84 13.84 -12.29
N PRO A 1223 -13.04 13.82 -12.92
CA PRO A 1223 -13.28 12.97 -14.10
C PRO A 1223 -12.18 12.89 -15.14
N GLN A 1224 -11.49 14.01 -15.36
CA GLN A 1224 -10.50 14.05 -16.43
C GLN A 1224 -9.23 13.30 -16.04
N LEU A 1225 -8.82 13.37 -14.77
CA LEU A 1225 -7.67 12.56 -14.36
C LEU A 1225 -7.94 11.08 -14.44
N ALA A 1226 -9.11 10.65 -14.01
CA ALA A 1226 -9.41 9.24 -14.09
C ALA A 1226 -9.56 8.81 -15.54
N GLN A 1227 -10.00 9.72 -16.40
CA GLN A 1227 -10.05 9.43 -17.83
C GLN A 1227 -8.67 9.23 -18.42
N LEU A 1228 -7.75 10.14 -18.11
CA LEU A 1228 -6.38 10.03 -18.59
C LEU A 1228 -5.71 8.78 -18.07
N ALA A 1229 -5.97 8.42 -16.82
CA ALA A 1229 -5.42 7.19 -16.27
C ALA A 1229 -6.02 5.98 -16.94
N VAL A 1230 -7.29 6.06 -17.34
CA VAL A 1230 -7.94 4.95 -18.05
C VAL A 1230 -7.29 4.74 -19.41
N VAL A 1231 -7.07 5.84 -20.12
CA VAL A 1231 -6.45 5.78 -21.44
C VAL A 1231 -5.04 5.21 -21.34
N ILE A 1232 -4.27 5.68 -20.36
CA ILE A 1232 -2.88 5.26 -20.22
C ILE A 1232 -2.79 3.80 -19.80
N CYS A 1233 -3.56 3.40 -18.80
CA CYS A 1233 -3.48 2.02 -18.35
C CYS A 1233 -4.03 1.04 -19.37
N THR A 1234 -5.07 1.42 -20.11
CA THR A 1234 -5.56 0.58 -21.19
C THR A 1234 -4.53 0.41 -22.28
N SER A 1235 -3.88 1.50 -22.71
CA SER A 1235 -2.84 1.39 -23.72
C SER A 1235 -1.68 0.52 -23.24
N LYS A 1236 -1.31 0.67 -21.97
CA LYS A 1236 -0.28 -0.18 -21.39
C LYS A 1236 -0.65 -1.65 -21.46
N VAL A 1237 -1.92 -1.98 -21.23
CA VAL A 1237 -2.31 -3.38 -21.28
C VAL A 1237 -2.32 -3.90 -22.72
N GLU A 1238 -2.92 -3.15 -23.65
CA GLU A 1238 -2.95 -3.60 -25.04
C GLU A 1238 -1.58 -3.71 -25.68
N ARG A 1239 -0.59 -2.98 -25.20
CA ARG A 1239 0.76 -3.23 -25.65
C ARG A 1239 1.46 -4.33 -24.87
N LEU A 1240 1.09 -4.56 -23.62
CA LEU A 1240 1.70 -5.64 -22.88
C LEU A 1240 1.23 -7.00 -23.36
N TYR A 1241 0.07 -7.06 -24.03
CA TYR A 1241 -0.42 -8.30 -24.62
C TYR A 1241 -0.28 -8.34 -26.13
N GLY A 1242 -0.32 -7.21 -26.80
CA GLY A 1242 -0.13 -7.17 -28.22
C GLY A 1242 -1.37 -7.01 -29.04
N THR A 1243 -2.48 -6.59 -28.43
CA THR A 1243 -3.76 -6.61 -29.14
C THR A 1243 -4.04 -5.25 -29.75
N ALA A 1244 -2.98 -4.58 -30.15
CA ALA A 1244 -3.13 -3.26 -30.72
C ALA A 1244 -2.53 -3.19 -32.10
N GLY A 1246 -1.69 -2.29 -35.06
CA GLY A 1246 -1.43 -3.58 -35.65
C GLY A 1246 -0.21 -4.27 -35.07
N MET A 1247 -0.44 -5.24 -34.20
CA MET A 1247 0.65 -5.94 -33.56
C MET A 1247 0.44 -7.44 -33.69
N VAL A 1248 1.23 -8.19 -32.92
CA VAL A 1248 1.23 -9.65 -32.91
C VAL A 1248 -0.13 -10.27 -32.65
N ASN A 1249 -1.01 -9.61 -31.90
CA ASN A 1249 -2.33 -10.16 -31.66
C ASN A 1249 -3.43 -9.18 -31.97
N SER A 1250 -3.22 -8.27 -32.90
CA SER A 1250 -4.21 -7.28 -33.26
C SER A 1250 -5.42 -7.95 -33.89
N PRO A 1251 -6.52 -8.11 -33.16
CA PRO A 1251 -7.61 -8.95 -33.64
C PRO A 1251 -8.39 -8.44 -34.84
N VAL A 1252 -8.08 -7.26 -35.34
CA VAL A 1252 -8.90 -6.64 -36.38
C VAL A 1252 -8.34 -7.09 -37.72
N ALA A 1253 -7.17 -7.72 -37.68
CA ALA A 1253 -6.64 -8.43 -38.83
C ALA A 1253 -7.43 -9.68 -39.18
N PHE A 1254 -8.11 -10.29 -38.20
CA PHE A 1254 -8.74 -11.59 -38.35
C PHE A 1254 -10.26 -11.52 -38.42
N LEU A 1255 -10.87 -10.56 -37.76
CA LEU A 1255 -12.29 -10.65 -37.51
C LEU A 1255 -13.06 -9.62 -38.34
N LYS A 1256 -14.26 -10.01 -38.74
CA LYS A 1256 -15.09 -9.25 -39.65
C LYS A 1256 -15.87 -8.16 -38.94
N VAL A 1257 -15.84 -8.13 -37.63
CA VAL A 1257 -16.44 -7.07 -36.85
C VAL A 1257 -15.41 -5.96 -36.68
N THR A 1258 -15.88 -4.71 -36.68
CA THR A 1258 -15.03 -3.58 -36.38
C THR A 1258 -14.56 -3.66 -34.94
N LYS A 1259 -13.51 -2.92 -34.62
CA LYS A 1259 -12.88 -2.94 -33.29
C LYS A 1259 -13.88 -2.53 -32.22
N ALA A 1260 -14.86 -1.71 -32.60
CA ALA A 1260 -15.94 -1.35 -31.69
C ALA A 1260 -16.74 -2.58 -31.29
N HIS A 1261 -17.02 -3.47 -32.24
CA HIS A 1261 -17.93 -4.57 -31.99
C HIS A 1261 -17.25 -5.82 -31.46
N VAL A 1262 -15.94 -5.81 -31.30
CA VAL A 1262 -15.29 -7.01 -30.76
C VAL A 1262 -15.63 -7.12 -29.28
N PRO A 1263 -15.91 -8.31 -28.76
CA PRO A 1263 -16.02 -8.48 -27.31
C PRO A 1263 -14.70 -8.18 -26.63
N ILE A 1264 -14.74 -7.96 -25.32
CA ILE A 1264 -13.51 -7.70 -24.57
C ILE A 1264 -12.60 -8.91 -24.60
N PRO A 1265 -12.99 -10.13 -24.12
CA PRO A 1265 -11.96 -11.15 -23.85
C PRO A 1265 -11.32 -11.72 -25.11
N LEU A 1266 -11.82 -11.30 -26.27
CA LEU A 1266 -11.13 -11.54 -27.52
C LEU A 1266 -10.19 -10.40 -27.89
N GLY A 1267 -9.55 -9.78 -26.89
CA GLY A 1267 -8.66 -8.67 -27.11
C GLY A 1267 -9.29 -7.45 -27.71
N GLY A 1268 -10.61 -7.34 -27.67
CA GLY A 1268 -11.26 -6.23 -28.32
C GLY A 1268 -11.06 -4.94 -27.57
N ASP A 1269 -11.47 -3.85 -28.22
CA ASP A 1269 -11.47 -2.53 -27.61
C ASP A 1269 -12.20 -2.56 -26.28
N GLY A 1270 -11.60 -1.93 -25.27
CA GLY A 1270 -12.11 -1.97 -23.92
C GLY A 1270 -13.51 -1.40 -23.75
N SER A 1271 -13.96 -0.63 -24.74
CA SER A 1271 -15.14 0.22 -24.67
C SER A 1271 -15.10 1.03 -23.36
N MET A 1272 -14.22 2.02 -23.38
CA MET A 1272 -13.65 2.60 -22.17
C MET A 1272 -14.17 4.00 -21.95
N SER A 1273 -14.68 4.25 -20.76
CA SER A 1273 -14.98 5.59 -20.31
C SER A 1273 -14.91 5.59 -18.80
N ILE A 1274 -15.02 6.78 -18.22
CA ILE A 1274 -15.01 6.83 -16.77
C ILE A 1274 -16.41 7.11 -16.25
N MET A 1275 -17.20 7.91 -16.96
CA MET A 1275 -18.53 8.28 -16.51
C MET A 1275 -19.52 7.17 -16.66
N GLU A 1276 -19.12 6.04 -17.23
CA GLU A 1276 -19.95 4.84 -17.24
C GLU A 1276 -19.49 3.80 -16.25
N LEU A 1277 -18.21 3.48 -16.20
CA LEU A 1277 -17.65 2.60 -15.18
C LEU A 1277 -17.84 3.14 -13.76
N ALA A 1278 -17.91 4.46 -13.59
CA ALA A 1278 -18.17 5.00 -12.26
C ALA A 1278 -19.62 4.82 -11.87
N THR A 1279 -20.51 4.68 -12.84
CA THR A 1279 -21.92 4.53 -12.58
C THR A 1279 -22.42 3.11 -12.76
N ALA A 1280 -22.26 2.51 -13.93
CA ALA A 1280 -22.62 1.13 -14.14
C ALA A 1280 -21.55 0.23 -13.55
N GLY A 1281 -21.22 -0.83 -14.29
CA GLY A 1281 -20.13 -1.70 -13.88
C GLY A 1281 -18.94 -1.58 -14.81
N ILE A 1282 -18.23 -2.68 -14.98
CA ILE A 1282 -17.23 -2.77 -16.02
C ILE A 1282 -17.74 -3.60 -17.19
N GLY A 1283 -18.47 -4.66 -16.90
CA GLY A 1283 -18.94 -5.56 -17.93
C GLY A 1283 -20.27 -5.18 -18.55
N MET A 1284 -20.58 -3.90 -18.56
CA MET A 1284 -21.83 -3.47 -19.17
C MET A 1284 -21.71 -3.37 -20.68
N ALA A 1285 -20.57 -2.89 -21.17
CA ALA A 1285 -20.40 -2.66 -22.60
C ALA A 1285 -20.50 -3.96 -23.41
N ASP A 1286 -19.93 -5.06 -22.91
CA ASP A 1286 -20.15 -6.38 -23.51
C ASP A 1286 -21.63 -6.68 -23.69
N LYS A 1287 -22.41 -6.49 -22.62
CA LYS A 1287 -23.86 -6.58 -22.70
C LYS A 1287 -24.37 -5.80 -23.90
N ASN A 1288 -23.95 -4.54 -24.00
CA ASN A 1288 -24.32 -3.65 -25.11
C ASN A 1288 -24.04 -4.30 -26.44
N ILE A 1289 -22.80 -4.78 -26.63
CA ILE A 1289 -22.43 -5.38 -27.91
C ILE A 1289 -23.37 -6.53 -28.23
N LEU A 1290 -23.53 -7.45 -27.26
CA LEU A 1290 -24.41 -8.58 -27.44
C LEU A 1290 -25.81 -8.09 -27.72
N LYS A 1291 -26.27 -7.16 -26.89
CA LYS A 1291 -27.63 -6.65 -26.99
C LYS A 1291 -27.88 -6.11 -28.37
N GLN A 1292 -26.90 -5.38 -28.91
CA GLN A 1292 -27.08 -4.70 -30.18
C GLN A 1292 -27.39 -5.72 -31.26
N ALA A 1293 -26.52 -6.73 -31.34
CA ALA A 1293 -26.66 -7.78 -32.34
C ALA A 1293 -28.00 -8.46 -32.19
N PHE A 1294 -28.34 -8.82 -30.94
CA PHE A 1294 -29.57 -9.54 -30.65
C PHE A 1294 -30.77 -8.73 -31.09
N TYR A 1295 -30.79 -7.45 -30.75
CA TYR A 1295 -31.94 -6.65 -31.10
C TYR A 1295 -32.00 -6.46 -32.60
N SER A 1296 -30.84 -6.22 -33.21
CA SER A 1296 -30.78 -6.07 -34.66
C SER A 1296 -31.26 -7.35 -35.33
N TYR A 1297 -30.84 -8.49 -34.76
CA TYR A 1297 -31.23 -9.80 -35.25
C TYR A 1297 -32.73 -9.91 -35.18
N LYS A 1298 -33.31 -9.58 -34.03
CA LYS A 1298 -34.72 -9.82 -33.82
C LYS A 1298 -35.59 -8.90 -34.69
N HIS A 1299 -34.96 -7.93 -35.38
CA HIS A 1299 -35.72 -7.10 -36.30
C HIS A 1299 -35.33 -7.30 -37.75
N THR A 1300 -34.19 -7.94 -38.04
CA THR A 1300 -33.70 -8.01 -39.41
C THR A 1300 -33.06 -9.32 -39.82
N ARG A 1301 -32.62 -10.17 -38.88
CA ARG A 1301 -31.92 -11.42 -39.18
C ARG A 1301 -30.74 -11.20 -40.13
N ARG A 1302 -29.96 -10.16 -39.84
CA ARG A 1302 -28.87 -9.80 -40.73
C ARG A 1302 -27.71 -10.77 -40.46
N ASP A 1303 -26.53 -10.47 -41.00
CA ASP A 1303 -25.46 -11.43 -41.16
C ASP A 1303 -24.31 -11.23 -40.20
N GLY A 1304 -23.82 -10.00 -40.06
CA GLY A 1304 -22.73 -9.76 -39.13
C GLY A 1304 -23.22 -9.78 -37.70
N ASP A 1305 -24.53 -9.63 -37.50
CA ASP A 1305 -25.09 -9.71 -36.16
C ASP A 1305 -25.14 -11.15 -35.70
N ARG A 1306 -25.49 -12.05 -36.63
CA ARG A 1306 -25.27 -13.47 -36.45
C ARG A 1306 -23.82 -13.77 -36.11
N TYR A 1307 -22.89 -13.03 -36.72
CA TYR A 1307 -21.47 -13.24 -36.44
C TYR A 1307 -21.11 -12.82 -35.02
N VAL A 1308 -21.67 -11.71 -34.55
CA VAL A 1308 -21.43 -11.28 -33.18
C VAL A 1308 -21.97 -12.32 -32.21
N LEU A 1309 -23.16 -12.85 -32.49
CA LEU A 1309 -23.71 -13.91 -31.66
C LEU A 1309 -22.88 -15.19 -31.74
N GLY A 1310 -22.24 -15.44 -32.87
CA GLY A 1310 -21.38 -16.61 -32.99
C GLY A 1310 -20.12 -16.49 -32.16
N LEU A 1311 -19.55 -15.28 -32.13
CA LEU A 1311 -18.42 -15.02 -31.24
C LEU A 1311 -18.82 -15.20 -29.79
N PHE A 1312 -20.01 -14.73 -29.42
CA PHE A 1312 -20.42 -14.86 -28.02
C PHE A 1312 -20.71 -16.32 -27.64
N LYS A 1313 -21.22 -17.10 -28.60
CA LYS A 1313 -21.41 -18.53 -28.33
C LYS A 1313 -20.09 -19.25 -28.20
N PHE A 1314 -19.11 -18.92 -29.05
CA PHE A 1314 -17.77 -19.48 -28.90
C PHE A 1314 -17.17 -19.09 -27.56
N LEU A 1315 -17.48 -17.89 -27.06
CA LEU A 1315 -17.05 -17.57 -25.71
C LEU A 1315 -17.71 -18.47 -24.68
N MET A 1316 -19.00 -18.79 -24.84
CA MET A 1316 -19.67 -19.58 -23.81
C MET A 1316 -19.22 -21.03 -23.82
N SER A 1317 -18.83 -21.54 -24.98
CA SER A 1317 -18.40 -22.93 -25.07
C SER A 1317 -17.17 -23.19 -24.21
N LEU A 1318 -16.05 -22.58 -24.59
CA LEU A 1318 -14.83 -22.62 -23.82
C LEU A 1318 -15.01 -21.94 -22.47
N SER A 1332 -17.75 -12.13 -15.06
CA SER A 1332 -18.16 -11.89 -16.43
C SER A 1332 -19.46 -12.59 -16.80
N PHE A 1333 -20.32 -11.91 -17.55
CA PHE A 1333 -21.61 -12.45 -17.95
C PHE A 1333 -21.56 -13.10 -19.30
N VAL A 1334 -20.35 -13.38 -19.79
CA VAL A 1334 -20.11 -14.34 -20.85
C VAL A 1334 -18.90 -15.15 -20.41
N GLY A 1335 -18.26 -15.84 -21.34
CA GLY A 1335 -17.09 -16.62 -21.03
C GLY A 1335 -15.84 -15.77 -20.98
N LYS A 1336 -14.70 -16.46 -20.96
CA LYS A 1336 -13.40 -15.81 -21.00
C LYS A 1336 -12.39 -16.84 -21.47
N VAL A 1337 -11.40 -16.40 -22.25
CA VAL A 1337 -10.34 -17.30 -22.67
C VAL A 1337 -9.44 -17.58 -21.47
N GLN A 1338 -9.04 -18.83 -21.29
CA GLN A 1338 -8.12 -19.19 -20.21
C GLN A 1338 -6.68 -19.00 -20.68
N TRP A 1339 -5.85 -18.50 -19.78
CA TRP A 1339 -4.44 -18.28 -20.06
C TRP A 1339 -3.60 -19.14 -19.10
N LYS A 1340 -2.28 -19.06 -19.25
CA LYS A 1340 -1.36 -19.90 -18.48
C LYS A 1340 -1.10 -19.35 -17.09
N PHE A 1348 2.14 -27.97 -1.86
CA PHE A 1348 0.89 -28.46 -2.44
C PHE A 1348 0.82 -29.94 -2.12
N GLU A 1349 0.82 -30.22 -0.82
CA GLU A 1349 1.11 -31.56 -0.33
C GLU A 1349 -0.04 -32.51 -0.58
N PHE A 1350 -1.27 -32.08 -0.33
CA PHE A 1350 -2.43 -33.00 -0.28
C PHE A 1350 -3.19 -32.97 -1.60
N TYR A 1351 -2.53 -32.47 -2.64
CA TYR A 1351 -3.21 -31.94 -3.82
C TYR A 1351 -3.98 -32.96 -4.64
N ASP A 1352 -3.94 -34.24 -4.30
CA ASP A 1352 -4.72 -35.20 -5.06
C ASP A 1352 -5.24 -36.36 -4.21
N GLN A 1353 -5.80 -36.07 -3.04
CA GLN A 1353 -6.46 -37.10 -2.27
C GLN A 1353 -7.78 -37.53 -2.89
N PHE A 1354 -8.27 -36.75 -3.84
CA PHE A 1354 -9.50 -37.05 -4.55
C PHE A 1354 -9.25 -36.85 -6.04
N SER A 1355 -9.30 -37.96 -6.79
CA SER A 1355 -9.16 -37.93 -8.23
C SER A 1355 -10.21 -37.03 -8.86
N GLN A 1356 -9.87 -36.45 -10.02
CA GLN A 1356 -10.64 -35.34 -10.56
C GLN A 1356 -12.07 -35.72 -10.89
N SER A 1357 -12.29 -36.96 -11.31
CA SER A 1357 -13.65 -37.42 -11.58
C SER A 1357 -14.48 -37.45 -10.32
N TYR A 1358 -13.85 -37.77 -9.18
CA TYR A 1358 -14.54 -37.70 -7.90
C TYR A 1358 -14.93 -36.27 -7.58
N LEU A 1359 -14.08 -35.30 -7.91
CA LEU A 1359 -14.41 -33.91 -7.60
C LEU A 1359 -15.49 -33.39 -8.52
N LYS A 1360 -15.54 -33.88 -9.76
CA LYS A 1360 -16.62 -33.47 -10.67
C LYS A 1360 -17.95 -34.09 -10.27
N SER A 1361 -17.92 -35.38 -9.93
CA SER A 1361 -19.14 -36.06 -9.50
C SER A 1361 -19.67 -35.46 -8.21
N TRP A 1362 -18.78 -35.16 -7.25
CA TRP A 1362 -19.16 -34.48 -6.03
C TRP A 1362 -19.62 -33.06 -6.29
N THR A 1363 -19.08 -32.37 -7.31
CA THR A 1363 -19.58 -31.04 -7.60
C THR A 1363 -20.99 -31.10 -8.17
N ASN A 1364 -21.35 -32.18 -8.84
CA ASN A 1364 -22.72 -32.35 -9.31
C ASN A 1364 -23.67 -32.82 -8.21
N GLN A 1365 -23.25 -33.78 -7.38
CA GLN A 1365 -24.11 -34.30 -6.32
C GLN A 1365 -24.50 -33.22 -5.33
N HIS A 1366 -23.61 -32.28 -5.04
CA HIS A 1366 -23.80 -31.26 -4.01
C HIS A 1366 -23.61 -29.87 -4.57
N PRO A 1367 -24.47 -29.41 -5.46
CA PRO A 1367 -24.29 -28.07 -6.02
C PRO A 1367 -24.75 -26.92 -5.13
N VAL A 1368 -25.19 -27.21 -3.91
CA VAL A 1368 -25.48 -26.15 -2.94
C VAL A 1368 -24.20 -25.53 -2.42
N TYR A 1369 -23.09 -26.28 -2.44
CA TYR A 1369 -21.82 -25.82 -1.93
C TYR A 1369 -21.12 -24.85 -2.86
N ASP A 1370 -21.80 -24.32 -3.86
CA ASP A 1370 -21.23 -23.24 -4.65
C ASP A 1370 -21.57 -21.90 -4.04
N TYR A 1371 -22.06 -21.90 -2.82
CA TYR A 1371 -22.60 -20.73 -2.15
C TYR A 1371 -22.25 -20.78 -0.67
N ILE A 1372 -21.93 -21.96 -0.16
CA ILE A 1372 -22.00 -22.28 1.26
C ILE A 1372 -20.88 -23.25 1.58
N ILE A 1373 -20.14 -22.98 2.64
CA ILE A 1373 -19.07 -23.84 3.09
C ILE A 1373 -19.68 -24.94 3.95
N PRO A 1374 -19.33 -26.19 3.74
CA PRO A 1374 -19.86 -27.26 4.58
C PRO A 1374 -19.45 -27.15 6.03
N ARG A 1375 -20.32 -27.64 6.91
CA ARG A 1375 -20.05 -27.70 8.33
C ARG A 1375 -19.60 -29.07 8.78
N GLY A 1376 -19.89 -30.10 8.01
CA GLY A 1376 -19.43 -31.42 8.39
C GLY A 1376 -17.97 -31.60 8.03
N ARG A 1377 -17.39 -32.70 8.47
CA ARG A 1377 -15.97 -32.93 8.22
C ARG A 1377 -15.71 -33.33 6.78
N ASP A 1378 -16.50 -34.26 6.25
CA ASP A 1378 -16.13 -34.95 5.03
C ASP A 1378 -16.42 -34.09 3.81
N ASN A 1379 -17.55 -33.40 3.80
CA ASN A 1379 -17.79 -32.43 2.76
C ASN A 1379 -16.76 -31.30 2.84
N LEU A 1380 -16.21 -31.06 4.03
CA LEU A 1380 -15.21 -30.01 4.12
C LEU A 1380 -13.87 -30.48 3.55
N LEU A 1381 -13.45 -31.70 3.87
CA LEU A 1381 -12.23 -32.25 3.31
C LEU A 1381 -12.28 -32.29 1.79
N VAL A 1382 -13.44 -32.68 1.24
CA VAL A 1382 -13.60 -32.68 -0.20
C VAL A 1382 -13.65 -31.26 -0.75
N TYR A 1383 -14.38 -30.36 -0.11
CA TYR A 1383 -14.47 -28.98 -0.55
C TYR A 1383 -13.14 -28.26 -0.51
N LEU A 1384 -12.22 -28.72 0.33
CA LEU A 1384 -10.93 -28.08 0.47
C LEU A 1384 -9.92 -28.61 -0.52
N VAL A 1385 -9.93 -29.92 -0.79
CA VAL A 1385 -9.09 -30.41 -1.88
C VAL A 1385 -9.56 -29.85 -3.22
N ARG A 1386 -10.88 -29.67 -3.39
CA ARG A 1386 -11.37 -28.98 -4.58
C ARG A 1386 -10.90 -27.53 -4.60
N LYS A 1387 -10.59 -26.96 -3.45
CA LYS A 1387 -10.06 -25.61 -3.45
C LYS A 1387 -8.58 -25.59 -3.79
N LEU A 1388 -7.87 -26.67 -3.46
CA LEU A 1388 -6.50 -26.80 -3.94
C LEU A 1388 -6.44 -26.95 -5.44
N ASN A 1389 -7.14 -27.94 -5.98
CA ASN A 1389 -6.92 -28.37 -7.35
C ASN A 1389 -7.39 -27.35 -8.37
N ASP A 1390 -8.26 -26.43 -7.96
CA ASP A 1390 -8.49 -25.19 -8.70
C ASP A 1390 -7.16 -24.55 -9.04
N PRO A 1391 -6.82 -24.36 -10.31
CA PRO A 1391 -5.55 -23.74 -10.59
C PRO A 1391 -5.47 -22.22 -10.64
N SER A 1392 -6.55 -21.46 -10.41
CA SER A 1392 -6.37 -20.04 -10.11
C SER A 1392 -5.81 -19.88 -8.71
N ILE A 1393 -6.26 -20.74 -7.79
CA ILE A 1393 -5.74 -20.73 -6.43
C ILE A 1393 -4.28 -21.13 -6.40
N VAL A 1394 -3.94 -22.30 -6.95
CA VAL A 1394 -2.54 -22.73 -6.88
C VAL A 1394 -1.66 -21.92 -7.83
N THR A 1395 -2.26 -21.23 -8.80
CA THR A 1395 -1.55 -20.15 -9.46
C THR A 1395 -1.22 -19.03 -8.49
N ALA A 1396 -2.15 -18.65 -7.62
CA ALA A 1396 -1.90 -17.60 -6.63
C ALA A 1396 -0.97 -18.03 -5.50
N MET A 1397 -0.64 -19.31 -5.41
CA MET A 1397 0.36 -19.80 -4.47
C MET A 1397 1.73 -20.02 -5.07
N THR A 1398 1.80 -20.55 -6.29
CA THR A 1398 3.08 -20.88 -6.90
C THR A 1398 3.66 -19.77 -7.73
N MET A 1399 3.28 -18.51 -7.48
CA MET A 1399 3.84 -17.42 -8.25
C MET A 1399 3.77 -16.18 -7.38
N GLN A 1400 4.33 -16.30 -6.17
CA GLN A 1400 4.00 -15.39 -5.09
C GLN A 1400 4.69 -14.04 -5.24
N SER A 1401 5.89 -14.03 -5.82
CA SER A 1401 6.58 -12.76 -6.02
C SER A 1401 5.93 -12.07 -7.21
N PRO A 1402 5.30 -10.92 -7.00
CA PRO A 1402 4.40 -10.38 -8.03
C PRO A 1402 5.10 -9.70 -9.18
N LEU A 1403 6.44 -9.63 -9.17
CA LEU A 1403 7.20 -9.10 -10.29
C LEU A 1403 7.39 -10.13 -11.38
N GLN A 1404 7.53 -11.40 -10.97
CA GLN A 1404 7.78 -12.48 -11.91
C GLN A 1404 6.67 -12.57 -12.96
N LEU A 1405 5.43 -12.46 -12.54
CA LEU A 1405 4.32 -12.65 -13.46
C LEU A 1405 4.18 -11.47 -14.42
N ARG A 1406 4.41 -10.25 -13.95
CA ARG A 1406 4.37 -9.10 -14.84
C ARG A 1406 5.54 -9.11 -15.81
N PHE A 1407 6.64 -9.75 -15.45
CA PHE A 1407 7.78 -9.82 -16.34
C PHE A 1407 7.68 -10.98 -17.33
N ARG A 1408 7.00 -12.07 -16.97
CA ARG A 1408 6.80 -13.21 -17.86
C ARG A 1408 5.75 -12.94 -18.92
N MET A 1409 5.19 -11.75 -18.94
CA MET A 1409 4.48 -11.15 -20.06
C MET A 1409 5.40 -10.80 -21.23
N GLN A 1410 6.69 -11.11 -21.13
CA GLN A 1410 7.54 -11.15 -22.32
C GLN A 1410 7.31 -12.45 -23.09
N ALA A 1411 7.47 -13.58 -22.40
CA ALA A 1411 7.23 -14.89 -23.00
C ALA A 1411 5.78 -15.01 -23.47
N LYS A 1412 4.84 -14.70 -22.60
CA LYS A 1412 3.40 -14.81 -22.88
C LYS A 1412 3.00 -13.78 -23.94
N GLN A 1413 3.40 -14.07 -25.18
CA GLN A 1413 3.04 -13.33 -26.37
C GLN A 1413 2.75 -14.34 -27.47
N HIS A 1414 3.82 -14.83 -28.08
CA HIS A 1414 3.76 -15.88 -29.07
C HIS A 1414 3.59 -17.26 -28.45
N MET A 1415 4.08 -17.47 -27.22
CA MET A 1415 4.16 -18.81 -26.64
C MET A 1415 2.80 -19.46 -26.51
N LYS A 1416 2.81 -20.79 -26.42
CA LYS A 1416 1.56 -21.53 -26.34
C LYS A 1416 0.89 -21.24 -25.01
N VAL A 1417 0.08 -20.18 -24.97
CA VAL A 1417 -0.41 -19.67 -23.69
C VAL A 1417 -1.91 -19.51 -23.62
N CYS A 1418 -2.70 -19.94 -24.60
CA CYS A 1418 -4.15 -19.89 -24.48
C CYS A 1418 -4.72 -21.29 -24.57
N LYS A 1419 -5.62 -21.64 -23.66
CA LYS A 1419 -6.28 -22.93 -23.75
C LYS A 1419 -7.29 -22.90 -24.89
N LEU A 1420 -7.29 -23.96 -25.69
CA LEU A 1420 -8.32 -24.18 -26.70
C LEU A 1420 -8.36 -25.67 -26.97
N ASP A 1421 -9.52 -26.29 -26.75
CA ASP A 1421 -9.77 -27.70 -27.08
C ASP A 1421 -8.74 -28.61 -26.41
N GLY A 1422 -8.48 -28.35 -25.14
CA GLY A 1422 -7.53 -29.14 -24.37
C GLY A 1422 -6.10 -28.99 -24.82
N GLU A 1423 -5.78 -27.90 -25.52
CA GLU A 1423 -4.47 -27.68 -26.10
C GLU A 1423 -4.01 -26.27 -25.77
N TRP A 1424 -2.82 -26.13 -25.20
CA TRP A 1424 -2.25 -24.80 -25.17
C TRP A 1424 -1.82 -24.42 -26.57
N VAL A 1425 -2.41 -23.37 -27.09
CA VAL A 1425 -2.12 -22.85 -28.42
C VAL A 1425 -1.70 -21.41 -28.26
N THR A 1426 -1.57 -20.69 -29.37
CA THR A 1426 -1.24 -19.27 -29.31
C THR A 1426 -2.48 -18.45 -28.98
N PHE A 1427 -2.41 -17.16 -29.25
CA PHE A 1427 -3.61 -16.34 -29.25
C PHE A 1427 -4.20 -16.23 -30.65
N ARG A 1428 -3.34 -16.26 -31.67
CA ARG A 1428 -3.80 -16.08 -33.04
C ARG A 1428 -4.67 -17.25 -33.50
N GLU A 1429 -4.37 -18.46 -33.03
CA GLU A 1429 -5.21 -19.58 -33.44
C GLU A 1429 -6.53 -19.57 -32.71
N VAL A 1430 -6.62 -18.91 -31.56
CA VAL A 1430 -7.91 -18.77 -30.89
C VAL A 1430 -8.82 -17.88 -31.71
N LEU A 1431 -8.28 -16.81 -32.29
CA LEU A 1431 -9.06 -15.95 -33.15
C LEU A 1431 -9.38 -16.61 -34.47
N ALA A 1432 -8.45 -17.43 -34.97
CA ALA A 1432 -8.75 -18.27 -36.12
C ALA A 1432 -10.00 -19.11 -35.85
N ALA A 1433 -9.98 -19.84 -34.72
CA ALA A 1433 -11.10 -20.68 -34.33
C ALA A 1433 -12.37 -19.86 -34.12
N ALA A 1434 -12.22 -18.63 -33.62
CA ALA A 1434 -13.39 -17.79 -33.39
C ALA A 1434 -14.04 -17.35 -34.68
N ASP A 1435 -13.23 -16.91 -35.64
CA ASP A 1435 -13.78 -16.53 -36.93
C ASP A 1435 -14.40 -17.72 -37.64
N SER A 1436 -13.76 -18.89 -37.50
CA SER A 1436 -14.28 -20.11 -38.10
C SER A 1436 -15.67 -20.42 -37.57
N PHE A 1437 -15.80 -20.50 -36.24
CA PHE A 1437 -17.09 -20.86 -35.65
C PHE A 1437 -18.13 -19.78 -35.90
N ALA A 1438 -17.73 -18.50 -35.93
CA ALA A 1438 -18.72 -17.44 -36.03
C ALA A 1438 -19.23 -17.29 -37.45
N THR A 1439 -18.47 -17.73 -38.46
CA THR A 1439 -19.08 -17.76 -39.78
C THR A 1439 -19.82 -19.05 -40.06
N LYS A 1440 -19.65 -20.07 -39.22
CA LYS A 1440 -20.39 -21.31 -39.34
C LYS A 1440 -21.49 -21.43 -38.29
N TYR A 1441 -21.84 -20.34 -37.62
CA TYR A 1441 -22.83 -20.35 -36.55
C TYR A 1441 -24.19 -19.97 -37.11
N ASN A 1442 -25.24 -20.58 -36.55
CA ASN A 1442 -26.61 -20.22 -36.89
C ASN A 1442 -27.56 -20.64 -35.76
N PRO A 1443 -28.40 -19.73 -35.27
CA PRO A 1443 -29.36 -20.12 -34.25
C PRO A 1443 -30.71 -20.51 -34.85
N LEU A 1448 -31.81 -17.99 -29.12
CA LEU A 1448 -32.28 -16.63 -28.91
C LEU A 1448 -32.67 -16.39 -27.47
N ASP A 1449 -33.42 -17.34 -26.91
CA ASP A 1449 -34.05 -17.09 -25.61
C ASP A 1449 -33.06 -17.36 -24.48
N LEU A 1450 -32.08 -18.24 -24.70
CA LEU A 1450 -30.89 -18.24 -23.86
C LEU A 1450 -30.21 -16.87 -23.84
N PHE A 1451 -30.04 -16.28 -25.02
CA PHE A 1451 -29.50 -14.93 -25.09
C PHE A 1451 -30.45 -13.93 -24.46
N ASN A 1452 -31.75 -14.20 -24.52
CA ASN A 1452 -32.73 -13.29 -23.93
C ASN A 1452 -32.64 -13.30 -22.41
N THR A 1453 -32.37 -14.45 -21.80
CA THR A 1453 -32.27 -14.51 -20.35
C THR A 1453 -30.98 -13.90 -19.83
N LEU A 1454 -30.04 -13.59 -20.72
CA LEU A 1454 -28.79 -12.97 -20.32
C LEU A 1454 -28.70 -11.52 -20.74
N VAL A 1455 -29.50 -11.09 -21.72
CA VAL A 1455 -29.59 -9.68 -22.05
C VAL A 1455 -30.61 -8.99 -21.15
N SER A 1456 -31.54 -9.74 -20.54
CA SER A 1456 -32.58 -9.12 -19.74
C SER A 1456 -32.15 -8.84 -18.31
N CYS A 1457 -30.84 -8.69 -18.07
CA CYS A 1457 -30.40 -8.05 -16.84
C CYS A 1457 -30.04 -6.59 -17.09
N THR A 1458 -30.78 -5.93 -17.99
CA THR A 1458 -30.74 -4.48 -18.27
C THR A 1458 -29.35 -3.96 -18.57
N HIS A 1483 -14.42 26.96 -6.17
CA HIS A 1483 -13.67 25.91 -5.49
C HIS A 1483 -13.88 26.00 -3.98
N ARG A 1484 -14.49 24.96 -3.41
CA ARG A 1484 -14.81 24.91 -2.00
C ARG A 1484 -13.99 23.80 -1.32
N SER A 1485 -14.24 23.61 -0.04
CA SER A 1485 -13.62 22.52 0.71
C SER A 1485 -14.56 21.32 0.77
N LYS A 1486 -14.00 20.16 1.08
CA LYS A 1486 -14.65 18.88 0.80
C LYS A 1486 -14.95 18.10 2.07
N ILE A 1487 -15.79 17.08 1.93
CA ILE A 1487 -16.25 16.21 2.99
C ILE A 1487 -16.27 14.79 2.45
N ALA A 1488 -16.77 13.85 3.25
CA ALA A 1488 -16.83 12.46 2.84
C ALA A 1488 -18.23 11.88 3.04
N ARG A 1489 -18.83 11.39 1.96
CA ARG A 1489 -20.16 10.79 1.98
C ARG A 1489 -20.09 9.34 1.51
N THR A 1490 -21.25 8.75 1.27
CA THR A 1490 -21.32 7.37 0.82
C THR A 1490 -22.30 7.19 -0.33
N PHE A 1491 -21.81 6.58 -1.41
CA PHE A 1491 -22.57 6.32 -2.64
C PHE A 1491 -23.00 4.85 -2.59
N THR A 1492 -24.30 4.59 -2.75
CA THR A 1492 -24.81 3.23 -2.84
C THR A 1492 -25.94 3.17 -3.86
N VAL A 1493 -25.79 2.24 -4.80
CA VAL A 1493 -26.84 1.81 -5.71
C VAL A 1493 -28.07 1.34 -4.94
N PRO A 1503 -29.10 -12.57 5.40
CA PRO A 1503 -28.04 -12.70 4.41
C PRO A 1503 -28.60 -12.84 3.00
N ILE A 1504 -27.76 -13.20 2.03
CA ILE A 1504 -28.20 -13.43 0.65
C ILE A 1504 -27.74 -14.80 0.15
N THR A 1505 -26.49 -15.16 0.43
CA THR A 1505 -25.95 -16.43 -0.04
C THR A 1505 -26.67 -17.62 0.59
N ALA A 1506 -27.24 -17.45 1.78
CA ALA A 1506 -27.94 -18.55 2.42
C ALA A 1506 -29.27 -18.83 1.74
N VAL A 1507 -29.94 -17.78 1.27
CA VAL A 1507 -31.15 -17.97 0.48
C VAL A 1507 -30.84 -18.72 -0.80
N ILE A 1508 -29.83 -18.28 -1.54
CA ILE A 1508 -29.50 -18.89 -2.82
C ILE A 1508 -28.97 -20.30 -2.60
N GLY A 1509 -28.54 -20.63 -1.40
CA GLY A 1509 -28.33 -22.02 -1.04
C GLY A 1509 -29.60 -22.78 -0.72
N TYR A 1510 -30.62 -22.11 -0.18
CA TYR A 1510 -31.83 -22.80 0.25
C TYR A 1510 -32.58 -23.44 -0.91
N LYS A 1511 -32.49 -22.85 -2.10
CA LYS A 1511 -33.07 -23.50 -3.28
C LYS A 1511 -32.39 -24.83 -3.56
N TYR A 1512 -31.06 -24.84 -3.60
CA TYR A 1512 -30.34 -26.05 -3.97
C TYR A 1512 -30.22 -27.03 -2.81
N ALA A 1513 -30.77 -26.68 -1.65
CA ALA A 1513 -30.83 -27.58 -0.52
C ALA A 1513 -31.66 -28.81 -0.84
N SER A 1514 -31.05 -29.99 -0.75
CA SER A 1514 -31.76 -31.20 -1.14
C SER A 1514 -31.78 -32.23 -0.01
N THR A 1515 -30.62 -32.65 0.47
CA THR A 1515 -30.59 -33.63 1.54
C THR A 1515 -30.45 -32.93 2.88
N VAL A 1516 -30.58 -33.72 3.96
CA VAL A 1516 -30.80 -33.15 5.30
C VAL A 1516 -29.55 -32.43 5.80
N ASP A 1517 -28.37 -32.96 5.46
CA ASP A 1517 -27.12 -32.33 5.86
C ASP A 1517 -26.97 -30.98 5.20
N GLU A 1518 -27.28 -30.91 3.91
CA GLU A 1518 -27.16 -29.66 3.18
C GLU A 1518 -28.11 -28.61 3.73
N ILE A 1519 -29.33 -29.00 4.09
CA ILE A 1519 -30.27 -28.05 4.68
C ILE A 1519 -29.82 -27.58 6.05
N SER A 1520 -29.23 -28.47 6.85
CA SER A 1520 -28.69 -28.03 8.13
C SER A 1520 -27.52 -27.08 7.96
N ASP A 1521 -26.71 -27.25 6.92
CA ASP A 1521 -25.65 -26.29 6.60
C ASP A 1521 -26.22 -24.93 6.24
N VAL A 1522 -27.25 -24.89 5.40
CA VAL A 1522 -27.92 -23.66 5.05
C VAL A 1522 -28.57 -23.00 6.27
N LEU A 1523 -29.04 -23.80 7.23
CA LEU A 1523 -29.64 -23.19 8.41
C LEU A 1523 -28.60 -22.63 9.34
N ASP A 1524 -27.46 -23.32 9.51
CA ASP A 1524 -26.34 -22.74 10.23
C ASP A 1524 -25.83 -21.48 9.56
N SER A 1525 -25.77 -21.45 8.23
CA SER A 1525 -25.28 -20.31 7.48
C SER A 1525 -26.21 -19.10 7.52
N SER A 1526 -27.30 -19.14 8.28
CA SER A 1526 -28.30 -18.10 8.19
C SER A 1526 -28.67 -17.59 9.57
N PHE A 1527 -28.80 -16.27 9.67
CA PHE A 1527 -29.14 -15.55 10.89
C PHE A 1527 -30.45 -16.06 11.47
N PHE A 1528 -31.58 -15.56 10.97
CA PHE A 1528 -32.88 -16.13 11.28
C PHE A 1528 -33.13 -17.26 10.30
N PRO A 1529 -33.13 -18.51 10.72
CA PRO A 1529 -33.18 -19.60 9.76
C PRO A 1529 -34.58 -20.02 9.36
N ASP A 1530 -35.61 -19.32 9.81
CA ASP A 1530 -36.97 -19.75 9.47
C ASP A 1530 -37.76 -18.65 8.79
N SER A 1531 -37.16 -17.46 8.66
CA SER A 1531 -37.70 -16.46 7.73
C SER A 1531 -37.26 -16.78 6.32
N LEU A 1532 -36.33 -17.71 6.19
CA LEU A 1532 -35.57 -18.02 4.99
C LEU A 1532 -36.48 -18.48 3.86
N SER A 1533 -37.34 -19.45 4.15
CA SER A 1533 -38.26 -19.96 3.14
C SER A 1533 -39.30 -18.92 2.74
N ALA A 1534 -39.49 -17.90 3.55
CA ALA A 1534 -40.30 -16.77 3.11
C ALA A 1534 -39.50 -15.85 2.20
N ASP A 1535 -38.29 -15.46 2.63
CA ASP A 1535 -37.51 -14.44 1.93
C ASP A 1535 -37.13 -14.87 0.53
N LEU A 1536 -36.82 -16.16 0.34
CA LEU A 1536 -36.58 -16.71 -1.00
C LEU A 1536 -37.72 -16.39 -1.94
N GLN A 1537 -38.95 -16.70 -1.52
CA GLN A 1537 -40.13 -16.32 -2.29
C GLN A 1537 -40.19 -14.81 -2.48
N VAL A 1538 -39.88 -14.04 -1.42
CA VAL A 1538 -39.82 -12.59 -1.53
C VAL A 1538 -38.79 -12.18 -2.57
N MET A 1539 -37.66 -12.89 -2.61
CA MET A 1539 -36.66 -12.58 -3.62
C MET A 1539 -37.13 -13.03 -4.99
N LYS A 1540 -37.88 -14.15 -5.03
CA LYS A 1540 -38.28 -14.77 -6.30
C LYS A 1540 -39.08 -13.81 -7.14
N GLU A 1541 -40.20 -13.33 -6.61
CA GLU A 1541 -41.00 -12.36 -7.33
C GLU A 1541 -40.28 -11.04 -7.49
N GLY A 1542 -39.34 -10.72 -6.59
CA GLY A 1542 -38.51 -9.55 -6.78
C GLY A 1542 -37.68 -9.65 -8.06
N VAL A 1543 -37.23 -10.86 -8.40
CA VAL A 1543 -36.55 -11.06 -9.67
C VAL A 1543 -37.53 -10.84 -10.81
N TYR A 1544 -38.77 -11.30 -10.66
CA TYR A 1544 -39.77 -11.01 -11.68
C TYR A 1544 -40.22 -9.56 -11.59
N ARG A 1545 -39.86 -8.86 -10.52
CA ARG A 1545 -40.36 -7.50 -10.31
C ARG A 1545 -39.84 -6.55 -11.39
N GLU A 1546 -38.52 -6.50 -11.57
CA GLU A 1546 -37.90 -5.53 -12.47
C GLU A 1546 -37.14 -6.16 -13.61
N LEU A 1547 -36.95 -7.49 -13.60
CA LEU A 1547 -36.27 -8.13 -14.71
C LEU A 1547 -37.29 -8.79 -15.64
N GLY A 1548 -38.02 -9.78 -15.14
CA GLY A 1548 -38.94 -10.53 -15.95
C GLY A 1548 -38.51 -11.98 -16.10
N LEU A 1549 -38.02 -12.58 -15.02
CA LEU A 1549 -37.48 -13.93 -15.08
C LEU A 1549 -38.09 -14.81 -14.00
N ASP A 1550 -37.94 -16.12 -14.17
CA ASP A 1550 -38.35 -17.10 -13.19
C ASP A 1550 -37.13 -17.88 -12.74
N ILE A 1551 -36.98 -18.02 -11.42
CA ILE A 1551 -35.95 -18.87 -10.84
C ILE A 1551 -36.46 -20.28 -10.58
N GLY A 1552 -37.75 -20.53 -10.84
CA GLY A 1552 -38.26 -21.89 -10.82
C GLY A 1552 -37.89 -22.66 -12.07
N LEU A 1553 -37.24 -21.98 -13.01
CA LEU A 1553 -36.43 -22.69 -13.98
C LEU A 1553 -35.01 -22.75 -13.43
N PRO A 1554 -34.33 -23.90 -13.53
CA PRO A 1554 -33.00 -24.01 -12.90
C PRO A 1554 -31.88 -23.31 -13.66
N GLU A 1555 -32.07 -23.01 -14.95
CA GLU A 1555 -30.96 -22.43 -15.72
C GLU A 1555 -30.75 -20.97 -15.36
N VAL A 1556 -31.78 -20.30 -14.86
CA VAL A 1556 -31.72 -18.87 -14.64
C VAL A 1556 -30.96 -18.54 -13.36
N LEU A 1557 -31.12 -19.35 -12.32
CA LEU A 1557 -30.63 -18.96 -11.01
C LEU A 1557 -29.14 -19.25 -10.85
N LYS A 1558 -28.61 -20.16 -11.67
CA LYS A 1558 -27.17 -20.39 -11.66
C LYS A 1558 -26.43 -19.21 -12.27
N ARG A 1559 -27.12 -18.41 -13.09
CA ARG A 1559 -26.44 -17.41 -13.90
C ARG A 1559 -26.44 -16.03 -13.24
N ILE A 1560 -27.56 -15.63 -12.63
CA ILE A 1560 -27.68 -14.27 -12.08
C ILE A 1560 -27.42 -14.22 -10.57
N ALA A 1561 -26.67 -15.19 -10.04
CA ALA A 1561 -26.16 -15.03 -8.68
C ALA A 1561 -25.21 -13.86 -8.50
N PRO A 1562 -24.34 -13.50 -9.46
CA PRO A 1562 -23.61 -12.23 -9.31
C PRO A 1562 -24.49 -10.99 -9.29
N LEU A 1563 -25.66 -11.04 -9.95
CA LEU A 1563 -26.57 -9.90 -9.93
C LEU A 1563 -27.05 -9.60 -8.53
N LEU A 1564 -27.16 -10.64 -7.70
CA LEU A 1564 -27.71 -10.51 -6.36
C LEU A 1564 -26.65 -10.59 -5.28
N TYR A 1565 -25.41 -10.88 -5.66
CA TYR A 1565 -24.29 -10.50 -4.81
C TYR A 1565 -24.06 -9.00 -4.89
N LYS A 1566 -24.10 -8.45 -6.12
CA LYS A 1566 -23.57 -7.12 -6.41
C LYS A 1566 -24.29 -6.04 -5.61
N ALA A 1567 -25.60 -6.19 -5.47
CA ALA A 1567 -26.41 -5.29 -4.65
C ALA A 1567 -25.98 -5.31 -3.19
N SER A 1570 -21.52 0.28 -0.95
CA SER A 1570 -21.17 1.54 -0.31
C SER A 1570 -19.74 1.95 -0.55
N ARG A 1571 -19.48 2.56 -1.70
CA ARG A 1571 -18.16 3.10 -1.99
C ARG A 1571 -18.12 4.54 -1.47
N VAL A 1572 -17.31 4.78 -0.43
CA VAL A 1572 -17.19 6.12 0.13
C VAL A 1572 -16.65 7.06 -0.92
N VAL A 1573 -17.14 8.30 -0.91
CA VAL A 1573 -16.76 9.28 -1.93
C VAL A 1573 -16.34 10.56 -1.24
N ILE A 1574 -15.15 11.03 -1.57
CA ILE A 1574 -14.67 12.32 -1.09
C ILE A 1574 -15.29 13.36 -2.02
N VAL A 1575 -16.33 14.02 -1.54
CA VAL A 1575 -17.14 14.90 -2.37
C VAL A 1575 -17.27 16.23 -1.67
N GLU A 1576 -17.60 17.28 -2.42
CA GLU A 1576 -17.57 18.63 -1.89
C GLU A 1576 -18.61 18.82 -0.78
N GLY A 1577 -18.58 20.00 -0.18
CA GLY A 1577 -19.36 20.25 1.02
C GLY A 1577 -20.86 20.38 0.82
N ASN A 1578 -21.30 20.37 -0.43
CA ASN A 1578 -22.71 20.55 -0.76
C ASN A 1578 -23.19 19.32 -1.53
N VAL A 1579 -23.08 18.18 -0.87
CA VAL A 1579 -23.41 16.89 -1.47
C VAL A 1579 -24.13 16.08 -0.39
N GLU A 1580 -25.08 15.26 -0.80
CA GLU A 1580 -25.85 14.43 0.12
C GLU A 1580 -25.72 12.99 -0.32
N GLY A 1581 -25.71 12.07 0.65
CA GLY A 1581 -25.46 10.66 0.46
C GLY A 1581 -26.29 9.93 -0.58
N THR A 1582 -27.42 10.49 -1.03
CA THR A 1582 -28.19 9.86 -2.10
C THR A 1582 -27.41 9.90 -3.41
N ALA A 1583 -27.38 8.75 -4.09
CA ALA A 1583 -26.58 8.56 -5.30
C ALA A 1583 -26.86 9.57 -6.39
N GLU A 1584 -28.09 10.10 -6.46
CA GLU A 1584 -28.42 11.10 -7.47
C GLU A 1584 -27.85 12.48 -7.16
N SER A 1585 -27.31 12.70 -5.96
CA SER A 1585 -26.68 13.97 -5.67
C SER A 1585 -25.16 13.88 -5.74
N ILE A 1586 -24.65 12.65 -5.78
CA ILE A 1586 -23.24 12.41 -6.07
C ILE A 1586 -22.99 12.33 -7.58
N CYS A 1587 -23.93 11.73 -8.31
CA CYS A 1587 -23.82 11.68 -9.76
C CYS A 1587 -23.89 13.06 -10.37
N SER A 1588 -24.62 13.99 -9.76
CA SER A 1588 -24.62 15.35 -10.26
C SER A 1588 -23.31 16.05 -9.94
N TYR A 1589 -22.66 15.67 -8.85
CA TYR A 1589 -21.38 16.28 -8.51
C TYR A 1589 -20.32 15.87 -9.51
N TRP A 1590 -20.35 14.60 -9.93
CA TRP A 1590 -19.38 14.14 -10.92
C TRP A 1590 -19.57 14.85 -12.25
N LEU A 1591 -20.81 15.06 -12.68
CA LEU A 1591 -21.06 15.78 -13.91
C LEU A 1591 -20.72 17.26 -13.78
N ARG A 1592 -20.91 17.85 -12.61
CA ARG A 1592 -20.57 19.26 -12.47
C ARG A 1592 -19.09 19.49 -12.39
N SER A 1593 -18.30 18.47 -12.07
CA SER A 1593 -16.86 18.58 -11.98
C SER A 1593 -16.15 18.14 -13.25
N MET A 1594 -16.81 18.23 -14.40
CA MET A 1594 -16.12 17.91 -15.65
C MET A 1594 -15.30 19.08 -16.15
N SER A 1595 -15.58 20.29 -15.70
CA SER A 1595 -14.79 21.46 -16.06
C SER A 1595 -14.14 22.02 -14.81
N LEU A 1596 -12.83 22.16 -14.83
CA LEU A 1596 -12.10 22.50 -13.63
C LEU A 1596 -12.05 23.98 -13.38
N VAL A 1597 -12.42 24.80 -14.36
CA VAL A 1597 -12.34 26.23 -14.17
C VAL A 1597 -13.70 26.86 -14.46
N LYS A 1598 -14.53 26.22 -15.29
CA LYS A 1598 -15.80 26.84 -15.68
C LYS A 1598 -16.96 26.20 -14.94
N THR A 1599 -18.01 27.00 -14.74
CA THR A 1599 -19.18 26.56 -14.01
C THR A 1599 -20.05 25.66 -14.87
N ILE A 1600 -20.74 24.72 -14.22
CA ILE A 1600 -21.71 23.85 -14.87
C ILE A 1600 -22.98 23.85 -14.03
N LYS A 1601 -24.11 24.09 -14.67
CA LYS A 1601 -25.38 23.81 -14.02
C LYS A 1601 -25.95 22.59 -14.72
N VAL A 1602 -26.83 21.89 -14.02
CA VAL A 1602 -27.57 20.82 -14.65
C VAL A 1602 -29.07 20.97 -14.38
#